data_5O5I
# 
_entry.id   5O5I 
# 
_audit_conform.dict_name       mmcif_pdbx.dic 
_audit_conform.dict_version    5.398 
_audit_conform.dict_location   http://mmcif.pdb.org/dictionaries/ascii/mmcif_pdbx.dic 
# 
loop_
_database_2.database_id 
_database_2.database_code 
_database_2.pdbx_database_accession 
_database_2.pdbx_DOI 
PDB   5O5I         pdb_00005o5i 10.2210/pdb5o5i/pdb 
WWPDB D_1200005231 ?            ?                   
# 
loop_
_pdbx_audit_revision_history.ordinal 
_pdbx_audit_revision_history.data_content_type 
_pdbx_audit_revision_history.major_revision 
_pdbx_audit_revision_history.minor_revision 
_pdbx_audit_revision_history.revision_date 
1 'Structure model' 1 0 2018-01-17 
2 'Structure model' 1 1 2018-02-14 
3 'Structure model' 1 2 2018-05-02 
4 'Structure model' 1 3 2024-01-17 
5 'Structure model' 1 4 2024-11-13 
# 
_pdbx_audit_revision_details.ordinal             1 
_pdbx_audit_revision_details.revision_ordinal    1 
_pdbx_audit_revision_details.data_content_type   'Structure model' 
_pdbx_audit_revision_details.provider            repository 
_pdbx_audit_revision_details.type                'Initial release' 
_pdbx_audit_revision_details.description         ? 
_pdbx_audit_revision_details.details             ? 
# 
loop_
_pdbx_audit_revision_group.ordinal 
_pdbx_audit_revision_group.revision_ordinal 
_pdbx_audit_revision_group.data_content_type 
_pdbx_audit_revision_group.group 
1 2 'Structure model' 'Database references'    
2 3 'Structure model' 'Data collection'        
3 3 'Structure model' 'Database references'    
4 4 'Structure model' Advisory                 
5 4 'Structure model' 'Data collection'        
6 4 'Structure model' 'Database references'    
7 4 'Structure model' 'Refinement description' 
8 5 'Structure model' 'Structure summary'      
# 
loop_
_pdbx_audit_revision_category.ordinal 
_pdbx_audit_revision_category.revision_ordinal 
_pdbx_audit_revision_category.data_content_type 
_pdbx_audit_revision_category.category 
1  2 'Structure model' citation                      
2  3 'Structure model' pdbx_related_exp_data_set     
3  3 'Structure model' reflns                        
4  3 'Structure model' reflns_shell                  
5  4 'Structure model' chem_comp_atom                
6  4 'Structure model' chem_comp_bond                
7  4 'Structure model' database_2                    
8  4 'Structure model' pdbx_initial_refinement_model 
9  4 'Structure model' pdbx_unobs_or_zero_occ_atoms  
10 5 'Structure model' pdbx_entry_details            
11 5 'Structure model' pdbx_modification_feature     
# 
loop_
_pdbx_audit_revision_item.ordinal 
_pdbx_audit_revision_item.revision_ordinal 
_pdbx_audit_revision_item.data_content_type 
_pdbx_audit_revision_item.item 
1  2 'Structure model' '_citation.journal_volume'            
2  2 'Structure model' '_citation.page_first'                
3  2 'Structure model' '_citation.page_last'                 
4  2 'Structure model' '_citation.year'                      
5  3 'Structure model' '_reflns.pdbx_Rpim_I_all'             
6  3 'Structure model' '_reflns.pdbx_Rrim_I_all'             
7  3 'Structure model' '_reflns_shell.pdbx_Rpim_I_all'       
8  3 'Structure model' '_reflns_shell.pdbx_Rrim_I_all'       
9  4 'Structure model' '_database_2.pdbx_DOI'                
10 4 'Structure model' '_database_2.pdbx_database_accession' 
# 
_pdbx_database_status.status_code                     REL 
_pdbx_database_status.status_code_sf                  REL 
_pdbx_database_status.status_code_mr                  ? 
_pdbx_database_status.entry_id                        5O5I 
_pdbx_database_status.recvd_initial_deposition_date   2017-06-01 
_pdbx_database_status.SG_entry                        N 
_pdbx_database_status.deposit_site                    PDBE 
_pdbx_database_status.process_site                    PDBE 
_pdbx_database_status.status_code_cs                  ? 
_pdbx_database_status.methods_development_category    ? 
_pdbx_database_status.pdb_format_compatible           Y 
_pdbx_database_status.status_code_nmr_data            ? 
# 
loop_
_audit_author.name 
_audit_author.pdbx_ordinal 
_audit_author.identifier_ORCID 
'Aleksandrova, N.' 1 ? 
'Gutsche, I.'      2 ? 
'Kandiah, E.'      3 ? 
'Avilov, S.V.'     4 ? 
'Petoukhov, M.V.'  5 ? 
'Seiradake, E.'    6 ? 
'McCarthy, A.A.'   7 ? 
# 
_citation.abstract                  ? 
_citation.abstract_id_CAS           ? 
_citation.book_id_ISBN              ? 
_citation.book_publisher            ? 
_citation.book_publisher_city       ? 
_citation.book_title                ? 
_citation.coordinate_linkage        ? 
_citation.country                   UK 
_citation.database_id_Medline       ? 
_citation.details                   ? 
_citation.id                        primary 
_citation.journal_abbrev            Structure 
_citation.journal_id_ASTM           STRUE6 
_citation.journal_id_CSD            2005 
_citation.journal_id_ISSN           1878-4186 
_citation.journal_full              ? 
_citation.journal_issue             ? 
_citation.journal_volume            26 
_citation.language                  ? 
_citation.page_first                320 
_citation.page_last                 328.e4 
_citation.title                     'Robo1 Forms a Compact Dimer-of-Dimers Assembly.' 
_citation.year                      2018 
_citation.database_id_CSD           ? 
_citation.pdbx_database_id_DOI      10.1016/j.str.2017.12.003 
_citation.pdbx_database_id_PubMed   29307485 
_citation.unpublished_flag          ? 
# 
loop_
_citation_author.citation_id 
_citation_author.name 
_citation_author.ordinal 
_citation_author.identifier_ORCID 
primary 'Aleksandrova, N.' 1 ? 
primary 'Gutsche, I.'      2 ? 
primary 'Kandiah, E.'      3 ? 
primary 'Avilov, S.V.'     4 ? 
primary 'Petoukhov, M.V.'  5 ? 
primary 'Seiradake, E.'    6 ? 
primary 'McCarthy, A.A.'   7 ? 
# 
loop_
_entity.id 
_entity.type 
_entity.src_method 
_entity.pdbx_description 
_entity.formula_weight 
_entity.pdbx_number_of_molecules 
_entity.pdbx_ec 
_entity.pdbx_mutation 
_entity.pdbx_fragment 
_entity.details 
1 polymer man 'Roundabout homolog 1' 9813.104 1 ? ? ? ? 
2 water   nat water                  18.015   8 ? ? ? ? 
# 
_entity_name_com.entity_id   1 
_entity_name_com.name        'Deleted in U twenty twenty,H-Robo-1' 
# 
_entity_poly.entity_id                      1 
_entity_poly.type                           'polypeptide(L)' 
_entity_poly.nstd_linkage                   no 
_entity_poly.nstd_monomer                   no 
_entity_poly.pdbx_seq_one_letter_code       
;PPVIRQGPVNQTVAVDGTFVLSCVATGSPVPTILWRKDGVLVSTQDSRIKQLENGVLQIRYAKLGDTGRYTCIASTPSGE
ATWSAYIEVQAG
;
_entity_poly.pdbx_seq_one_letter_code_can   
;PPVIRQGPVNQTVAVDGTFVLSCVATGSPVPTILWRKDGVLVSTQDSRIKQLENGVLQIRYAKLGDTGRYTCIASTPSGE
ATWSAYIEVQAG
;
_entity_poly.pdbx_strand_id                 A 
_entity_poly.pdbx_target_identifier         ? 
# 
_pdbx_entity_nonpoly.entity_id   2 
_pdbx_entity_nonpoly.name        water 
_pdbx_entity_nonpoly.comp_id     HOH 
# 
loop_
_entity_poly_seq.entity_id 
_entity_poly_seq.num 
_entity_poly_seq.mon_id 
_entity_poly_seq.hetero 
1 1  PRO n 
1 2  PRO n 
1 3  VAL n 
1 4  ILE n 
1 5  ARG n 
1 6  GLN n 
1 7  GLY n 
1 8  PRO n 
1 9  VAL n 
1 10 ASN n 
1 11 GLN n 
1 12 THR n 
1 13 VAL n 
1 14 ALA n 
1 15 VAL n 
1 16 ASP n 
1 17 GLY n 
1 18 THR n 
1 19 PHE n 
1 20 VAL n 
1 21 LEU n 
1 22 SER n 
1 23 CYS n 
1 24 VAL n 
1 25 ALA n 
1 26 THR n 
1 27 GLY n 
1 28 SER n 
1 29 PRO n 
1 30 VAL n 
1 31 PRO n 
1 32 THR n 
1 33 ILE n 
1 34 LEU n 
1 35 TRP n 
1 36 ARG n 
1 37 LYS n 
1 38 ASP n 
1 39 GLY n 
1 40 VAL n 
1 41 LEU n 
1 42 VAL n 
1 43 SER n 
1 44 THR n 
1 45 GLN n 
1 46 ASP n 
1 47 SER n 
1 48 ARG n 
1 49 ILE n 
1 50 LYS n 
1 51 GLN n 
1 52 LEU n 
1 53 GLU n 
1 54 ASN n 
1 55 GLY n 
1 56 VAL n 
1 57 LEU n 
1 58 GLN n 
1 59 ILE n 
1 60 ARG n 
1 61 TYR n 
1 62 ALA n 
1 63 LYS n 
1 64 LEU n 
1 65 GLY n 
1 66 ASP n 
1 67 THR n 
1 68 GLY n 
1 69 ARG n 
1 70 TYR n 
1 71 THR n 
1 72 CYS n 
1 73 ILE n 
1 74 ALA n 
1 75 SER n 
1 76 THR n 
1 77 PRO n 
1 78 SER n 
1 79 GLY n 
1 80 GLU n 
1 81 ALA n 
1 82 THR n 
1 83 TRP n 
1 84 SER n 
1 85 ALA n 
1 86 TYR n 
1 87 ILE n 
1 88 GLU n 
1 89 VAL n 
1 90 GLN n 
1 91 ALA n 
1 92 GLY n 
# 
_entity_src_gen.entity_id                          1 
_entity_src_gen.pdbx_src_id                        1 
_entity_src_gen.pdbx_alt_source_flag               sample 
_entity_src_gen.pdbx_seq_type                      'Biological sequence' 
_entity_src_gen.pdbx_beg_seq_num                   1 
_entity_src_gen.pdbx_end_seq_num                   92 
_entity_src_gen.gene_src_common_name               Human 
_entity_src_gen.gene_src_genus                     ? 
_entity_src_gen.pdbx_gene_src_gene                 'ROBO1, DUTT1' 
_entity_src_gen.gene_src_species                   ? 
_entity_src_gen.gene_src_strain                    ? 
_entity_src_gen.gene_src_tissue                    ? 
_entity_src_gen.gene_src_tissue_fraction           ? 
_entity_src_gen.gene_src_details                   ? 
_entity_src_gen.pdbx_gene_src_fragment             ? 
_entity_src_gen.pdbx_gene_src_scientific_name      'Homo sapiens' 
_entity_src_gen.pdbx_gene_src_ncbi_taxonomy_id     9606 
_entity_src_gen.pdbx_gene_src_variant              ? 
_entity_src_gen.pdbx_gene_src_cell_line            ? 
_entity_src_gen.pdbx_gene_src_atcc                 ? 
_entity_src_gen.pdbx_gene_src_organ                ? 
_entity_src_gen.pdbx_gene_src_organelle            ? 
_entity_src_gen.pdbx_gene_src_cell                 ? 
_entity_src_gen.pdbx_gene_src_cellular_location    ? 
_entity_src_gen.host_org_common_name               Human 
_entity_src_gen.pdbx_host_org_scientific_name      'Homo sapiens' 
_entity_src_gen.pdbx_host_org_ncbi_taxonomy_id     9606 
_entity_src_gen.host_org_genus                     ? 
_entity_src_gen.pdbx_host_org_gene                 ? 
_entity_src_gen.pdbx_host_org_organ                ? 
_entity_src_gen.host_org_species                   ? 
_entity_src_gen.pdbx_host_org_tissue               ? 
_entity_src_gen.pdbx_host_org_tissue_fraction      ? 
_entity_src_gen.pdbx_host_org_strain               ? 
_entity_src_gen.pdbx_host_org_variant              ? 
_entity_src_gen.pdbx_host_org_cell_line            HEK293T 
_entity_src_gen.pdbx_host_org_atcc                 ? 
_entity_src_gen.pdbx_host_org_culture_collection   ? 
_entity_src_gen.pdbx_host_org_cell                 ? 
_entity_src_gen.pdbx_host_org_organelle            ? 
_entity_src_gen.pdbx_host_org_cellular_location    ? 
_entity_src_gen.pdbx_host_org_vector_type          ? 
_entity_src_gen.pdbx_host_org_vector               ? 
_entity_src_gen.host_org_details                   ? 
_entity_src_gen.expression_system_id               ? 
_entity_src_gen.plasmid_name                       pTT3 
_entity_src_gen.plasmid_details                    ? 
_entity_src_gen.pdbx_description                   ? 
# 
loop_
_chem_comp.id 
_chem_comp.type 
_chem_comp.mon_nstd_flag 
_chem_comp.name 
_chem_comp.pdbx_synonyms 
_chem_comp.formula 
_chem_comp.formula_weight 
ALA 'L-peptide linking' y ALANINE         ? 'C3 H7 N O2'     89.093  
ARG 'L-peptide linking' y ARGININE        ? 'C6 H15 N4 O2 1' 175.209 
ASN 'L-peptide linking' y ASPARAGINE      ? 'C4 H8 N2 O3'    132.118 
ASP 'L-peptide linking' y 'ASPARTIC ACID' ? 'C4 H7 N O4'     133.103 
CYS 'L-peptide linking' y CYSTEINE        ? 'C3 H7 N O2 S'   121.158 
GLN 'L-peptide linking' y GLUTAMINE       ? 'C5 H10 N2 O3'   146.144 
GLU 'L-peptide linking' y 'GLUTAMIC ACID' ? 'C5 H9 N O4'     147.129 
GLY 'peptide linking'   y GLYCINE         ? 'C2 H5 N O2'     75.067  
HOH non-polymer         . WATER           ? 'H2 O'           18.015  
ILE 'L-peptide linking' y ISOLEUCINE      ? 'C6 H13 N O2'    131.173 
LEU 'L-peptide linking' y LEUCINE         ? 'C6 H13 N O2'    131.173 
LYS 'L-peptide linking' y LYSINE          ? 'C6 H15 N2 O2 1' 147.195 
PHE 'L-peptide linking' y PHENYLALANINE   ? 'C9 H11 N O2'    165.189 
PRO 'L-peptide linking' y PROLINE         ? 'C5 H9 N O2'     115.130 
SER 'L-peptide linking' y SERINE          ? 'C3 H7 N O3'     105.093 
THR 'L-peptide linking' y THREONINE       ? 'C4 H9 N O3'     119.119 
TRP 'L-peptide linking' y TRYPTOPHAN      ? 'C11 H12 N2 O2'  204.225 
TYR 'L-peptide linking' y TYROSINE        ? 'C9 H11 N O3'    181.189 
VAL 'L-peptide linking' y VALINE          ? 'C5 H11 N O2'    117.146 
# 
loop_
_pdbx_poly_seq_scheme.asym_id 
_pdbx_poly_seq_scheme.entity_id 
_pdbx_poly_seq_scheme.seq_id 
_pdbx_poly_seq_scheme.mon_id 
_pdbx_poly_seq_scheme.ndb_seq_num 
_pdbx_poly_seq_scheme.pdb_seq_num 
_pdbx_poly_seq_scheme.auth_seq_num 
_pdbx_poly_seq_scheme.pdb_mon_id 
_pdbx_poly_seq_scheme.auth_mon_id 
_pdbx_poly_seq_scheme.pdb_strand_id 
_pdbx_poly_seq_scheme.pdb_ins_code 
_pdbx_poly_seq_scheme.hetero 
A 1 1  PRO 1  454 454 PRO PRO A . n 
A 1 2  PRO 2  455 455 PRO PRO A . n 
A 1 3  VAL 3  456 456 VAL VAL A . n 
A 1 4  ILE 4  457 457 ILE ILE A . n 
A 1 5  ARG 5  458 458 ARG ARG A . n 
A 1 6  GLN 6  459 459 GLN GLN A . n 
A 1 7  GLY 7  460 460 GLY GLY A . n 
A 1 8  PRO 8  461 461 PRO PRO A . n 
A 1 9  VAL 9  462 462 VAL VAL A . n 
A 1 10 ASN 10 463 463 ASN ASN A . n 
A 1 11 GLN 11 464 464 GLN GLN A . n 
A 1 12 THR 12 465 465 THR THR A . n 
A 1 13 VAL 13 466 466 VAL VAL A . n 
A 1 14 ALA 14 467 467 ALA ALA A . n 
A 1 15 VAL 15 468 468 VAL VAL A . n 
A 1 16 ASP 16 469 469 ASP ASP A . n 
A 1 17 GLY 17 470 470 GLY GLY A . n 
A 1 18 THR 18 471 471 THR THR A . n 
A 1 19 PHE 19 472 472 PHE PHE A . n 
A 1 20 VAL 20 473 473 VAL VAL A . n 
A 1 21 LEU 21 474 474 LEU LEU A . n 
A 1 22 SER 22 475 475 SER SER A . n 
A 1 23 CYS 23 476 476 CYS CYS A . n 
A 1 24 VAL 24 477 477 VAL VAL A . n 
A 1 25 ALA 25 478 478 ALA ALA A . n 
A 1 26 THR 26 479 479 THR THR A . n 
A 1 27 GLY 27 480 480 GLY GLY A . n 
A 1 28 SER 28 481 481 SER SER A . n 
A 1 29 PRO 29 482 482 PRO PRO A . n 
A 1 30 VAL 30 483 483 VAL VAL A . n 
A 1 31 PRO 31 484 484 PRO PRO A . n 
A 1 32 THR 32 485 485 THR THR A . n 
A 1 33 ILE 33 486 486 ILE ILE A . n 
A 1 34 LEU 34 487 487 LEU LEU A . n 
A 1 35 TRP 35 488 488 TRP TRP A . n 
A 1 36 ARG 36 489 489 ARG ARG A . n 
A 1 37 LYS 37 490 490 LYS LYS A . n 
A 1 38 ASP 38 491 491 ASP ASP A . n 
A 1 39 GLY 39 492 492 GLY GLY A . n 
A 1 40 VAL 40 493 493 VAL VAL A . n 
A 1 41 LEU 41 494 494 LEU LEU A . n 
A 1 42 VAL 42 495 495 VAL VAL A . n 
A 1 43 SER 43 496 496 SER SER A . n 
A 1 44 THR 44 497 497 THR THR A . n 
A 1 45 GLN 45 498 498 GLN GLN A . n 
A 1 46 ASP 46 499 499 ASP ASP A . n 
A 1 47 SER 47 500 500 SER SER A . n 
A 1 48 ARG 48 501 501 ARG ARG A . n 
A 1 49 ILE 49 502 502 ILE ILE A . n 
A 1 50 LYS 50 503 503 LYS LYS A . n 
A 1 51 GLN 51 504 504 GLN GLN A . n 
A 1 52 LEU 52 505 505 LEU LEU A . n 
A 1 53 GLU 53 506 506 GLU GLU A . n 
A 1 54 ASN 54 507 507 ASN ASN A . n 
A 1 55 GLY 55 508 508 GLY GLY A . n 
A 1 56 VAL 56 509 509 VAL VAL A . n 
A 1 57 LEU 57 510 510 LEU LEU A . n 
A 1 58 GLN 58 511 511 GLN GLN A . n 
A 1 59 ILE 59 512 512 ILE ILE A . n 
A 1 60 ARG 60 513 513 ARG ARG A . n 
A 1 61 TYR 61 514 514 TYR TYR A . n 
A 1 62 ALA 62 515 515 ALA ALA A . n 
A 1 63 LYS 63 516 516 LYS LYS A . n 
A 1 64 LEU 64 517 517 LEU LEU A . n 
A 1 65 GLY 65 518 518 GLY GLY A . n 
A 1 66 ASP 66 519 519 ASP ASP A . n 
A 1 67 THR 67 520 520 THR THR A . n 
A 1 68 GLY 68 521 521 GLY GLY A . n 
A 1 69 ARG 69 522 522 ARG ARG A . n 
A 1 70 TYR 70 523 523 TYR TYR A . n 
A 1 71 THR 71 524 524 THR THR A . n 
A 1 72 CYS 72 525 525 CYS CYS A . n 
A 1 73 ILE 73 526 526 ILE ILE A . n 
A 1 74 ALA 74 527 527 ALA ALA A . n 
A 1 75 SER 75 528 528 SER SER A . n 
A 1 76 THR 76 529 529 THR THR A . n 
A 1 77 PRO 77 530 530 PRO PRO A . n 
A 1 78 SER 78 531 531 SER SER A . n 
A 1 79 GLY 79 532 532 GLY GLY A . n 
A 1 80 GLU 80 533 533 GLU GLU A . n 
A 1 81 ALA 81 534 534 ALA ALA A . n 
A 1 82 THR 82 535 535 THR THR A . n 
A 1 83 TRP 83 536 536 TRP TRP A . n 
A 1 84 SER 84 537 537 SER SER A . n 
A 1 85 ALA 85 538 538 ALA ALA A . n 
A 1 86 TYR 86 539 539 TYR TYR A . n 
A 1 87 ILE 87 540 540 ILE ILE A . n 
A 1 88 GLU 88 541 541 GLU GLU A . n 
A 1 89 VAL 89 542 542 VAL VAL A . n 
A 1 90 GLN 90 543 543 GLN GLN A . n 
A 1 91 ALA 91 544 544 ALA ALA A . n 
A 1 92 GLY 92 545 545 GLY GLY A . n 
# 
loop_
_pdbx_nonpoly_scheme.asym_id 
_pdbx_nonpoly_scheme.entity_id 
_pdbx_nonpoly_scheme.mon_id 
_pdbx_nonpoly_scheme.ndb_seq_num 
_pdbx_nonpoly_scheme.pdb_seq_num 
_pdbx_nonpoly_scheme.auth_seq_num 
_pdbx_nonpoly_scheme.pdb_mon_id 
_pdbx_nonpoly_scheme.auth_mon_id 
_pdbx_nonpoly_scheme.pdb_strand_id 
_pdbx_nonpoly_scheme.pdb_ins_code 
B 2 HOH 1 601 8 HOH HOH A . 
B 2 HOH 2 602 6 HOH HOH A . 
B 2 HOH 3 603 1 HOH HOH A . 
B 2 HOH 4 604 4 HOH HOH A . 
B 2 HOH 5 605 5 HOH HOH A . 
B 2 HOH 6 606 3 HOH HOH A . 
B 2 HOH 7 607 2 HOH HOH A . 
B 2 HOH 8 608 7 HOH HOH A . 
# 
loop_
_pdbx_unobs_or_zero_occ_atoms.id 
_pdbx_unobs_or_zero_occ_atoms.PDB_model_num 
_pdbx_unobs_or_zero_occ_atoms.polymer_flag 
_pdbx_unobs_or_zero_occ_atoms.occupancy_flag 
_pdbx_unobs_or_zero_occ_atoms.auth_asym_id 
_pdbx_unobs_or_zero_occ_atoms.auth_comp_id 
_pdbx_unobs_or_zero_occ_atoms.auth_seq_id 
_pdbx_unobs_or_zero_occ_atoms.PDB_ins_code 
_pdbx_unobs_or_zero_occ_atoms.auth_atom_id 
_pdbx_unobs_or_zero_occ_atoms.label_alt_id 
_pdbx_unobs_or_zero_occ_atoms.label_asym_id 
_pdbx_unobs_or_zero_occ_atoms.label_comp_id 
_pdbx_unobs_or_zero_occ_atoms.label_seq_id 
_pdbx_unobs_or_zero_occ_atoms.label_atom_id 
1  1 Y 0 A GLN 459 ? CB  ? A GLN 6  CB  
2  1 Y 0 A GLN 459 ? CG  ? A GLN 6  CG  
3  1 Y 0 A GLN 459 ? CD  ? A GLN 6  CD  
4  1 Y 0 A GLN 459 ? OE1 ? A GLN 6  OE1 
5  1 Y 0 A GLN 459 ? NE2 ? A GLN 6  NE2 
6  1 Y 0 A LYS 503 ? CD  ? A LYS 50 CD  
7  1 Y 0 A LYS 503 ? CE  ? A LYS 50 CE  
8  1 Y 0 A LYS 503 ? NZ  ? A LYS 50 NZ  
9  1 Y 0 A LYS 516 ? CD  ? A LYS 63 CD  
10 1 Y 0 A LYS 516 ? CE  ? A LYS 63 CE  
11 1 Y 0 A LYS 516 ? NZ  ? A LYS 63 NZ  
12 1 Y 0 A GLN 543 ? CB  ? A GLN 90 CB  
13 1 Y 0 A GLN 543 ? CG  ? A GLN 90 CG  
14 1 Y 0 A GLN 543 ? CD  ? A GLN 90 CD  
15 1 Y 0 A GLN 543 ? OE1 ? A GLN 90 OE1 
16 1 Y 0 A GLN 543 ? NE2 ? A GLN 90 NE2 
# 
loop_
_software.citation_id 
_software.classification 
_software.compiler_name 
_software.compiler_version 
_software.contact_author 
_software.contact_author_email 
_software.date 
_software.description 
_software.dependencies 
_software.hardware 
_software.language 
_software.location 
_software.mods 
_software.name 
_software.os 
_software.os_version 
_software.type 
_software.version 
_software.pdbx_ordinal 
? refinement       ? ? ? ? ? ? ? ? ? ? ? BUSTER ? ? ? 2.10.3            1 
? 'data reduction' ? ? ? ? ? ? ? ? ? ? ? XDS    ? ? ? '2 November 2014' 2 
? 'data scaling'   ? ? ? ? ? ? ? ? ? ? ? XSCALE ? ? ? '2 November 2014' 3 
? phasing          ? ? ? ? ? ? ? ? ? ? ? PHASER ? ? ? .                 4 
# 
_cell.angle_alpha                  90.00 
_cell.angle_alpha_esd              ? 
_cell.angle_beta                   90.00 
_cell.angle_beta_esd               ? 
_cell.angle_gamma                  120.00 
_cell.angle_gamma_esd              ? 
_cell.entry_id                     5O5I 
_cell.details                      ? 
_cell.formula_units_Z              ? 
_cell.length_a                     80.820 
_cell.length_a_esd                 ? 
_cell.length_b                     80.820 
_cell.length_b_esd                 ? 
_cell.length_c                     26.830 
_cell.length_c_esd                 ? 
_cell.volume                       ? 
_cell.volume_esd                   ? 
_cell.Z_PDB                        6 
_cell.reciprocal_angle_alpha       ? 
_cell.reciprocal_angle_beta        ? 
_cell.reciprocal_angle_gamma       ? 
_cell.reciprocal_angle_alpha_esd   ? 
_cell.reciprocal_angle_beta_esd    ? 
_cell.reciprocal_angle_gamma_esd   ? 
_cell.reciprocal_length_a          ? 
_cell.reciprocal_length_b          ? 
_cell.reciprocal_length_c          ? 
_cell.reciprocal_length_a_esd      ? 
_cell.reciprocal_length_b_esd      ? 
_cell.reciprocal_length_c_esd      ? 
_cell.pdbx_unique_axis             ? 
# 
_symmetry.entry_id                         5O5I 
_symmetry.cell_setting                     ? 
_symmetry.Int_Tables_number                169 
_symmetry.space_group_name_Hall            ? 
_symmetry.space_group_name_H-M             'P 61' 
_symmetry.pdbx_full_space_group_name_H-M   ? 
# 
_exptl.absorpt_coefficient_mu     ? 
_exptl.absorpt_correction_T_max   ? 
_exptl.absorpt_correction_T_min   ? 
_exptl.absorpt_correction_type    ? 
_exptl.absorpt_process_details    ? 
_exptl.entry_id                   5O5I 
_exptl.crystals_number            1 
_exptl.details                    ? 
_exptl.method                     'X-RAY DIFFRACTION' 
_exptl.method_details             ? 
# 
_exptl_crystal.colour                      ? 
_exptl_crystal.density_diffrn              ? 
_exptl_crystal.density_Matthews            2.65 
_exptl_crystal.density_method              ? 
_exptl_crystal.density_percent_sol         53.6 
_exptl_crystal.description                 ? 
_exptl_crystal.F_000                       ? 
_exptl_crystal.id                          1 
_exptl_crystal.preparation                 ? 
_exptl_crystal.size_max                    ? 
_exptl_crystal.size_mid                    ? 
_exptl_crystal.size_min                    ? 
_exptl_crystal.size_rad                    ? 
_exptl_crystal.colour_lustre               ? 
_exptl_crystal.colour_modifier             ? 
_exptl_crystal.colour_primary              ? 
_exptl_crystal.density_meas                ? 
_exptl_crystal.density_meas_esd            ? 
_exptl_crystal.density_meas_gt             ? 
_exptl_crystal.density_meas_lt             ? 
_exptl_crystal.density_meas_temp           ? 
_exptl_crystal.density_meas_temp_esd       ? 
_exptl_crystal.density_meas_temp_gt        ? 
_exptl_crystal.density_meas_temp_lt        ? 
_exptl_crystal.pdbx_crystal_image_url      ? 
_exptl_crystal.pdbx_crystal_image_format   ? 
_exptl_crystal.pdbx_mosaicity              ? 
_exptl_crystal.pdbx_mosaicity_esd          ? 
# 
_exptl_crystal_grow.apparatus       ? 
_exptl_crystal_grow.atmosphere      ? 
_exptl_crystal_grow.crystal_id      1 
_exptl_crystal_grow.details         ? 
_exptl_crystal_grow.method          'VAPOR DIFFUSION, HANGING DROP' 
_exptl_crystal_grow.method_ref      ? 
_exptl_crystal_grow.pH              4.5 
_exptl_crystal_grow.pressure        ? 
_exptl_crystal_grow.pressure_esd    ? 
_exptl_crystal_grow.seeding         ? 
_exptl_crystal_grow.seeding_ref     ? 
_exptl_crystal_grow.temp            293 
_exptl_crystal_grow.temp_details    ? 
_exptl_crystal_grow.temp_esd        ? 
_exptl_crystal_grow.time            ? 
_exptl_crystal_grow.pdbx_details    
;25% PEG 3350,
100 mM Sodium acetate,
;
_exptl_crystal_grow.pdbx_pH_range   ? 
# 
_diffrn.ambient_environment    ? 
_diffrn.ambient_temp           100 
_diffrn.ambient_temp_details   ? 
_diffrn.ambient_temp_esd       ? 
_diffrn.crystal_id             1 
_diffrn.crystal_support        ? 
_diffrn.crystal_treatment      ? 
_diffrn.details                ? 
_diffrn.id                     1 
_diffrn.ambient_pressure       ? 
_diffrn.ambient_pressure_esd   ? 
_diffrn.ambient_pressure_gt    ? 
_diffrn.ambient_pressure_lt    ? 
_diffrn.ambient_temp_gt        ? 
_diffrn.ambient_temp_lt        ? 
# 
_diffrn_detector.details                      'Toroidal mirror' 
_diffrn_detector.detector                     CCD 
_diffrn_detector.diffrn_id                    1 
_diffrn_detector.type                         'ADSC QUANTUM 315r' 
_diffrn_detector.area_resol_mean              ? 
_diffrn_detector.dtime                        ? 
_diffrn_detector.pdbx_frames_total            ? 
_diffrn_detector.pdbx_collection_time_total   ? 
_diffrn_detector.pdbx_collection_date         2011-09-09 
# 
_diffrn_radiation.collimation                      ? 
_diffrn_radiation.diffrn_id                        1 
_diffrn_radiation.filter_edge                      ? 
_diffrn_radiation.inhomogeneity                    ? 
_diffrn_radiation.monochromator                    'Si(111)' 
_diffrn_radiation.polarisn_norm                    ? 
_diffrn_radiation.polarisn_ratio                   ? 
_diffrn_radiation.probe                            ? 
_diffrn_radiation.type                             ? 
_diffrn_radiation.xray_symbol                      ? 
_diffrn_radiation.wavelength_id                    1 
_diffrn_radiation.pdbx_monochromatic_or_laue_m_l   M 
_diffrn_radiation.pdbx_wavelength_list             ? 
_diffrn_radiation.pdbx_wavelength                  ? 
_diffrn_radiation.pdbx_diffrn_protocol             'SINGLE WAVELENGTH' 
_diffrn_radiation.pdbx_analyzer                    ? 
_diffrn_radiation.pdbx_scattering_type             x-ray 
# 
_diffrn_radiation_wavelength.id           1 
_diffrn_radiation_wavelength.wavelength   0.9393 
_diffrn_radiation_wavelength.wt           1.0 
# 
_diffrn_source.current                     ? 
_diffrn_source.details                     ? 
_diffrn_source.diffrn_id                   1 
_diffrn_source.power                       ? 
_diffrn_source.size                        ? 
_diffrn_source.source                      SYNCHROTRON 
_diffrn_source.target                      ? 
_diffrn_source.type                        'ESRF BEAMLINE ID14-4' 
_diffrn_source.voltage                     ? 
_diffrn_source.take-off_angle              ? 
_diffrn_source.pdbx_wavelength_list        0.9393 
_diffrn_source.pdbx_wavelength             ? 
_diffrn_source.pdbx_synchrotron_beamline   ID14-4 
_diffrn_source.pdbx_synchrotron_site       ESRF 
# 
_reflns.B_iso_Wilson_estimate            74.92 
_reflns.entry_id                         5O5I 
_reflns.data_reduction_details           ? 
_reflns.data_reduction_method            ? 
_reflns.d_resolution_high                3.0 
_reflns.d_resolution_low                 50.0 
_reflns.details                          ? 
_reflns.limit_h_max                      ? 
_reflns.limit_h_min                      ? 
_reflns.limit_k_max                      ? 
_reflns.limit_k_min                      ? 
_reflns.limit_l_max                      ? 
_reflns.limit_l_min                      ? 
_reflns.number_all                       ? 
_reflns.number_obs                       2082 
_reflns.observed_criterion               ? 
_reflns.observed_criterion_F_max         ? 
_reflns.observed_criterion_F_min         ? 
_reflns.observed_criterion_I_max         ? 
_reflns.observed_criterion_I_min         ? 
_reflns.observed_criterion_sigma_F       ? 
_reflns.observed_criterion_sigma_I       ? 
_reflns.percent_possible_obs             98.3 
_reflns.R_free_details                   ? 
_reflns.Rmerge_F_all                     ? 
_reflns.Rmerge_F_obs                     ? 
_reflns.Friedel_coverage                 ? 
_reflns.number_gt                        ? 
_reflns.threshold_expression             ? 
_reflns.pdbx_redundancy                  3.0 
_reflns.pdbx_Rmerge_I_obs                ? 
_reflns.pdbx_Rmerge_I_all                ? 
_reflns.pdbx_Rsym_value                  ? 
_reflns.pdbx_netI_over_av_sigmaI         ? 
_reflns.pdbx_netI_over_sigmaI            7.3 
_reflns.pdbx_res_netI_over_av_sigmaI_2   ? 
_reflns.pdbx_res_netI_over_sigmaI_2      ? 
_reflns.pdbx_chi_squared                 ? 
_reflns.pdbx_scaling_rejects             ? 
_reflns.pdbx_d_res_high_opt              ? 
_reflns.pdbx_d_res_low_opt               ? 
_reflns.pdbx_d_res_opt_method            ? 
_reflns.phase_calculation_details        ? 
_reflns.pdbx_Rrim_I_all                  ? 
_reflns.pdbx_Rpim_I_all                  0.148 
_reflns.pdbx_d_opt                       ? 
_reflns.pdbx_number_measured_all         ? 
_reflns.pdbx_diffrn_id                   1 
_reflns.pdbx_ordinal                     1 
_reflns.pdbx_CC_half                     0.98 
_reflns.pdbx_R_split                     ? 
# 
_reflns_shell.d_res_high                  3.0 
_reflns_shell.d_res_low                   3.2 
_reflns_shell.meanI_over_sigI_all         ? 
_reflns_shell.meanI_over_sigI_obs         1.5 
_reflns_shell.number_measured_all         ? 
_reflns_shell.number_measured_obs         ? 
_reflns_shell.number_possible             ? 
_reflns_shell.number_unique_all           ? 
_reflns_shell.number_unique_obs           1026 
_reflns_shell.percent_possible_all        94.1 
_reflns_shell.percent_possible_obs        ? 
_reflns_shell.Rmerge_F_all                ? 
_reflns_shell.Rmerge_F_obs                ? 
_reflns_shell.Rmerge_I_all                ? 
_reflns_shell.Rmerge_I_obs                ? 
_reflns_shell.meanI_over_sigI_gt          ? 
_reflns_shell.meanI_over_uI_all           ? 
_reflns_shell.meanI_over_uI_gt            ? 
_reflns_shell.number_measured_gt          ? 
_reflns_shell.number_unique_gt            ? 
_reflns_shell.percent_possible_gt         ? 
_reflns_shell.Rmerge_F_gt                 ? 
_reflns_shell.Rmerge_I_gt                 ? 
_reflns_shell.pdbx_redundancy             ? 
_reflns_shell.pdbx_Rsym_value             ? 
_reflns_shell.pdbx_chi_squared            ? 
_reflns_shell.pdbx_netI_over_sigmaI_all   ? 
_reflns_shell.pdbx_netI_over_sigmaI_obs   ? 
_reflns_shell.pdbx_Rrim_I_all             ? 
_reflns_shell.pdbx_Rpim_I_all             0.798 
_reflns_shell.pdbx_rejects                ? 
_reflns_shell.pdbx_ordinal                1 
_reflns_shell.pdbx_diffrn_id              1 
_reflns_shell.pdbx_CC_half                0.64 
_reflns_shell.pdbx_R_split                ? 
# 
_refine.aniso_B[1][1]                            -2.12150 
_refine.aniso_B[1][2]                            0.00000 
_refine.aniso_B[1][3]                            0.00000 
_refine.aniso_B[2][2]                            -2.12150 
_refine.aniso_B[2][3]                            0.00000 
_refine.aniso_B[3][3]                            4.24310 
_refine.B_iso_max                                ? 
_refine.B_iso_mean                               68.15 
_refine.B_iso_min                                ? 
_refine.correlation_coeff_Fo_to_Fc               0.923 
_refine.correlation_coeff_Fo_to_Fc_free          0.859 
_refine.details                                  ? 
_refine.diff_density_max                         ? 
_refine.diff_density_max_esd                     ? 
_refine.diff_density_min                         ? 
_refine.diff_density_min_esd                     ? 
_refine.diff_density_rms                         ? 
_refine.diff_density_rms_esd                     ? 
_refine.entry_id                                 5O5I 
_refine.pdbx_refine_id                           'X-RAY DIFFRACTION' 
_refine.ls_abs_structure_details                 ? 
_refine.ls_abs_structure_Flack                   ? 
_refine.ls_abs_structure_Flack_esd               ? 
_refine.ls_abs_structure_Rogers                  ? 
_refine.ls_abs_structure_Rogers_esd              ? 
_refine.ls_d_res_high                            3.01 
_refine.ls_d_res_low                             40.41 
_refine.ls_extinction_coef                       ? 
_refine.ls_extinction_coef_esd                   ? 
_refine.ls_extinction_expression                 ? 
_refine.ls_extinction_method                     ? 
_refine.ls_goodness_of_fit_all                   ? 
_refine.ls_goodness_of_fit_all_esd               ? 
_refine.ls_goodness_of_fit_obs                   ? 
_refine.ls_goodness_of_fit_obs_esd               ? 
_refine.ls_hydrogen_treatment                    ? 
_refine.ls_matrix_type                           ? 
_refine.ls_number_constraints                    ? 
_refine.ls_number_parameters                     ? 
_refine.ls_number_reflns_all                     ? 
_refine.ls_number_reflns_obs                     2081 
_refine.ls_number_reflns_R_free                  100 
_refine.ls_number_reflns_R_work                  ? 
_refine.ls_number_restraints                     ? 
_refine.ls_percent_reflns_obs                    99.2 
_refine.ls_percent_reflns_R_free                 4.810 
_refine.ls_R_factor_all                          ? 
_refine.ls_R_factor_obs                          0.195 
_refine.ls_R_factor_R_free                       0.245 
_refine.ls_R_factor_R_free_error                 ? 
_refine.ls_R_factor_R_free_error_details         ? 
_refine.ls_R_factor_R_work                       0.193 
_refine.ls_R_Fsqd_factor_obs                     ? 
_refine.ls_R_I_factor_obs                        ? 
_refine.ls_redundancy_reflns_all                 ? 
_refine.ls_redundancy_reflns_obs                 ? 
_refine.ls_restrained_S_all                      ? 
_refine.ls_restrained_S_obs                      ? 
_refine.ls_shift_over_esd_max                    ? 
_refine.ls_shift_over_esd_mean                   ? 
_refine.ls_structure_factor_coef                 ? 
_refine.ls_weighting_details                     ? 
_refine.ls_weighting_scheme                      ? 
_refine.ls_wR_factor_all                         ? 
_refine.ls_wR_factor_obs                         ? 
_refine.ls_wR_factor_R_free                      ? 
_refine.ls_wR_factor_R_work                      ? 
_refine.occupancy_max                            ? 
_refine.occupancy_min                            ? 
_refine.solvent_model_details                    ? 
_refine.solvent_model_param_bsol                 ? 
_refine.solvent_model_param_ksol                 ? 
_refine.ls_R_factor_gt                           ? 
_refine.ls_goodness_of_fit_gt                    ? 
_refine.ls_goodness_of_fit_ref                   ? 
_refine.ls_shift_over_su_max                     ? 
_refine.ls_shift_over_su_max_lt                  ? 
_refine.ls_shift_over_su_mean                    ? 
_refine.ls_shift_over_su_mean_lt                 ? 
_refine.pdbx_ls_sigma_I                          ? 
_refine.pdbx_ls_sigma_F                          0.000 
_refine.pdbx_ls_sigma_Fsqd                       ? 
_refine.pdbx_data_cutoff_high_absF               ? 
_refine.pdbx_data_cutoff_high_rms_absF           ? 
_refine.pdbx_data_cutoff_low_absF                ? 
_refine.pdbx_isotropic_thermal_model             ? 
_refine.pdbx_ls_cross_valid_method               THROUGHOUT 
_refine.pdbx_method_to_determine_struct          'MOLECULAR REPLACEMENT' 
_refine.pdbx_starting_model                      2v9q 
_refine.pdbx_stereochemistry_target_values       ? 
_refine.pdbx_R_Free_selection_details            RANDOM 
_refine.pdbx_stereochem_target_val_spec_case     ? 
_refine.pdbx_overall_ESU_R                       ? 
_refine.pdbx_overall_ESU_R_Free                  ? 
_refine.pdbx_solvent_vdw_probe_radii             ? 
_refine.pdbx_solvent_ion_probe_radii             ? 
_refine.pdbx_solvent_shrinkage_radii             ? 
_refine.pdbx_real_space_R                        ? 
_refine.pdbx_density_correlation                 ? 
_refine.pdbx_pd_number_of_powder_patterns        ? 
_refine.pdbx_pd_number_of_points                 ? 
_refine.pdbx_pd_meas_number_of_points            ? 
_refine.pdbx_pd_proc_ls_prof_R_factor            ? 
_refine.pdbx_pd_proc_ls_prof_wR_factor           ? 
_refine.pdbx_pd_Marquardt_correlation_coeff      ? 
_refine.pdbx_pd_Fsqrd_R_factor                   ? 
_refine.pdbx_pd_ls_matrix_band_width             ? 
_refine.pdbx_overall_phase_error                 ? 
_refine.pdbx_overall_SU_R_free_Cruickshank_DPI   ? 
_refine.pdbx_overall_SU_R_free_Blow_DPI          0.427 
_refine.pdbx_overall_SU_R_Blow_DPI               ? 
_refine.pdbx_TLS_residual_ADP_flag               ? 
_refine.pdbx_diffrn_id                           1 
_refine.overall_SU_B                             ? 
_refine.overall_SU_ML                            ? 
_refine.overall_SU_R_Cruickshank_DPI             ? 
_refine.overall_SU_R_free                        ? 
_refine.overall_FOM_free_R_set                   ? 
_refine.overall_FOM_work_R_set                   ? 
_refine.pdbx_average_fsc_overall                 ? 
_refine.pdbx_average_fsc_work                    ? 
_refine.pdbx_average_fsc_free                    ? 
# 
_refine_analyze.entry_id                        5O5I 
_refine_analyze.pdbx_refine_id                  'X-RAY DIFFRACTION' 
_refine_analyze.Luzzati_coordinate_error_free   ? 
_refine_analyze.Luzzati_coordinate_error_obs    0.41 
_refine_analyze.Luzzati_d_res_low_free          ? 
_refine_analyze.Luzzati_d_res_low_obs           ? 
_refine_analyze.Luzzati_sigma_a_free            ? 
_refine_analyze.Luzzati_sigma_a_free_details    ? 
_refine_analyze.Luzzati_sigma_a_obs             ? 
_refine_analyze.Luzzati_sigma_a_obs_details     ? 
_refine_analyze.number_disordered_residues      ? 
_refine_analyze.occupancy_sum_hydrogen          ? 
_refine_analyze.occupancy_sum_non_hydrogen      ? 
_refine_analyze.RG_d_res_high                   ? 
_refine_analyze.RG_d_res_low                    ? 
_refine_analyze.RG_free                         ? 
_refine_analyze.RG_work                         ? 
_refine_analyze.RG_free_work_ratio              ? 
_refine_analyze.pdbx_Luzzati_d_res_high_obs     ? 
# 
_refine_hist.pdbx_refine_id                   'X-RAY DIFFRACTION' 
_refine_hist.cycle_id                         1 
_refine_hist.pdbx_number_atoms_protein        673 
_refine_hist.pdbx_number_atoms_nucleic_acid   0 
_refine_hist.pdbx_number_atoms_ligand         0 
_refine_hist.number_atoms_solvent             8 
_refine_hist.number_atoms_total               681 
_refine_hist.d_res_high                       3.01 
_refine_hist.d_res_low                        40.41 
# 
loop_
_refine_ls_restr.pdbx_refine_id 
_refine_ls_restr.criterion 
_refine_ls_restr.dev_ideal 
_refine_ls_restr.dev_ideal_target 
_refine_ls_restr.number 
_refine_ls_restr.rejects 
_refine_ls_restr.type 
_refine_ls_restr.weight 
_refine_ls_restr.pdbx_restraint_function 
'X-RAY DIFFRACTION' ? 0.008 ? 716 ? t_bond_d                  2.00  HARMONIC     
'X-RAY DIFFRACTION' ? 1.13  ? 982 ? t_angle_deg               2.00  HARMONIC     
'X-RAY DIFFRACTION' ? ?     ? 241 ? t_dihedral_angle_d        2.00  SINUSOIDAL   
'X-RAY DIFFRACTION' ? ?     ? ?   ? t_incorr_chiral_ct        ?     ?            
'X-RAY DIFFRACTION' ? ?     ? ?   ? t_pseud_angle             ?     ?            
'X-RAY DIFFRACTION' ? ?     ? 17  ? t_trig_c_planes           2.00  HARMONIC     
'X-RAY DIFFRACTION' ? ?     ? 106 ? t_gen_planes              5.00  HARMONIC     
'X-RAY DIFFRACTION' ? ?     ? 716 ? t_it                      20.00 HARMONIC     
'X-RAY DIFFRACTION' ? ?     ? ?   ? t_nbd                     ?     ?            
'X-RAY DIFFRACTION' ? 2.32  ? ?   ? t_omega_torsion           ?     ?            
'X-RAY DIFFRACTION' ? 18.70 ? ?   ? t_other_torsion           ?     ?            
'X-RAY DIFFRACTION' ? ?     ? ?   ? t_improper_torsion        ?     ?            
'X-RAY DIFFRACTION' ? ?     ? 100 ? t_chiral_improper_torsion 5.00  SEMIHARMONIC 
'X-RAY DIFFRACTION' ? ?     ? ?   ? t_sum_occupancies         ?     ?            
'X-RAY DIFFRACTION' ? ?     ? ?   ? t_utility_distance        ?     ?            
'X-RAY DIFFRACTION' ? ?     ? ?   ? t_utility_angle           ?     ?            
'X-RAY DIFFRACTION' ? ?     ? ?   ? t_utility_torsion         ?     ?            
'X-RAY DIFFRACTION' ? ?     ? 785 ? t_ideal_dist_contact      4.00  SEMIHARMONIC 
# 
_refine_ls_shell.pdbx_refine_id                   'X-RAY DIFFRACTION' 
_refine_ls_shell.d_res_high                       3.01 
_refine_ls_shell.d_res_low                        3.37 
_refine_ls_shell.number_reflns_all                586 
_refine_ls_shell.number_reflns_obs                ? 
_refine_ls_shell.number_reflns_R_free             ? 
_refine_ls_shell.number_reflns_R_work             554 
_refine_ls_shell.percent_reflns_obs               99.66 
_refine_ls_shell.percent_reflns_R_free            5.46 
_refine_ls_shell.R_factor_all                     0.2378 
_refine_ls_shell.R_factor_obs                     ? 
_refine_ls_shell.R_factor_R_free                  0.3198 
_refine_ls_shell.R_factor_R_free_error            ? 
_refine_ls_shell.R_factor_R_work                  0.2326 
_refine_ls_shell.redundancy_reflns_all            ? 
_refine_ls_shell.redundancy_reflns_obs            ? 
_refine_ls_shell.wR_factor_all                    ? 
_refine_ls_shell.wR_factor_obs                    ? 
_refine_ls_shell.wR_factor_R_free                 ? 
_refine_ls_shell.wR_factor_R_work                 ? 
_refine_ls_shell.pdbx_total_number_of_bins_used   5 
_refine_ls_shell.pdbx_phase_error                 ? 
_refine_ls_shell.pdbx_fsc_work                    ? 
_refine_ls_shell.pdbx_fsc_free                    ? 
# 
_struct.entry_id                     5O5I 
_struct.title                        'Robo1 Ig5' 
_struct.pdbx_model_details           ? 
_struct.pdbx_formula_weight          ? 
_struct.pdbx_formula_weight_method   ? 
_struct.pdbx_model_type_details      ? 
_struct.pdbx_CASP_flag               N 
# 
_struct_keywords.entry_id        5O5I 
_struct_keywords.text            'Neuronal receptor, signaling protein' 
_struct_keywords.pdbx_keywords   'SIGNALING PROTEIN' 
# 
loop_
_struct_asym.id 
_struct_asym.pdbx_blank_PDB_chainid_flag 
_struct_asym.pdbx_modified 
_struct_asym.entity_id 
_struct_asym.details 
A N N 1 ? 
B N N 2 ? 
# 
_struct_ref.id                         1 
_struct_ref.db_name                    UNP 
_struct_ref.db_code                    ROBO1_HUMAN 
_struct_ref.pdbx_db_accession          Q9Y6N7 
_struct_ref.pdbx_db_isoform            ? 
_struct_ref.entity_id                  1 
_struct_ref.pdbx_seq_one_letter_code   
;PPVIRQGPVNQTVAVDGTFVLSCVATGSPVPTILWRKDGVLVSTQDSRIKQLENGVLQIRYAKLGDTGRYTCIASTPSGE
ATWSAYIEVQ
;
_struct_ref.pdbx_align_begin           454 
# 
_struct_ref_seq.align_id                      1 
_struct_ref_seq.ref_id                        1 
_struct_ref_seq.pdbx_PDB_id_code              5O5I 
_struct_ref_seq.pdbx_strand_id                A 
_struct_ref_seq.seq_align_beg                 1 
_struct_ref_seq.pdbx_seq_align_beg_ins_code   ? 
_struct_ref_seq.seq_align_end                 90 
_struct_ref_seq.pdbx_seq_align_end_ins_code   ? 
_struct_ref_seq.pdbx_db_accession             Q9Y6N7 
_struct_ref_seq.db_align_beg                  454 
_struct_ref_seq.pdbx_db_align_beg_ins_code    ? 
_struct_ref_seq.db_align_end                  543 
_struct_ref_seq.pdbx_db_align_end_ins_code    ? 
_struct_ref_seq.pdbx_auth_seq_align_beg       454 
_struct_ref_seq.pdbx_auth_seq_align_end       543 
# 
loop_
_struct_ref_seq_dif.align_id 
_struct_ref_seq_dif.pdbx_pdb_id_code 
_struct_ref_seq_dif.mon_id 
_struct_ref_seq_dif.pdbx_pdb_strand_id 
_struct_ref_seq_dif.seq_num 
_struct_ref_seq_dif.pdbx_pdb_ins_code 
_struct_ref_seq_dif.pdbx_seq_db_name 
_struct_ref_seq_dif.pdbx_seq_db_accession_code 
_struct_ref_seq_dif.db_mon_id 
_struct_ref_seq_dif.pdbx_seq_db_seq_num 
_struct_ref_seq_dif.details 
_struct_ref_seq_dif.pdbx_auth_seq_num 
_struct_ref_seq_dif.pdbx_ordinal 
1 5O5I ALA A 91 ? UNP Q9Y6N7 ? ? 'expression tag' 544 1 
1 5O5I GLY A 92 ? UNP Q9Y6N7 ? ? 'expression tag' 545 2 
# 
_pdbx_struct_assembly.id                   1 
_pdbx_struct_assembly.details              author_and_software_defined_assembly 
_pdbx_struct_assembly.method_details       PISA 
_pdbx_struct_assembly.oligomeric_details   monomeric 
_pdbx_struct_assembly.oligomeric_count     1 
# 
loop_
_pdbx_struct_assembly_prop.biol_id 
_pdbx_struct_assembly_prop.type 
_pdbx_struct_assembly_prop.value 
_pdbx_struct_assembly_prop.details 
1 'ABSA (A^2)' 0    ? 
1 MORE         0    ? 
1 'SSA (A^2)'  5510 ? 
# 
_pdbx_struct_assembly_gen.assembly_id       1 
_pdbx_struct_assembly_gen.oper_expression   1 
_pdbx_struct_assembly_gen.asym_id_list      A,B 
# 
_pdbx_struct_assembly_auth_evidence.id                     1 
_pdbx_struct_assembly_auth_evidence.assembly_id            1 
_pdbx_struct_assembly_auth_evidence.experimental_support   none 
_pdbx_struct_assembly_auth_evidence.details                ? 
# 
_pdbx_struct_oper_list.id                   1 
_pdbx_struct_oper_list.type                 'identity operation' 
_pdbx_struct_oper_list.name                 1_555 
_pdbx_struct_oper_list.symmetry_operation   x,y,z 
_pdbx_struct_oper_list.matrix[1][1]         1.0000000000 
_pdbx_struct_oper_list.matrix[1][2]         0.0000000000 
_pdbx_struct_oper_list.matrix[1][3]         0.0000000000 
_pdbx_struct_oper_list.vector[1]            0.0000000000 
_pdbx_struct_oper_list.matrix[2][1]         0.0000000000 
_pdbx_struct_oper_list.matrix[2][2]         1.0000000000 
_pdbx_struct_oper_list.matrix[2][3]         0.0000000000 
_pdbx_struct_oper_list.vector[2]            0.0000000000 
_pdbx_struct_oper_list.matrix[3][1]         0.0000000000 
_pdbx_struct_oper_list.matrix[3][2]         0.0000000000 
_pdbx_struct_oper_list.matrix[3][3]         1.0000000000 
_pdbx_struct_oper_list.vector[3]            0.0000000000 
# 
_struct_conf.conf_type_id            HELX_P 
_struct_conf.id                      HELX_P1 
_struct_conf.pdbx_PDB_helix_id       AA1 
_struct_conf.beg_label_comp_id       LYS 
_struct_conf.beg_label_asym_id       A 
_struct_conf.beg_label_seq_id        63 
_struct_conf.pdbx_beg_PDB_ins_code   ? 
_struct_conf.end_label_comp_id       THR 
_struct_conf.end_label_asym_id       A 
_struct_conf.end_label_seq_id        67 
_struct_conf.pdbx_end_PDB_ins_code   ? 
_struct_conf.beg_auth_comp_id        LYS 
_struct_conf.beg_auth_asym_id        A 
_struct_conf.beg_auth_seq_id         516 
_struct_conf.end_auth_comp_id        THR 
_struct_conf.end_auth_asym_id        A 
_struct_conf.end_auth_seq_id         520 
_struct_conf.pdbx_PDB_helix_class    5 
_struct_conf.details                 ? 
_struct_conf.pdbx_PDB_helix_length   5 
# 
_struct_conf_type.id          HELX_P 
_struct_conf_type.criteria    ? 
_struct_conf_type.reference   ? 
# 
_struct_conn.id                            disulf1 
_struct_conn.conn_type_id                  disulf 
_struct_conn.pdbx_leaving_atom_flag        ? 
_struct_conn.pdbx_PDB_id                   ? 
_struct_conn.ptnr1_label_asym_id           A 
_struct_conn.ptnr1_label_comp_id           CYS 
_struct_conn.ptnr1_label_seq_id            23 
_struct_conn.ptnr1_label_atom_id           SG 
_struct_conn.pdbx_ptnr1_label_alt_id       ? 
_struct_conn.pdbx_ptnr1_PDB_ins_code       ? 
_struct_conn.pdbx_ptnr1_standard_comp_id   ? 
_struct_conn.ptnr1_symmetry                1_555 
_struct_conn.ptnr2_label_asym_id           A 
_struct_conn.ptnr2_label_comp_id           CYS 
_struct_conn.ptnr2_label_seq_id            72 
_struct_conn.ptnr2_label_atom_id           SG 
_struct_conn.pdbx_ptnr2_label_alt_id       ? 
_struct_conn.pdbx_ptnr2_PDB_ins_code       ? 
_struct_conn.ptnr1_auth_asym_id            A 
_struct_conn.ptnr1_auth_comp_id            CYS 
_struct_conn.ptnr1_auth_seq_id             476 
_struct_conn.ptnr2_auth_asym_id            A 
_struct_conn.ptnr2_auth_comp_id            CYS 
_struct_conn.ptnr2_auth_seq_id             525 
_struct_conn.ptnr2_symmetry                1_555 
_struct_conn.pdbx_ptnr3_label_atom_id      ? 
_struct_conn.pdbx_ptnr3_label_seq_id       ? 
_struct_conn.pdbx_ptnr3_label_comp_id      ? 
_struct_conn.pdbx_ptnr3_label_asym_id      ? 
_struct_conn.pdbx_ptnr3_label_alt_id       ? 
_struct_conn.pdbx_ptnr3_PDB_ins_code       ? 
_struct_conn.details                       ? 
_struct_conn.pdbx_dist_value               2.022 
_struct_conn.pdbx_value_order              ? 
_struct_conn.pdbx_role                     ? 
# 
_struct_conn_type.id          disulf 
_struct_conn_type.criteria    ? 
_struct_conn_type.reference   ? 
# 
_pdbx_modification_feature.ordinal                            1 
_pdbx_modification_feature.label_comp_id                      CYS 
_pdbx_modification_feature.label_asym_id                      A 
_pdbx_modification_feature.label_seq_id                       23 
_pdbx_modification_feature.label_alt_id                       ? 
_pdbx_modification_feature.modified_residue_label_comp_id     CYS 
_pdbx_modification_feature.modified_residue_label_asym_id     A 
_pdbx_modification_feature.modified_residue_label_seq_id      72 
_pdbx_modification_feature.modified_residue_label_alt_id      ? 
_pdbx_modification_feature.auth_comp_id                       CYS 
_pdbx_modification_feature.auth_asym_id                       A 
_pdbx_modification_feature.auth_seq_id                        476 
_pdbx_modification_feature.PDB_ins_code                       ? 
_pdbx_modification_feature.symmetry                           1_555 
_pdbx_modification_feature.modified_residue_auth_comp_id      CYS 
_pdbx_modification_feature.modified_residue_auth_asym_id      A 
_pdbx_modification_feature.modified_residue_auth_seq_id       525 
_pdbx_modification_feature.modified_residue_PDB_ins_code      ? 
_pdbx_modification_feature.modified_residue_symmetry          1_555 
_pdbx_modification_feature.comp_id_linking_atom               SG 
_pdbx_modification_feature.modified_residue_id_linking_atom   SG 
_pdbx_modification_feature.modified_residue_id                . 
_pdbx_modification_feature.ref_pcm_id                         . 
_pdbx_modification_feature.ref_comp_id                        . 
_pdbx_modification_feature.type                               None 
_pdbx_modification_feature.category                           'Disulfide bridge' 
# 
_struct_mon_prot_cis.pdbx_id                1 
_struct_mon_prot_cis.label_comp_id          SER 
_struct_mon_prot_cis.label_seq_id           28 
_struct_mon_prot_cis.label_asym_id          A 
_struct_mon_prot_cis.label_alt_id           . 
_struct_mon_prot_cis.pdbx_PDB_ins_code      ? 
_struct_mon_prot_cis.auth_comp_id           SER 
_struct_mon_prot_cis.auth_seq_id            481 
_struct_mon_prot_cis.auth_asym_id           A 
_struct_mon_prot_cis.pdbx_label_comp_id_2   PRO 
_struct_mon_prot_cis.pdbx_label_seq_id_2    29 
_struct_mon_prot_cis.pdbx_label_asym_id_2   A 
_struct_mon_prot_cis.pdbx_PDB_ins_code_2    ? 
_struct_mon_prot_cis.pdbx_auth_comp_id_2    PRO 
_struct_mon_prot_cis.pdbx_auth_seq_id_2     482 
_struct_mon_prot_cis.pdbx_auth_asym_id_2    A 
_struct_mon_prot_cis.pdbx_PDB_model_num     1 
_struct_mon_prot_cis.pdbx_omega_angle       5.47 
# 
loop_
_struct_sheet.id 
_struct_sheet.type 
_struct_sheet.number_strands 
_struct_sheet.details 
AA1 ? 2 ? 
AA2 ? 5 ? 
AA3 ? 3 ? 
# 
loop_
_struct_sheet_order.sheet_id 
_struct_sheet_order.range_id_1 
_struct_sheet_order.range_id_2 
_struct_sheet_order.offset 
_struct_sheet_order.sense 
AA1 1 2 ? anti-parallel 
AA2 1 2 ? parallel      
AA2 2 3 ? anti-parallel 
AA2 3 4 ? anti-parallel 
AA2 4 5 ? anti-parallel 
AA3 1 2 ? anti-parallel 
AA3 2 3 ? anti-parallel 
# 
loop_
_struct_sheet_range.sheet_id 
_struct_sheet_range.id 
_struct_sheet_range.beg_label_comp_id 
_struct_sheet_range.beg_label_asym_id 
_struct_sheet_range.beg_label_seq_id 
_struct_sheet_range.pdbx_beg_PDB_ins_code 
_struct_sheet_range.end_label_comp_id 
_struct_sheet_range.end_label_asym_id 
_struct_sheet_range.end_label_seq_id 
_struct_sheet_range.pdbx_end_PDB_ins_code 
_struct_sheet_range.beg_auth_comp_id 
_struct_sheet_range.beg_auth_asym_id 
_struct_sheet_range.beg_auth_seq_id 
_struct_sheet_range.end_auth_comp_id 
_struct_sheet_range.end_auth_asym_id 
_struct_sheet_range.end_auth_seq_id 
AA1 1 VAL A 3  ? GLN A 6  ? VAL A 456 GLN A 459 
AA1 2 VAL A 24 ? THR A 26 ? VAL A 477 THR A 479 
AA2 1 GLN A 11 ? ALA A 14 ? GLN A 464 ALA A 467 
AA2 2 GLY A 79 ? GLN A 90 ? GLY A 532 GLN A 543 
AA2 3 GLY A 68 ? THR A 76 ? GLY A 521 THR A 529 
AA2 4 THR A 32 ? LYS A 37 ? THR A 485 LYS A 490 
AA2 5 VAL A 40 ? LEU A 41 ? VAL A 493 LEU A 494 
AA3 1 PHE A 19 ? SER A 22 ? PHE A 472 SER A 475 
AA3 2 VAL A 56 ? ILE A 59 ? VAL A 509 ILE A 512 
AA3 3 ILE A 49 ? GLU A 53 ? ILE A 502 GLU A 506 
# 
loop_
_pdbx_struct_sheet_hbond.sheet_id 
_pdbx_struct_sheet_hbond.range_id_1 
_pdbx_struct_sheet_hbond.range_id_2 
_pdbx_struct_sheet_hbond.range_1_label_atom_id 
_pdbx_struct_sheet_hbond.range_1_label_comp_id 
_pdbx_struct_sheet_hbond.range_1_label_asym_id 
_pdbx_struct_sheet_hbond.range_1_label_seq_id 
_pdbx_struct_sheet_hbond.range_1_PDB_ins_code 
_pdbx_struct_sheet_hbond.range_1_auth_atom_id 
_pdbx_struct_sheet_hbond.range_1_auth_comp_id 
_pdbx_struct_sheet_hbond.range_1_auth_asym_id 
_pdbx_struct_sheet_hbond.range_1_auth_seq_id 
_pdbx_struct_sheet_hbond.range_2_label_atom_id 
_pdbx_struct_sheet_hbond.range_2_label_comp_id 
_pdbx_struct_sheet_hbond.range_2_label_asym_id 
_pdbx_struct_sheet_hbond.range_2_label_seq_id 
_pdbx_struct_sheet_hbond.range_2_PDB_ins_code 
_pdbx_struct_sheet_hbond.range_2_auth_atom_id 
_pdbx_struct_sheet_hbond.range_2_auth_comp_id 
_pdbx_struct_sheet_hbond.range_2_auth_asym_id 
_pdbx_struct_sheet_hbond.range_2_auth_seq_id 
AA1 1 2 N VAL A 3  ? N VAL A 456 O THR A 26 ? O THR A 479 
AA2 1 2 N VAL A 13 ? N VAL A 466 O GLU A 88 ? O GLU A 541 
AA2 2 3 O ALA A 85 ? O ALA A 538 N TYR A 70 ? N TYR A 523 
AA2 3 4 O ILE A 73 ? O ILE A 526 N LEU A 34 ? N LEU A 487 
AA2 4 5 N LYS A 37 ? N LYS A 490 O VAL A 40 ? O VAL A 493 
AA3 1 2 N PHE A 19 ? N PHE A 472 O ILE A 59 ? O ILE A 512 
AA3 2 3 O GLN A 58 ? O GLN A 511 N LYS A 50 ? N LYS A 503 
# 
_pdbx_entry_details.entry_id                   5O5I 
_pdbx_entry_details.compound_details           ? 
_pdbx_entry_details.source_details             ? 
_pdbx_entry_details.nonpolymer_details         ? 
_pdbx_entry_details.sequence_details           ? 
_pdbx_entry_details.has_ligand_of_interest     ? 
_pdbx_entry_details.has_protein_modification   Y 
# 
loop_
_pdbx_validate_torsion.id 
_pdbx_validate_torsion.PDB_model_num 
_pdbx_validate_torsion.auth_comp_id 
_pdbx_validate_torsion.auth_asym_id 
_pdbx_validate_torsion.auth_seq_id 
_pdbx_validate_torsion.PDB_ins_code 
_pdbx_validate_torsion.label_alt_id 
_pdbx_validate_torsion.phi 
_pdbx_validate_torsion.psi 
1 1 ASP A 469 ? ? 78.19  -0.84  
2 1 LEU A 505 ? ? -29.97 -62.78 
# 
_pdbx_refine_tls.pdbx_refine_id   'X-RAY DIFFRACTION' 
_pdbx_refine_tls.id               1 
_pdbx_refine_tls.details          ? 
_pdbx_refine_tls.method           refined 
_pdbx_refine_tls.origin_x         0.2680 
_pdbx_refine_tls.origin_y         0.2892 
_pdbx_refine_tls.origin_z         0.0621 
_pdbx_refine_tls.T[1][1]          -0.2316 
_pdbx_refine_tls.T[2][2]          -0.2046 
_pdbx_refine_tls.T[3][3]          0.1636 
_pdbx_refine_tls.T[1][2]          0.1517 
_pdbx_refine_tls.T[1][3]          -0.0028 
_pdbx_refine_tls.T[2][3]          0.1912 
_pdbx_refine_tls.L[1][1]          6.0967 
_pdbx_refine_tls.L[2][2]          15.2861 
_pdbx_refine_tls.L[3][3]          7.2192 
_pdbx_refine_tls.L[1][2]          1.1914 
_pdbx_refine_tls.L[1][3]          1.9108 
_pdbx_refine_tls.L[2][3]          2.1888 
_pdbx_refine_tls.S[1][1]          0.7722 
_pdbx_refine_tls.S[1][2]          0.0609 
_pdbx_refine_tls.S[1][3]          0.0973 
_pdbx_refine_tls.S[2][1]          -0.2192 
_pdbx_refine_tls.S[2][2]          -0.0187 
_pdbx_refine_tls.S[2][3]          -0.5496 
_pdbx_refine_tls.S[3][1]          0.1089 
_pdbx_refine_tls.S[3][2]          0.1100 
_pdbx_refine_tls.S[3][3]          -0.7536 
# 
_pdbx_refine_tls_group.pdbx_refine_id      'X-RAY DIFFRACTION' 
_pdbx_refine_tls_group.id                  1 
_pdbx_refine_tls_group.refine_tls_id       1 
_pdbx_refine_tls_group.beg_auth_asym_id    ? 
_pdbx_refine_tls_group.beg_auth_seq_id     ? 
_pdbx_refine_tls_group.beg_label_asym_id   ? 
_pdbx_refine_tls_group.beg_label_seq_id    ? 
_pdbx_refine_tls_group.end_auth_asym_id    ? 
_pdbx_refine_tls_group.end_auth_seq_id     ? 
_pdbx_refine_tls_group.end_label_asym_id   ? 
_pdbx_refine_tls_group.end_label_seq_id    ? 
_pdbx_refine_tls_group.selection           ? 
_pdbx_refine_tls_group.selection_details   '{ A|* }' 
# 
loop_
_chem_comp_atom.comp_id 
_chem_comp_atom.atom_id 
_chem_comp_atom.type_symbol 
_chem_comp_atom.pdbx_aromatic_flag 
_chem_comp_atom.pdbx_stereo_config 
_chem_comp_atom.pdbx_ordinal 
ALA N    N N N 1   
ALA CA   C N S 2   
ALA C    C N N 3   
ALA O    O N N 4   
ALA CB   C N N 5   
ALA OXT  O N N 6   
ALA H    H N N 7   
ALA H2   H N N 8   
ALA HA   H N N 9   
ALA HB1  H N N 10  
ALA HB2  H N N 11  
ALA HB3  H N N 12  
ALA HXT  H N N 13  
ARG N    N N N 14  
ARG CA   C N S 15  
ARG C    C N N 16  
ARG O    O N N 17  
ARG CB   C N N 18  
ARG CG   C N N 19  
ARG CD   C N N 20  
ARG NE   N N N 21  
ARG CZ   C N N 22  
ARG NH1  N N N 23  
ARG NH2  N N N 24  
ARG OXT  O N N 25  
ARG H    H N N 26  
ARG H2   H N N 27  
ARG HA   H N N 28  
ARG HB2  H N N 29  
ARG HB3  H N N 30  
ARG HG2  H N N 31  
ARG HG3  H N N 32  
ARG HD2  H N N 33  
ARG HD3  H N N 34  
ARG HE   H N N 35  
ARG HH11 H N N 36  
ARG HH12 H N N 37  
ARG HH21 H N N 38  
ARG HH22 H N N 39  
ARG HXT  H N N 40  
ASN N    N N N 41  
ASN CA   C N S 42  
ASN C    C N N 43  
ASN O    O N N 44  
ASN CB   C N N 45  
ASN CG   C N N 46  
ASN OD1  O N N 47  
ASN ND2  N N N 48  
ASN OXT  O N N 49  
ASN H    H N N 50  
ASN H2   H N N 51  
ASN HA   H N N 52  
ASN HB2  H N N 53  
ASN HB3  H N N 54  
ASN HD21 H N N 55  
ASN HD22 H N N 56  
ASN HXT  H N N 57  
ASP N    N N N 58  
ASP CA   C N S 59  
ASP C    C N N 60  
ASP O    O N N 61  
ASP CB   C N N 62  
ASP CG   C N N 63  
ASP OD1  O N N 64  
ASP OD2  O N N 65  
ASP OXT  O N N 66  
ASP H    H N N 67  
ASP H2   H N N 68  
ASP HA   H N N 69  
ASP HB2  H N N 70  
ASP HB3  H N N 71  
ASP HD2  H N N 72  
ASP HXT  H N N 73  
CYS N    N N N 74  
CYS CA   C N R 75  
CYS C    C N N 76  
CYS O    O N N 77  
CYS CB   C N N 78  
CYS SG   S N N 79  
CYS OXT  O N N 80  
CYS H    H N N 81  
CYS H2   H N N 82  
CYS HA   H N N 83  
CYS HB2  H N N 84  
CYS HB3  H N N 85  
CYS HG   H N N 86  
CYS HXT  H N N 87  
GLN N    N N N 88  
GLN CA   C N S 89  
GLN C    C N N 90  
GLN O    O N N 91  
GLN CB   C N N 92  
GLN CG   C N N 93  
GLN CD   C N N 94  
GLN OE1  O N N 95  
GLN NE2  N N N 96  
GLN OXT  O N N 97  
GLN H    H N N 98  
GLN H2   H N N 99  
GLN HA   H N N 100 
GLN HB2  H N N 101 
GLN HB3  H N N 102 
GLN HG2  H N N 103 
GLN HG3  H N N 104 
GLN HE21 H N N 105 
GLN HE22 H N N 106 
GLN HXT  H N N 107 
GLU N    N N N 108 
GLU CA   C N S 109 
GLU C    C N N 110 
GLU O    O N N 111 
GLU CB   C N N 112 
GLU CG   C N N 113 
GLU CD   C N N 114 
GLU OE1  O N N 115 
GLU OE2  O N N 116 
GLU OXT  O N N 117 
GLU H    H N N 118 
GLU H2   H N N 119 
GLU HA   H N N 120 
GLU HB2  H N N 121 
GLU HB3  H N N 122 
GLU HG2  H N N 123 
GLU HG3  H N N 124 
GLU HE2  H N N 125 
GLU HXT  H N N 126 
GLY N    N N N 127 
GLY CA   C N N 128 
GLY C    C N N 129 
GLY O    O N N 130 
GLY OXT  O N N 131 
GLY H    H N N 132 
GLY H2   H N N 133 
GLY HA2  H N N 134 
GLY HA3  H N N 135 
GLY HXT  H N N 136 
HOH O    O N N 137 
HOH H1   H N N 138 
HOH H2   H N N 139 
ILE N    N N N 140 
ILE CA   C N S 141 
ILE C    C N N 142 
ILE O    O N N 143 
ILE CB   C N S 144 
ILE CG1  C N N 145 
ILE CG2  C N N 146 
ILE CD1  C N N 147 
ILE OXT  O N N 148 
ILE H    H N N 149 
ILE H2   H N N 150 
ILE HA   H N N 151 
ILE HB   H N N 152 
ILE HG12 H N N 153 
ILE HG13 H N N 154 
ILE HG21 H N N 155 
ILE HG22 H N N 156 
ILE HG23 H N N 157 
ILE HD11 H N N 158 
ILE HD12 H N N 159 
ILE HD13 H N N 160 
ILE HXT  H N N 161 
LEU N    N N N 162 
LEU CA   C N S 163 
LEU C    C N N 164 
LEU O    O N N 165 
LEU CB   C N N 166 
LEU CG   C N N 167 
LEU CD1  C N N 168 
LEU CD2  C N N 169 
LEU OXT  O N N 170 
LEU H    H N N 171 
LEU H2   H N N 172 
LEU HA   H N N 173 
LEU HB2  H N N 174 
LEU HB3  H N N 175 
LEU HG   H N N 176 
LEU HD11 H N N 177 
LEU HD12 H N N 178 
LEU HD13 H N N 179 
LEU HD21 H N N 180 
LEU HD22 H N N 181 
LEU HD23 H N N 182 
LEU HXT  H N N 183 
LYS N    N N N 184 
LYS CA   C N S 185 
LYS C    C N N 186 
LYS O    O N N 187 
LYS CB   C N N 188 
LYS CG   C N N 189 
LYS CD   C N N 190 
LYS CE   C N N 191 
LYS NZ   N N N 192 
LYS OXT  O N N 193 
LYS H    H N N 194 
LYS H2   H N N 195 
LYS HA   H N N 196 
LYS HB2  H N N 197 
LYS HB3  H N N 198 
LYS HG2  H N N 199 
LYS HG3  H N N 200 
LYS HD2  H N N 201 
LYS HD3  H N N 202 
LYS HE2  H N N 203 
LYS HE3  H N N 204 
LYS HZ1  H N N 205 
LYS HZ2  H N N 206 
LYS HZ3  H N N 207 
LYS HXT  H N N 208 
PHE N    N N N 209 
PHE CA   C N S 210 
PHE C    C N N 211 
PHE O    O N N 212 
PHE CB   C N N 213 
PHE CG   C Y N 214 
PHE CD1  C Y N 215 
PHE CD2  C Y N 216 
PHE CE1  C Y N 217 
PHE CE2  C Y N 218 
PHE CZ   C Y N 219 
PHE OXT  O N N 220 
PHE H    H N N 221 
PHE H2   H N N 222 
PHE HA   H N N 223 
PHE HB2  H N N 224 
PHE HB3  H N N 225 
PHE HD1  H N N 226 
PHE HD2  H N N 227 
PHE HE1  H N N 228 
PHE HE2  H N N 229 
PHE HZ   H N N 230 
PHE HXT  H N N 231 
PRO N    N N N 232 
PRO CA   C N S 233 
PRO C    C N N 234 
PRO O    O N N 235 
PRO CB   C N N 236 
PRO CG   C N N 237 
PRO CD   C N N 238 
PRO OXT  O N N 239 
PRO H    H N N 240 
PRO HA   H N N 241 
PRO HB2  H N N 242 
PRO HB3  H N N 243 
PRO HG2  H N N 244 
PRO HG3  H N N 245 
PRO HD2  H N N 246 
PRO HD3  H N N 247 
PRO HXT  H N N 248 
SER N    N N N 249 
SER CA   C N S 250 
SER C    C N N 251 
SER O    O N N 252 
SER CB   C N N 253 
SER OG   O N N 254 
SER OXT  O N N 255 
SER H    H N N 256 
SER H2   H N N 257 
SER HA   H N N 258 
SER HB2  H N N 259 
SER HB3  H N N 260 
SER HG   H N N 261 
SER HXT  H N N 262 
THR N    N N N 263 
THR CA   C N S 264 
THR C    C N N 265 
THR O    O N N 266 
THR CB   C N R 267 
THR OG1  O N N 268 
THR CG2  C N N 269 
THR OXT  O N N 270 
THR H    H N N 271 
THR H2   H N N 272 
THR HA   H N N 273 
THR HB   H N N 274 
THR HG1  H N N 275 
THR HG21 H N N 276 
THR HG22 H N N 277 
THR HG23 H N N 278 
THR HXT  H N N 279 
TRP N    N N N 280 
TRP CA   C N S 281 
TRP C    C N N 282 
TRP O    O N N 283 
TRP CB   C N N 284 
TRP CG   C Y N 285 
TRP CD1  C Y N 286 
TRP CD2  C Y N 287 
TRP NE1  N Y N 288 
TRP CE2  C Y N 289 
TRP CE3  C Y N 290 
TRP CZ2  C Y N 291 
TRP CZ3  C Y N 292 
TRP CH2  C Y N 293 
TRP OXT  O N N 294 
TRP H    H N N 295 
TRP H2   H N N 296 
TRP HA   H N N 297 
TRP HB2  H N N 298 
TRP HB3  H N N 299 
TRP HD1  H N N 300 
TRP HE1  H N N 301 
TRP HE3  H N N 302 
TRP HZ2  H N N 303 
TRP HZ3  H N N 304 
TRP HH2  H N N 305 
TRP HXT  H N N 306 
TYR N    N N N 307 
TYR CA   C N S 308 
TYR C    C N N 309 
TYR O    O N N 310 
TYR CB   C N N 311 
TYR CG   C Y N 312 
TYR CD1  C Y N 313 
TYR CD2  C Y N 314 
TYR CE1  C Y N 315 
TYR CE2  C Y N 316 
TYR CZ   C Y N 317 
TYR OH   O N N 318 
TYR OXT  O N N 319 
TYR H    H N N 320 
TYR H2   H N N 321 
TYR HA   H N N 322 
TYR HB2  H N N 323 
TYR HB3  H N N 324 
TYR HD1  H N N 325 
TYR HD2  H N N 326 
TYR HE1  H N N 327 
TYR HE2  H N N 328 
TYR HH   H N N 329 
TYR HXT  H N N 330 
VAL N    N N N 331 
VAL CA   C N S 332 
VAL C    C N N 333 
VAL O    O N N 334 
VAL CB   C N N 335 
VAL CG1  C N N 336 
VAL CG2  C N N 337 
VAL OXT  O N N 338 
VAL H    H N N 339 
VAL H2   H N N 340 
VAL HA   H N N 341 
VAL HB   H N N 342 
VAL HG11 H N N 343 
VAL HG12 H N N 344 
VAL HG13 H N N 345 
VAL HG21 H N N 346 
VAL HG22 H N N 347 
VAL HG23 H N N 348 
VAL HXT  H N N 349 
# 
loop_
_chem_comp_bond.comp_id 
_chem_comp_bond.atom_id_1 
_chem_comp_bond.atom_id_2 
_chem_comp_bond.value_order 
_chem_comp_bond.pdbx_aromatic_flag 
_chem_comp_bond.pdbx_stereo_config 
_chem_comp_bond.pdbx_ordinal 
ALA N   CA   sing N N 1   
ALA N   H    sing N N 2   
ALA N   H2   sing N N 3   
ALA CA  C    sing N N 4   
ALA CA  CB   sing N N 5   
ALA CA  HA   sing N N 6   
ALA C   O    doub N N 7   
ALA C   OXT  sing N N 8   
ALA CB  HB1  sing N N 9   
ALA CB  HB2  sing N N 10  
ALA CB  HB3  sing N N 11  
ALA OXT HXT  sing N N 12  
ARG N   CA   sing N N 13  
ARG N   H    sing N N 14  
ARG N   H2   sing N N 15  
ARG CA  C    sing N N 16  
ARG CA  CB   sing N N 17  
ARG CA  HA   sing N N 18  
ARG C   O    doub N N 19  
ARG C   OXT  sing N N 20  
ARG CB  CG   sing N N 21  
ARG CB  HB2  sing N N 22  
ARG CB  HB3  sing N N 23  
ARG CG  CD   sing N N 24  
ARG CG  HG2  sing N N 25  
ARG CG  HG3  sing N N 26  
ARG CD  NE   sing N N 27  
ARG CD  HD2  sing N N 28  
ARG CD  HD3  sing N N 29  
ARG NE  CZ   sing N N 30  
ARG NE  HE   sing N N 31  
ARG CZ  NH1  sing N N 32  
ARG CZ  NH2  doub N N 33  
ARG NH1 HH11 sing N N 34  
ARG NH1 HH12 sing N N 35  
ARG NH2 HH21 sing N N 36  
ARG NH2 HH22 sing N N 37  
ARG OXT HXT  sing N N 38  
ASN N   CA   sing N N 39  
ASN N   H    sing N N 40  
ASN N   H2   sing N N 41  
ASN CA  C    sing N N 42  
ASN CA  CB   sing N N 43  
ASN CA  HA   sing N N 44  
ASN C   O    doub N N 45  
ASN C   OXT  sing N N 46  
ASN CB  CG   sing N N 47  
ASN CB  HB2  sing N N 48  
ASN CB  HB3  sing N N 49  
ASN CG  OD1  doub N N 50  
ASN CG  ND2  sing N N 51  
ASN ND2 HD21 sing N N 52  
ASN ND2 HD22 sing N N 53  
ASN OXT HXT  sing N N 54  
ASP N   CA   sing N N 55  
ASP N   H    sing N N 56  
ASP N   H2   sing N N 57  
ASP CA  C    sing N N 58  
ASP CA  CB   sing N N 59  
ASP CA  HA   sing N N 60  
ASP C   O    doub N N 61  
ASP C   OXT  sing N N 62  
ASP CB  CG   sing N N 63  
ASP CB  HB2  sing N N 64  
ASP CB  HB3  sing N N 65  
ASP CG  OD1  doub N N 66  
ASP CG  OD2  sing N N 67  
ASP OD2 HD2  sing N N 68  
ASP OXT HXT  sing N N 69  
CYS N   CA   sing N N 70  
CYS N   H    sing N N 71  
CYS N   H2   sing N N 72  
CYS CA  C    sing N N 73  
CYS CA  CB   sing N N 74  
CYS CA  HA   sing N N 75  
CYS C   O    doub N N 76  
CYS C   OXT  sing N N 77  
CYS CB  SG   sing N N 78  
CYS CB  HB2  sing N N 79  
CYS CB  HB3  sing N N 80  
CYS SG  HG   sing N N 81  
CYS OXT HXT  sing N N 82  
GLN N   CA   sing N N 83  
GLN N   H    sing N N 84  
GLN N   H2   sing N N 85  
GLN CA  C    sing N N 86  
GLN CA  CB   sing N N 87  
GLN CA  HA   sing N N 88  
GLN C   O    doub N N 89  
GLN C   OXT  sing N N 90  
GLN CB  CG   sing N N 91  
GLN CB  HB2  sing N N 92  
GLN CB  HB3  sing N N 93  
GLN CG  CD   sing N N 94  
GLN CG  HG2  sing N N 95  
GLN CG  HG3  sing N N 96  
GLN CD  OE1  doub N N 97  
GLN CD  NE2  sing N N 98  
GLN NE2 HE21 sing N N 99  
GLN NE2 HE22 sing N N 100 
GLN OXT HXT  sing N N 101 
GLU N   CA   sing N N 102 
GLU N   H    sing N N 103 
GLU N   H2   sing N N 104 
GLU CA  C    sing N N 105 
GLU CA  CB   sing N N 106 
GLU CA  HA   sing N N 107 
GLU C   O    doub N N 108 
GLU C   OXT  sing N N 109 
GLU CB  CG   sing N N 110 
GLU CB  HB2  sing N N 111 
GLU CB  HB3  sing N N 112 
GLU CG  CD   sing N N 113 
GLU CG  HG2  sing N N 114 
GLU CG  HG3  sing N N 115 
GLU CD  OE1  doub N N 116 
GLU CD  OE2  sing N N 117 
GLU OE2 HE2  sing N N 118 
GLU OXT HXT  sing N N 119 
GLY N   CA   sing N N 120 
GLY N   H    sing N N 121 
GLY N   H2   sing N N 122 
GLY CA  C    sing N N 123 
GLY CA  HA2  sing N N 124 
GLY CA  HA3  sing N N 125 
GLY C   O    doub N N 126 
GLY C   OXT  sing N N 127 
GLY OXT HXT  sing N N 128 
HOH O   H1   sing N N 129 
HOH O   H2   sing N N 130 
ILE N   CA   sing N N 131 
ILE N   H    sing N N 132 
ILE N   H2   sing N N 133 
ILE CA  C    sing N N 134 
ILE CA  CB   sing N N 135 
ILE CA  HA   sing N N 136 
ILE C   O    doub N N 137 
ILE C   OXT  sing N N 138 
ILE CB  CG1  sing N N 139 
ILE CB  CG2  sing N N 140 
ILE CB  HB   sing N N 141 
ILE CG1 CD1  sing N N 142 
ILE CG1 HG12 sing N N 143 
ILE CG1 HG13 sing N N 144 
ILE CG2 HG21 sing N N 145 
ILE CG2 HG22 sing N N 146 
ILE CG2 HG23 sing N N 147 
ILE CD1 HD11 sing N N 148 
ILE CD1 HD12 sing N N 149 
ILE CD1 HD13 sing N N 150 
ILE OXT HXT  sing N N 151 
LEU N   CA   sing N N 152 
LEU N   H    sing N N 153 
LEU N   H2   sing N N 154 
LEU CA  C    sing N N 155 
LEU CA  CB   sing N N 156 
LEU CA  HA   sing N N 157 
LEU C   O    doub N N 158 
LEU C   OXT  sing N N 159 
LEU CB  CG   sing N N 160 
LEU CB  HB2  sing N N 161 
LEU CB  HB3  sing N N 162 
LEU CG  CD1  sing N N 163 
LEU CG  CD2  sing N N 164 
LEU CG  HG   sing N N 165 
LEU CD1 HD11 sing N N 166 
LEU CD1 HD12 sing N N 167 
LEU CD1 HD13 sing N N 168 
LEU CD2 HD21 sing N N 169 
LEU CD2 HD22 sing N N 170 
LEU CD2 HD23 sing N N 171 
LEU OXT HXT  sing N N 172 
LYS N   CA   sing N N 173 
LYS N   H    sing N N 174 
LYS N   H2   sing N N 175 
LYS CA  C    sing N N 176 
LYS CA  CB   sing N N 177 
LYS CA  HA   sing N N 178 
LYS C   O    doub N N 179 
LYS C   OXT  sing N N 180 
LYS CB  CG   sing N N 181 
LYS CB  HB2  sing N N 182 
LYS CB  HB3  sing N N 183 
LYS CG  CD   sing N N 184 
LYS CG  HG2  sing N N 185 
LYS CG  HG3  sing N N 186 
LYS CD  CE   sing N N 187 
LYS CD  HD2  sing N N 188 
LYS CD  HD3  sing N N 189 
LYS CE  NZ   sing N N 190 
LYS CE  HE2  sing N N 191 
LYS CE  HE3  sing N N 192 
LYS NZ  HZ1  sing N N 193 
LYS NZ  HZ2  sing N N 194 
LYS NZ  HZ3  sing N N 195 
LYS OXT HXT  sing N N 196 
PHE N   CA   sing N N 197 
PHE N   H    sing N N 198 
PHE N   H2   sing N N 199 
PHE CA  C    sing N N 200 
PHE CA  CB   sing N N 201 
PHE CA  HA   sing N N 202 
PHE C   O    doub N N 203 
PHE C   OXT  sing N N 204 
PHE CB  CG   sing N N 205 
PHE CB  HB2  sing N N 206 
PHE CB  HB3  sing N N 207 
PHE CG  CD1  doub Y N 208 
PHE CG  CD2  sing Y N 209 
PHE CD1 CE1  sing Y N 210 
PHE CD1 HD1  sing N N 211 
PHE CD2 CE2  doub Y N 212 
PHE CD2 HD2  sing N N 213 
PHE CE1 CZ   doub Y N 214 
PHE CE1 HE1  sing N N 215 
PHE CE2 CZ   sing Y N 216 
PHE CE2 HE2  sing N N 217 
PHE CZ  HZ   sing N N 218 
PHE OXT HXT  sing N N 219 
PRO N   CA   sing N N 220 
PRO N   CD   sing N N 221 
PRO N   H    sing N N 222 
PRO CA  C    sing N N 223 
PRO CA  CB   sing N N 224 
PRO CA  HA   sing N N 225 
PRO C   O    doub N N 226 
PRO C   OXT  sing N N 227 
PRO CB  CG   sing N N 228 
PRO CB  HB2  sing N N 229 
PRO CB  HB3  sing N N 230 
PRO CG  CD   sing N N 231 
PRO CG  HG2  sing N N 232 
PRO CG  HG3  sing N N 233 
PRO CD  HD2  sing N N 234 
PRO CD  HD3  sing N N 235 
PRO OXT HXT  sing N N 236 
SER N   CA   sing N N 237 
SER N   H    sing N N 238 
SER N   H2   sing N N 239 
SER CA  C    sing N N 240 
SER CA  CB   sing N N 241 
SER CA  HA   sing N N 242 
SER C   O    doub N N 243 
SER C   OXT  sing N N 244 
SER CB  OG   sing N N 245 
SER CB  HB2  sing N N 246 
SER CB  HB3  sing N N 247 
SER OG  HG   sing N N 248 
SER OXT HXT  sing N N 249 
THR N   CA   sing N N 250 
THR N   H    sing N N 251 
THR N   H2   sing N N 252 
THR CA  C    sing N N 253 
THR CA  CB   sing N N 254 
THR CA  HA   sing N N 255 
THR C   O    doub N N 256 
THR C   OXT  sing N N 257 
THR CB  OG1  sing N N 258 
THR CB  CG2  sing N N 259 
THR CB  HB   sing N N 260 
THR OG1 HG1  sing N N 261 
THR CG2 HG21 sing N N 262 
THR CG2 HG22 sing N N 263 
THR CG2 HG23 sing N N 264 
THR OXT HXT  sing N N 265 
TRP N   CA   sing N N 266 
TRP N   H    sing N N 267 
TRP N   H2   sing N N 268 
TRP CA  C    sing N N 269 
TRP CA  CB   sing N N 270 
TRP CA  HA   sing N N 271 
TRP C   O    doub N N 272 
TRP C   OXT  sing N N 273 
TRP CB  CG   sing N N 274 
TRP CB  HB2  sing N N 275 
TRP CB  HB3  sing N N 276 
TRP CG  CD1  doub Y N 277 
TRP CG  CD2  sing Y N 278 
TRP CD1 NE1  sing Y N 279 
TRP CD1 HD1  sing N N 280 
TRP CD2 CE2  doub Y N 281 
TRP CD2 CE3  sing Y N 282 
TRP NE1 CE2  sing Y N 283 
TRP NE1 HE1  sing N N 284 
TRP CE2 CZ2  sing Y N 285 
TRP CE3 CZ3  doub Y N 286 
TRP CE3 HE3  sing N N 287 
TRP CZ2 CH2  doub Y N 288 
TRP CZ2 HZ2  sing N N 289 
TRP CZ3 CH2  sing Y N 290 
TRP CZ3 HZ3  sing N N 291 
TRP CH2 HH2  sing N N 292 
TRP OXT HXT  sing N N 293 
TYR N   CA   sing N N 294 
TYR N   H    sing N N 295 
TYR N   H2   sing N N 296 
TYR CA  C    sing N N 297 
TYR CA  CB   sing N N 298 
TYR CA  HA   sing N N 299 
TYR C   O    doub N N 300 
TYR C   OXT  sing N N 301 
TYR CB  CG   sing N N 302 
TYR CB  HB2  sing N N 303 
TYR CB  HB3  sing N N 304 
TYR CG  CD1  doub Y N 305 
TYR CG  CD2  sing Y N 306 
TYR CD1 CE1  sing Y N 307 
TYR CD1 HD1  sing N N 308 
TYR CD2 CE2  doub Y N 309 
TYR CD2 HD2  sing N N 310 
TYR CE1 CZ   doub Y N 311 
TYR CE1 HE1  sing N N 312 
TYR CE2 CZ   sing Y N 313 
TYR CE2 HE2  sing N N 314 
TYR CZ  OH   sing N N 315 
TYR OH  HH   sing N N 316 
TYR OXT HXT  sing N N 317 
VAL N   CA   sing N N 318 
VAL N   H    sing N N 319 
VAL N   H2   sing N N 320 
VAL CA  C    sing N N 321 
VAL CA  CB   sing N N 322 
VAL CA  HA   sing N N 323 
VAL C   O    doub N N 324 
VAL C   OXT  sing N N 325 
VAL CB  CG1  sing N N 326 
VAL CB  CG2  sing N N 327 
VAL CB  HB   sing N N 328 
VAL CG1 HG11 sing N N 329 
VAL CG1 HG12 sing N N 330 
VAL CG1 HG13 sing N N 331 
VAL CG2 HG21 sing N N 332 
VAL CG2 HG22 sing N N 333 
VAL CG2 HG23 sing N N 334 
VAL OXT HXT  sing N N 335 
# 
_pdbx_initial_refinement_model.id               1 
_pdbx_initial_refinement_model.entity_id_list   ? 
_pdbx_initial_refinement_model.type             'experimental model' 
_pdbx_initial_refinement_model.source_name      PDB 
_pdbx_initial_refinement_model.accession_code   2V9Q 
_pdbx_initial_refinement_model.details          ? 
# 
_pdbx_related_exp_data_set.data_reference       10.15785/SBGRID/505 
_pdbx_related_exp_data_set.data_set_type        'diffraction image data' 
_pdbx_related_exp_data_set.details              ? 
_pdbx_related_exp_data_set.metadata_reference   ? 
_pdbx_related_exp_data_set.ordinal              1 
# 
_atom_sites.entry_id                    5O5I 
_atom_sites.fract_transf_matrix[1][1]   -0.00672152 
_atom_sites.fract_transf_matrix[1][2]   0.01070474 
_atom_sites.fract_transf_matrix[1][3]   -0.00666015 
_atom_sites.fract_transf_matrix[2][1]   0.00551575 
_atom_sites.fract_transf_matrix[2][2]   0.01317622 
_atom_sites.fract_transf_matrix[2][3]   0.00028640 
_atom_sites.fract_transf_matrix[3][1]   0.01914940 
_atom_sites.fract_transf_matrix[3][2]   -0.00733970 
_atom_sites.fract_transf_matrix[3][3]   -0.03112284 
_atom_sites.fract_transf_vector[1]      0.131497 
_atom_sites.fract_transf_vector[2]      -0.411876 
_atom_sites.fract_transf_vector[3]      0.226997 
# 
loop_
_atom_type.symbol 
C 
N 
O 
S 
# 
loop_
_atom_site.group_PDB 
_atom_site.id 
_atom_site.type_symbol 
_atom_site.label_atom_id 
_atom_site.label_alt_id 
_atom_site.label_comp_id 
_atom_site.label_asym_id 
_atom_site.label_entity_id 
_atom_site.label_seq_id 
_atom_site.pdbx_PDB_ins_code 
_atom_site.Cartn_x 
_atom_site.Cartn_y 
_atom_site.Cartn_z 
_atom_site.occupancy 
_atom_site.B_iso_or_equiv 
_atom_site.pdbx_formal_charge 
_atom_site.auth_seq_id 
_atom_site.auth_comp_id 
_atom_site.auth_asym_id 
_atom_site.auth_atom_id 
_atom_site.pdbx_PDB_model_num 
ATOM   1   N N   . PRO A 1 1  ? -13.627 -16.336 -1.624  1.00 100.66 ? 454 PRO A N   1 
ATOM   2   C CA  . PRO A 1 1  ? -12.547 -15.526 -1.037  1.00 94.25  ? 454 PRO A CA  1 
ATOM   3   C C   . PRO A 1 1  ? -11.956 -14.494 -2.013  1.00 93.01  ? 454 PRO A C   1 
ATOM   4   O O   . PRO A 1 1  ? -11.953 -14.755 -3.223  1.00 95.28  ? 454 PRO A O   1 
ATOM   5   C CB  . PRO A 1 1  ? -11.506 -16.569 -0.618  1.00 95.81  ? 454 PRO A CB  1 
ATOM   6   C CG  . PRO A 1 1  ? -11.758 -17.725 -1.511  1.00 104.50 ? 454 PRO A CG  1 
ATOM   7   C CD  . PRO A 1 1  ? -13.245 -17.753 -1.734  1.00 105.25 ? 454 PRO A CD  1 
ATOM   8   N N   . PRO A 1 2  ? -11.459 -13.321 -1.528  1.00 81.75  ? 455 PRO A N   1 
ATOM   9   C CA  . PRO A 1 2  ? -10.850 -12.345 -2.449  1.00 76.35  ? 455 PRO A CA  1 
ATOM   10  C C   . PRO A 1 2  ? -9.507  -12.870 -2.944  1.00 75.47  ? 455 PRO A C   1 
ATOM   11  O O   . PRO A 1 2  ? -8.825  -13.581 -2.203  1.00 75.42  ? 455 PRO A O   1 
ATOM   12  C CB  . PRO A 1 2  ? -10.663 -11.090 -1.581  1.00 74.54  ? 455 PRO A CB  1 
ATOM   13  C CG  . PRO A 1 2  ? -11.340 -11.380 -0.278  1.00 81.73  ? 455 PRO A CG  1 
ATOM   14  C CD  . PRO A 1 2  ? -11.374 -12.855 -0.133  1.00 81.50  ? 455 PRO A CD  1 
ATOM   15  N N   . VAL A 1 3  ? -9.146  -12.572 -4.200  1.00 68.58  ? 456 VAL A N   1 
ATOM   16  C CA  . VAL A 1 3  ? -7.886  -13.058 -4.769  1.00 66.09  ? 456 VAL A CA  1 
ATOM   17  C C   . VAL A 1 3  ? -7.044  -11.905 -5.297  1.00 64.34  ? 456 VAL A C   1 
ATOM   18  O O   . VAL A 1 3  ? -7.514  -11.144 -6.142  1.00 64.75  ? 456 VAL A O   1 
ATOM   19  C CB  . VAL A 1 3  ? -8.121  -14.180 -5.816  1.00 74.22  ? 456 VAL A CB  1 
ATOM   20  C CG1 . VAL A 1 3  ? -6.871  -14.455 -6.650  1.00 73.81  ? 456 VAL A CG1 1 
ATOM   21  C CG2 . VAL A 1 3  ? -8.610  -15.458 -5.141  1.00 77.95  ? 456 VAL A CG2 1 
ATOM   22  N N   . ILE A 1 4  ? -5.808  -11.766 -4.791  1.00 56.01  ? 457 ILE A N   1 
ATOM   23  C CA  . ILE A 1 4  ? -4.942  -10.694 -5.266  1.00 52.30  ? 457 ILE A CA  1 
ATOM   24  C C   . ILE A 1 4  ? -4.138  -11.198 -6.451  1.00 59.99  ? 457 ILE A C   1 
ATOM   25  O O   . ILE A 1 4  ? -3.330  -12.118 -6.310  1.00 61.24  ? 457 ILE A O   1 
ATOM   26  C CB  . ILE A 1 4  ? -4.089  -9.996  -4.173  1.00 50.39  ? 457 ILE A CB  1 
ATOM   27  C CG1 . ILE A 1 4  ? -4.972  -9.538  -2.997  1.00 47.98  ? 457 ILE A CG1 1 
ATOM   28  C CG2 . ILE A 1 4  ? -3.323  -8.819  -4.787  1.00 48.61  ? 457 ILE A CG2 1 
ATOM   29  C CD1 . ILE A 1 4  ? -4.246  -9.205  -1.772  1.00 46.69  ? 457 ILE A CD1 1 
ATOM   30  N N   . ARG A 1 5  ? -4.391  -10.595 -7.618  1.00 58.79  ? 458 ARG A N   1 
ATOM   31  C CA  . ARG A 1 5  ? -3.764  -10.918 -8.899  1.00 62.62  ? 458 ARG A CA  1 
ATOM   32  C C   . ARG A 1 5  ? -2.458  -10.112 -9.131  1.00 66.12  ? 458 ARG A C   1 
ATOM   33  O O   . ARG A 1 5  ? -1.433  -10.701 -9.491  1.00 68.88  ? 458 ARG A O   1 
ATOM   34  C CB  . ARG A 1 5  ? -4.779  -10.728 -10.038 1.00 66.06  ? 458 ARG A CB  1 
ATOM   35  C CG  . ARG A 1 5  ? -6.116  -11.483 -9.843  1.00 78.82  ? 458 ARG A CG  1 
ATOM   36  C CD  . ARG A 1 5  ? -6.098  -12.967 -10.188 1.00 87.62  ? 458 ARG A CD  1 
ATOM   37  N NE  . ARG A 1 5  ? -5.826  -13.203 -11.607 1.00 100.66 ? 458 ARG A NE  1 
ATOM   38  C CZ  . ARG A 1 5  ? -4.625  -13.480 -12.105 1.00 119.37 ? 458 ARG A CZ  1 
ATOM   39  N NH1 . ARG A 1 5  ? -3.570  -13.570 -11.303 1.00 104.10 ? 458 ARG A NH1 1 
ATOM   40  N NH2 . ARG A 1 5  ? -4.468  -13.668 -13.408 1.00 114.55 ? 458 ARG A NH2 1 
ATOM   41  N N   . GLN A 1 6  ? -2.498  -8.784  -8.920  1.00 58.74  ? 459 GLN A N   1 
ATOM   42  C CA  . GLN A 1 6  ? -1.336  -7.909  -9.026  1.00 57.63  ? 459 GLN A CA  1 
ATOM   43  C C   . GLN A 1 6  ? -1.183  -7.243  -7.663  1.00 58.39  ? 459 GLN A C   1 
ATOM   44  O O   . GLN A 1 6  ? -2.132  -6.644  -7.150  1.00 55.46  ? 459 GLN A O   1 
ATOM   45  C CB  . GLN A 1 6  ? -1.498  -6.876  -10.156 0.00 61.31  ? 459 GLN A CB  1 
ATOM   46  C CG  . GLN A 1 6  ? -0.223  -6.082  -10.467 0.00 77.56  ? 459 GLN A CG  1 
ATOM   47  C CD  . GLN A 1 6  ? 0.870   -6.921  -11.089 0.00 101.35 ? 459 GLN A CD  1 
ATOM   48  O OE1 . GLN A 1 6  ? 0.770   -7.374  -12.234 0.00 101.98 ? 459 GLN A OE1 1 
ATOM   49  N NE2 . GLN A 1 6  ? 1.949   -7.128  -10.349 0.00 92.57  ? 459 GLN A NE2 1 
ATOM   50  N N   . GLY A 1 7  ? -0.019  -7.429  -7.057  1.00 56.36  ? 460 GLY A N   1 
ATOM   51  C CA  . GLY A 1 7  ? 0.281   -6.909  -5.727  1.00 53.68  ? 460 GLY A CA  1 
ATOM   52  C C   . GLY A 1 7  ? 1.323   -5.809  -5.707  1.00 59.33  ? 460 GLY A C   1 
ATOM   53  O O   . GLY A 1 7  ? 1.917   -5.514  -6.749  1.00 63.42  ? 460 GLY A O   1 
ATOM   54  N N   . PRO A 1 8  ? 1.576   -5.171  -4.539  1.00 52.63  ? 461 PRO A N   1 
ATOM   55  C CA  . PRO A 1 8  ? 2.568   -4.085  -4.504  1.00 52.60  ? 461 PRO A CA  1 
ATOM   56  C C   . PRO A 1 8  ? 3.957   -4.561  -4.908  1.00 59.52  ? 461 PRO A C   1 
ATOM   57  O O   . PRO A 1 8  ? 4.320   -5.695  -4.602  1.00 61.10  ? 461 PRO A O   1 
ATOM   58  C CB  . PRO A 1 8  ? 2.511   -3.598  -3.049  1.00 51.74  ? 461 PRO A CB  1 
ATOM   59  C CG  . PRO A 1 8  ? 1.971   -4.757  -2.276  1.00 55.81  ? 461 PRO A CG  1 
ATOM   60  C CD  . PRO A 1 8  ? 0.972   -5.382  -3.210  1.00 52.07  ? 461 PRO A CD  1 
ATOM   61  N N   . VAL A 1 9  ? 4.697   -3.734  -5.659  1.00 57.92  ? 462 VAL A N   1 
ATOM   62  C CA  . VAL A 1 9  ? 6.037   -4.107  -6.099  1.00 62.60  ? 462 VAL A CA  1 
ATOM   63  C C   . VAL A 1 9  ? 7.087   -3.325  -5.328  1.00 67.19  ? 462 VAL A C   1 
ATOM   64  O O   . VAL A 1 9  ? 6.979   -2.110  -5.167  1.00 64.41  ? 462 VAL A O   1 
ATOM   65  C CB  . VAL A 1 9  ? 6.275   -4.093  -7.634  1.00 71.22  ? 462 VAL A CB  1 
ATOM   66  C CG1 . VAL A 1 9  ? 5.629   -5.305  -8.293  1.00 72.44  ? 462 VAL A CG1 1 
ATOM   67  C CG2 . VAL A 1 9  ? 5.797   -2.803  -8.287  1.00 70.58  ? 462 VAL A CG2 1 
ATOM   68  N N   . ASN A 1 10 ? 8.089   -4.058  -4.824  1.00 68.00  ? 463 ASN A N   1 
ATOM   69  C CA  . ASN A 1 10 ? 9.223   -3.562  -4.038  1.00 70.15  ? 463 ASN A CA  1 
ATOM   70  C C   . ASN A 1 10 ? 9.952   -2.468  -4.801  1.00 76.57  ? 463 ASN A C   1 
ATOM   71  O O   . ASN A 1 10 ? 10.095  -2.570  -6.026  1.00 79.91  ? 463 ASN A O   1 
ATOM   72  C CB  . ASN A 1 10 ? 10.213  -4.703  -3.737  1.00 76.37  ? 463 ASN A CB  1 
ATOM   73  C CG  . ASN A 1 10 ? 9.573   -6.018  -3.383  1.00 95.01  ? 463 ASN A CG  1 
ATOM   74  O OD1 . ASN A 1 10 ? 9.278   -6.292  -2.220  1.00 87.55  ? 463 ASN A OD1 1 
ATOM   75  N ND2 . ASN A 1 10 ? 9.335   -6.850  -4.386  1.00 86.28  ? 463 ASN A ND2 1 
ATOM   76  N N   . GLN A 1 11 ? 10.407  -1.424  -4.082  1.00 71.83  ? 464 GLN A N   1 
ATOM   77  C CA  . GLN A 1 11 ? 11.142  -0.309  -4.687  1.00 75.17  ? 464 GLN A CA  1 
ATOM   78  C C   . GLN A 1 11 ? 12.017  0.466   -3.715  1.00 80.13  ? 464 GLN A C   1 
ATOM   79  O O   . GLN A 1 11 ? 11.708  0.591   -2.529  1.00 75.58  ? 464 GLN A O   1 
ATOM   80  C CB  . GLN A 1 11 ? 10.228  0.650   -5.465  1.00 73.71  ? 464 GLN A CB  1 
ATOM   81  C CG  . GLN A 1 11 ? 8.984   1.106   -4.737  1.00 75.63  ? 464 GLN A CG  1 
ATOM   82  C CD  . GLN A 1 11 ? 7.979   1.604   -5.731  1.00 95.13  ? 464 GLN A CD  1 
ATOM   83  O OE1 . GLN A 1 11 ? 8.085   2.729   -6.247  1.00 95.57  ? 464 GLN A OE1 1 
ATOM   84  N NE2 . GLN A 1 11 ? 7.002   0.759   -6.050  1.00 80.40  ? 464 GLN A NE2 1 
ATOM   85  N N   . THR A 1 12 ? 13.125  0.975   -4.246  1.00 83.49  ? 465 THR A N   1 
ATOM   86  C CA  . THR A 1 12 ? 14.094  1.785   -3.525  1.00 86.99  ? 465 THR A CA  1 
ATOM   87  C C   . THR A 1 12 ? 13.659  3.225   -3.745  1.00 88.80  ? 465 THR A C   1 
ATOM   88  O O   . THR A 1 12 ? 13.626  3.678   -4.894  1.00 92.04  ? 465 THR A O   1 
ATOM   89  C CB  . THR A 1 12 ? 15.510  1.504   -4.068  1.00 102.09 ? 465 THR A CB  1 
ATOM   90  O OG1 . THR A 1 12 ? 15.765  0.097   -4.019  1.00 104.23 ? 465 THR A OG1 1 
ATOM   91  C CG2 . THR A 1 12 ? 16.596  2.264   -3.314  1.00 103.45 ? 465 THR A CG2 1 
ATOM   92  N N   . VAL A 1 13 ? 13.290  3.932   -2.670  1.00 79.60  ? 466 VAL A N   1 
ATOM   93  C CA  . VAL A 1 13 ? 12.877  5.323   -2.806  1.00 78.00  ? 466 VAL A CA  1 
ATOM   94  C C   . VAL A 1 13 ? 13.894  6.269   -2.138  1.00 86.53  ? 466 VAL A C   1 
ATOM   95  O O   . VAL A 1 13 ? 14.410  5.964   -1.068  1.00 86.86  ? 466 VAL A O   1 
ATOM   96  C CB  . VAL A 1 13 ? 11.406  5.561   -2.351  1.00 74.07  ? 466 VAL A CB  1 
ATOM   97  C CG1 . VAL A 1 13 ? 11.181  5.184   -0.890  1.00 70.49  ? 466 VAL A CG1 1 
ATOM   98  C CG2 . VAL A 1 13 ? 10.939  6.988   -2.627  1.00 73.73  ? 466 VAL A CG2 1 
ATOM   99  N N   . ALA A 1 14 ? 14.207  7.391   -2.807  1.00 87.34  ? 467 ALA A N   1 
ATOM   100 C CA  . ALA A 1 14 ? 15.090  8.446   -2.309  1.00 92.37  ? 467 ALA A CA  1 
ATOM   101 C C   . ALA A 1 14 ? 14.271  9.355   -1.398  1.00 91.64  ? 467 ALA A C   1 
ATOM   102 O O   . ALA A 1 14 ? 13.070  9.524   -1.636  1.00 85.73  ? 467 ALA A O   1 
ATOM   103 C CB  . ALA A 1 14 ? 15.636  9.249   -3.473  1.00 100.21 ? 467 ALA A CB  1 
ATOM   104 N N   . VAL A 1 15 ? 14.905  9.938   -0.359  1.00 91.27  ? 468 VAL A N   1 
ATOM   105 C CA  . VAL A 1 15 ? 14.229  10.836  0.597   1.00 87.98  ? 468 VAL A CA  1 
ATOM   106 C C   . VAL A 1 15 ? 13.636  12.049  -0.147  1.00 92.13  ? 468 VAL A C   1 
ATOM   107 O O   . VAL A 1 15 ? 14.302  12.594  -1.034  1.00 98.05  ? 468 VAL A O   1 
ATOM   108 C CB  . VAL A 1 15 ? 15.119  11.237  1.815   1.00 96.70  ? 468 VAL A CB  1 
ATOM   109 C CG1 . VAL A 1 15 ? 14.306  11.961  2.889   1.00 93.27  ? 468 VAL A CG1 1 
ATOM   110 C CG2 . VAL A 1 15 ? 15.814  10.024  2.425   1.00 98.18  ? 468 VAL A CG2 1 
ATOM   111 N N   . ASP A 1 16 ? 12.365  12.415  0.215   1.00 82.74  ? 469 ASP A N   1 
ATOM   112 C CA  A ASP A 1 16 ? 11.527  13.503  -0.310  0.50 82.16  ? 469 ASP A CA  1 
ATOM   113 C CA  B ASP A 1 16 ? 11.562  13.524  -0.333  0.50 82.29  ? 469 ASP A CA  1 
ATOM   114 C C   . ASP A 1 16 ? 10.929  13.189  -1.708  1.00 84.97  ? 469 ASP A C   1 
ATOM   115 O O   . ASP A 1 16 ? 10.173  14.005  -2.264  1.00 85.67  ? 469 ASP A O   1 
ATOM   116 C CB  A ASP A 1 16 ? 12.233  14.878  -0.269  0.50 90.77  ? 469 ASP A CB  1 
ATOM   117 C CB  B ASP A 1 16 ? 12.349  14.860  -0.366  0.50 91.13  ? 469 ASP A CB  1 
ATOM   118 C CG  A ASP A 1 16 ? 12.488  15.432  1.128   0.50 100.07 ? 469 ASP A CG  1 
ATOM   119 C CG  B ASP A 1 16 ? 11.509  16.086  -0.664  0.50 98.72  ? 469 ASP A CG  1 
ATOM   120 O OD1 A ASP A 1 16 ? 11.955  14.856  2.109   0.50 95.48  ? 469 ASP A OD1 1 
ATOM   121 O OD1 B ASP A 1 16 ? 10.818  16.568  0.258   0.50 97.00  ? 469 ASP A OD1 1 
ATOM   122 O OD2 A ASP A 1 16 ? 13.198  16.453  1.241   0.50 111.72 ? 469 ASP A OD2 1 
ATOM   123 O OD2 B ASP A 1 16 ? 11.541  16.560  -1.822  0.50 105.53 ? 469 ASP A OD2 1 
ATOM   124 N N   . GLY A 1 17 ? 11.193  11.983  -2.222  1.00 79.06  ? 470 GLY A N   1 
ATOM   125 C CA  . GLY A 1 17 ? 10.650  11.540  -3.505  1.00 77.76  ? 470 GLY A CA  1 
ATOM   126 C C   . GLY A 1 17 ? 9.209   11.085  -3.380  1.00 74.99  ? 470 GLY A C   1 
ATOM   127 O O   . GLY A 1 17 ? 8.622   11.180  -2.299  1.00 70.77  ? 470 GLY A O   1 
ATOM   128 N N   . THR A 1 18 ? 8.627   10.562  -4.473  1.00 71.21  ? 471 THR A N   1 
ATOM   129 C CA  . THR A 1 18 ? 7.250   10.045  -4.461  1.00 65.66  ? 471 THR A CA  1 
ATOM   130 C C   . THR A 1 18 ? 7.180   8.588   -4.909  1.00 69.33  ? 471 THR A C   1 
ATOM   131 O O   . THR A 1 18 ? 7.696   8.258   -5.980  1.00 74.41  ? 471 THR A O   1 
ATOM   132 C CB  . THR A 1 18 ? 6.320   10.941  -5.291  1.00 73.57  ? 471 THR A CB  1 
ATOM   133 O OG1 . THR A 1 18 ? 6.239   12.224  -4.667  1.00 80.23  ? 471 THR A OG1 1 
ATOM   134 C CG2 . THR A 1 18 ? 4.916   10.352  -5.460  1.00 63.38  ? 471 THR A CG2 1 
ATOM   135 N N   . PHE A 1 19 ? 6.520   7.729   -4.111  1.00 60.01  ? 472 PHE A N   1 
ATOM   136 C CA  . PHE A 1 19 ? 6.301   6.330   -4.466  1.00 57.85  ? 472 PHE A CA  1 
ATOM   137 C C   . PHE A 1 19 ? 4.813   5.978   -4.509  1.00 61.45  ? 472 PHE A C   1 
ATOM   138 O O   . PHE A 1 19 ? 4.008   6.539   -3.746  1.00 59.07  ? 472 PHE A O   1 
ATOM   139 C CB  . PHE A 1 19 ? 7.097   5.357   -3.582  1.00 58.28  ? 472 PHE A CB  1 
ATOM   140 C CG  . PHE A 1 19 ? 6.722   5.225   -2.121  1.00 55.45  ? 472 PHE A CG  1 
ATOM   141 C CD1 . PHE A 1 19 ? 7.347   6.005   -1.152  1.00 59.58  ? 472 PHE A CD1 1 
ATOM   142 C CD2 . PHE A 1 19 ? 5.826   4.251   -1.701  1.00 53.25  ? 472 PHE A CD2 1 
ATOM   143 C CE1 . PHE A 1 19 ? 7.058   5.835   0.211   1.00 57.63  ? 472 PHE A CE1 1 
ATOM   144 C CE2 . PHE A 1 19 ? 5.541   4.078   -0.339  1.00 53.96  ? 472 PHE A CE2 1 
ATOM   145 C CZ  . PHE A 1 19 ? 6.165   4.869   0.608   1.00 53.45  ? 472 PHE A CZ  1 
ATOM   146 N N   . VAL A 1 20 ? 4.448   5.064   -5.428  1.00 59.72  ? 473 VAL A N   1 
ATOM   147 C CA  . VAL A 1 20 ? 3.073   4.582   -5.586  1.00 57.17  ? 473 VAL A CA  1 
ATOM   148 C C   . VAL A 1 20 ? 3.058   3.058   -5.373  1.00 61.83  ? 473 VAL A C   1 
ATOM   149 O O   . VAL A 1 20 ? 3.906   2.353   -5.937  1.00 65.61  ? 473 VAL A O   1 
ATOM   150 C CB  . VAL A 1 20 ? 2.449   4.973   -6.951  1.00 63.72  ? 473 VAL A CB  1 
ATOM   151 C CG1 . VAL A 1 20 ? 0.995   4.522   -7.037  1.00 61.55  ? 473 VAL A CG1 1 
ATOM   152 C CG2 . VAL A 1 20 ? 2.552   6.473   -7.212  1.00 66.46  ? 473 VAL A CG2 1 
ATOM   153 N N   . LEU A 1 21 ? 2.101   2.556   -4.566  1.00 53.91  ? 474 LEU A N   1 
ATOM   154 C CA  . LEU A 1 21 ? 1.929   1.129   -4.320  1.00 52.03  ? 474 LEU A CA  1 
ATOM   155 C C   . LEU A 1 21 ? 0.526   0.713   -4.751  1.00 54.47  ? 474 LEU A C   1 
ATOM   156 O O   . LEU A 1 21 ? -0.448  1.034   -4.075  1.00 52.89  ? 474 LEU A O   1 
ATOM   157 C CB  . LEU A 1 21 ? 2.192   0.793   -2.845  1.00 50.26  ? 474 LEU A CB  1 
ATOM   158 C CG  . LEU A 1 21 ? 3.644   0.887   -2.389  1.00 56.84  ? 474 LEU A CG  1 
ATOM   159 C CD1 . LEU A 1 21 ? 3.750   0.860   -0.882  1.00 55.24  ? 474 LEU A CD1 1 
ATOM   160 C CD2 . LEU A 1 21 ? 4.481   -0.210  -3.006  1.00 61.92  ? 474 LEU A CD2 1 
ATOM   161 N N   . SER A 1 22 ? 0.417   0.059   -5.911  1.00 52.68  ? 475 SER A N   1 
ATOM   162 C CA  . SER A 1 22 ? -0.869  -0.372  -6.449  1.00 52.69  ? 475 SER A CA  1 
ATOM   163 C C   . SER A 1 22 ? -1.183  -1.824  -6.124  1.00 54.16  ? 475 SER A C   1 
ATOM   164 O O   . SER A 1 22 ? -0.309  -2.576  -5.700  1.00 53.28  ? 475 SER A O   1 
ATOM   165 C CB  . SER A 1 22 ? -0.986  -0.080  -7.943  1.00 61.82  ? 475 SER A CB  1 
ATOM   166 O OG  . SER A 1 22 ? 0.198   -0.425  -8.644  1.00 78.31  ? 475 SER A OG  1 
ATOM   167 N N   . CYS A 1 23 ? -2.454  -2.196  -6.287  1.00 50.99  ? 476 CYS A N   1 
ATOM   168 C CA  . CYS A 1 23 ? -2.986  -3.505  -5.962  1.00 50.43  ? 476 CYS A CA  1 
ATOM   169 C C   . CYS A 1 23 ? -4.308  -3.775  -6.677  1.00 53.93  ? 476 CYS A C   1 
ATOM   170 O O   . CYS A 1 23 ? -5.234  -2.955  -6.603  1.00 54.44  ? 476 CYS A O   1 
ATOM   171 C CB  . CYS A 1 23 ? -3.150  -3.631  -4.457  1.00 48.85  ? 476 CYS A CB  1 
ATOM   172 S SG  . CYS A 1 23 ? -2.901  -5.306  -3.849  1.00 53.77  ? 476 CYS A SG  1 
ATOM   173 N N   . VAL A 1 24 ? -4.398  -4.937  -7.354  1.00 49.72  ? 477 VAL A N   1 
ATOM   174 C CA  . VAL A 1 24 ? -5.593  -5.375  -8.084  1.00 51.29  ? 477 VAL A CA  1 
ATOM   175 C C   . VAL A 1 24 ? -6.125  -6.661  -7.449  1.00 54.39  ? 477 VAL A C   1 
ATOM   176 O O   . VAL A 1 24 ? -5.370  -7.629  -7.308  1.00 55.01  ? 477 VAL A O   1 
ATOM   177 C CB  . VAL A 1 24 ? -5.309  -5.552  -9.593  1.00 58.32  ? 477 VAL A CB  1 
ATOM   178 C CG1 . VAL A 1 24 ? -6.483  -6.209  -10.296 1.00 62.14  ? 477 VAL A CG1 1 
ATOM   179 C CG2 . VAL A 1 24 ? -4.974  -4.223  -10.250 1.00 59.04  ? 477 VAL A CG2 1 
ATOM   180 N N   . ALA A 1 25 ? -7.404  -6.669  -7.049  1.00 49.68  ? 478 ALA A N   1 
ATOM   181 C CA  . ALA A 1 25 ? -7.995  -7.849  -6.436  1.00 50.32  ? 478 ALA A CA  1 
ATOM   182 C C   . ALA A 1 25 ? -9.307  -8.229  -7.096  1.00 61.99  ? 478 ALA A C   1 
ATOM   183 O O   . ALA A 1 25 ? -10.095 -7.355  -7.480  1.00 63.87  ? 478 ALA A O   1 
ATOM   184 C CB  . ALA A 1 25 ? -8.188  -7.637  -4.951  1.00 48.10  ? 478 ALA A CB  1 
ATOM   185 N N   . THR A 1 26 ? -9.535  -9.543  -7.228  1.00 62.43  ? 479 THR A N   1 
ATOM   186 C CA  . THR A 1 26 ? -10.727 -10.102 -7.851  1.00 68.25  ? 479 THR A CA  1 
ATOM   187 C C   . THR A 1 26 ? -11.596 -10.845 -6.851  1.00 75.97  ? 479 THR A C   1 
ATOM   188 O O   . THR A 1 26 ? -11.078 -11.470 -5.920  1.00 74.35  ? 479 THR A O   1 
ATOM   189 C CB  . THR A 1 26 ? -10.342 -11.010 -9.030  1.00 79.96  ? 479 THR A CB  1 
ATOM   190 O OG1 . THR A 1 26 ? -9.566  -12.121 -8.571  1.00 74.85  ? 479 THR A OG1 1 
ATOM   191 C CG2 . THR A 1 26 ? -9.606  -10.259 -10.135 1.00 80.52  ? 479 THR A CG2 1 
ATOM   192 N N   . GLY A 1 27 ? -12.906 -10.797 -7.078  1.00 77.79  ? 480 GLY A N   1 
ATOM   193 C CA  . GLY A 1 27 ? -13.893 -11.493 -6.262  1.00 81.21  ? 480 GLY A CA  1 
ATOM   194 C C   . GLY A 1 27 ? -15.300 -10.935 -6.338  1.00 89.28  ? 480 GLY A C   1 
ATOM   195 O O   . GLY A 1 27 ? -15.517 -9.819  -6.824  1.00 87.77  ? 480 GLY A O   1 
ATOM   196 N N   . SER A 1 28 ? -16.266 -11.730 -5.850  1.00 91.31  ? 481 SER A N   1 
ATOM   197 C CA  . SER A 1 28 ? -17.669 -11.351 -5.744  1.00 97.32  ? 481 SER A CA  1 
ATOM   198 C C   . SER A 1 28 ? -18.015 -11.505 -4.256  1.00 102.07 ? 481 SER A C   1 
ATOM   199 O O   . SER A 1 28 ? -17.941 -12.626 -3.746  1.00 103.54 ? 481 SER A O   1 
ATOM   200 C CB  . SER A 1 28 ? -18.550 -12.232 -6.625  1.00 109.07 ? 481 SER A CB  1 
ATOM   201 O OG  . SER A 1 28 ? -19.742 -11.553 -6.989  1.00 125.05 ? 481 SER A OG  1 
ATOM   202 N N   . PRO A 1 29 ? -18.264 -10.409 -3.497  1.00 97.99  ? 482 PRO A N   1 
ATOM   203 C CA  . PRO A 1 29 ? -18.365 -8.993  -3.915  1.00 96.46  ? 482 PRO A CA  1 
ATOM   204 C C   . PRO A 1 29 ? -17.019 -8.323  -4.231  1.00 90.49  ? 482 PRO A C   1 
ATOM   205 O O   . PRO A 1 29 ? -15.969 -8.939  -4.043  1.00 85.35  ? 482 PRO A O   1 
ATOM   206 C CB  . PRO A 1 29 ? -19.076 -8.337  -2.724  1.00 101.24 ? 482 PRO A CB  1 
ATOM   207 C CG  . PRO A 1 29 ? -18.607 -9.134  -1.549  1.00 103.87 ? 482 PRO A CG  1 
ATOM   208 C CD  . PRO A 1 29 ? -18.550 -10.554 -2.054  1.00 101.36 ? 482 PRO A CD  1 
ATOM   209 N N   . VAL A 1 30 ? -17.065 -7.063  -4.716  1.00 84.38  ? 483 VAL A N   1 
ATOM   210 C CA  . VAL A 1 30 ? -15.891 -6.274  -5.091  1.00 76.96  ? 483 VAL A CA  1 
ATOM   211 C C   . VAL A 1 30 ? -15.011 -6.014  -3.862  1.00 73.78  ? 483 VAL A C   1 
ATOM   212 O O   . VAL A 1 30 ? -15.459 -5.330  -2.935  1.00 73.81  ? 483 VAL A O   1 
ATOM   213 C CB  . VAL A 1 30 ? -16.272 -4.976  -5.833  1.00 82.61  ? 483 VAL A CB  1 
ATOM   214 C CG1 . VAL A 1 30 ? -15.029 -4.273  -6.356  1.00 76.59  ? 483 VAL A CG1 1 
ATOM   215 C CG2 . VAL A 1 30 ? -17.252 -5.260  -6.974  1.00 89.49  ? 483 VAL A CG2 1 
ATOM   216 N N   . PRO A 1 31 ? -13.780 -6.599  -3.818  1.00 64.97  ? 484 PRO A N   1 
ATOM   217 C CA  . PRO A 1 31 ? -12.940 -6.454  -2.622  1.00 60.00  ? 484 PRO A CA  1 
ATOM   218 C C   . PRO A 1 31 ? -12.488 -5.040  -2.307  1.00 59.74  ? 484 PRO A C   1 
ATOM   219 O O   . PRO A 1 31 ? -12.204 -4.241  -3.206  1.00 57.43  ? 484 PRO A O   1 
ATOM   220 C CB  . PRO A 1 31 ? -11.759 -7.392  -2.894  1.00 58.67  ? 484 PRO A CB  1 
ATOM   221 C CG  . PRO A 1 31 ? -12.221 -8.309  -3.985  1.00 66.78  ? 484 PRO A CG  1 
ATOM   222 C CD  . PRO A 1 31 ? -13.121 -7.467  -4.816  1.00 65.68  ? 484 PRO A CD  1 
ATOM   223 N N   . THR A 1 32 ? -12.465 -4.736  -1.008  1.00 55.82  ? 485 THR A N   1 
ATOM   224 C CA  . THR A 1 32 ? -12.035 -3.448  -0.480  1.00 53.29  ? 485 THR A CA  1 
ATOM   225 C C   . THR A 1 32 ? -10.561 -3.599  -0.187  1.00 52.50  ? 485 THR A C   1 
ATOM   226 O O   . THR A 1 32 ? -10.153 -4.628  0.350   1.00 53.36  ? 485 THR A O   1 
ATOM   227 C CB  . THR A 1 32 ? -12.809 -3.100  0.800   1.00 63.69  ? 485 THR A CB  1 
ATOM   228 O OG1 . THR A 1 32 ? -14.195 -3.391  0.615   1.00 68.02  ? 485 THR A OG1 1 
ATOM   229 C CG2 . THR A 1 32 ? -12.626 -1.646  1.213   1.00 60.82  ? 485 THR A CG2 1 
ATOM   230 N N   . ILE A 1 33 ? -9.757  -2.599  -0.540  1.00 44.42  ? 486 ILE A N   1 
ATOM   231 C CA  . ILE A 1 33 ? -8.324  -2.673  -0.284  1.00 40.03  ? 486 ILE A CA  1 
ATOM   232 C C   . ILE A 1 33 ? -7.949  -1.792  0.900   1.00 42.98  ? 486 ILE A C   1 
ATOM   233 O O   . ILE A 1 33 ? -8.349  -0.632  0.979   1.00 43.13  ? 486 ILE A O   1 
ATOM   234 C CB  . ILE A 1 33 ? -7.442  -2.411  -1.556  1.00 40.97  ? 486 ILE A CB  1 
ATOM   235 C CG1 . ILE A 1 33 ? -7.930  -3.215  -2.802  1.00 42.96  ? 486 ILE A CG1 1 
ATOM   236 C CG2 . ILE A 1 33 ? -5.928  -2.632  -1.291  1.00 38.25  ? 486 ILE A CG2 1 
ATOM   237 C CD1 . ILE A 1 33 ? -7.989  -4.739  -2.679  1.00 49.14  ? 486 ILE A CD1 1 
ATOM   238 N N   . LEU A 1 34 ? -7.201  -2.369  1.833   1.00 38.82  ? 487 LEU A N   1 
ATOM   239 C CA  . LEU A 1 34 ? -6.657  -1.668  2.983   1.00 38.01  ? 487 LEU A CA  1 
ATOM   240 C C   . LEU A 1 34 ? -5.142  -1.815  2.918   1.00 39.96  ? 487 LEU A C   1 
ATOM   241 O O   . LEU A 1 34 ? -4.624  -2.812  2.396   1.00 38.79  ? 487 LEU A O   1 
ATOM   242 C CB  . LEU A 1 34 ? -7.197  -2.230  4.314   1.00 40.90  ? 487 LEU A CB  1 
ATOM   243 C CG  . LEU A 1 34 ? -8.561  -1.758  4.804   1.00 48.83  ? 487 LEU A CG  1 
ATOM   244 C CD1 . LEU A 1 34 ? -8.834  -0.302  4.429   1.00 48.67  ? 487 LEU A CD1 1 
ATOM   245 C CD2 . LEU A 1 34 ? -9.657  -2.697  4.351   1.00 53.16  ? 487 LEU A CD2 1 
ATOM   246 N N   . TRP A 1 35 ? -4.437  -0.811  3.431   1.00 35.83  ? 488 TRP A N   1 
ATOM   247 C CA  . TRP A 1 35 ? -2.992  -0.813  3.442   1.00 34.27  ? 488 TRP A CA  1 
ATOM   248 C C   . TRP A 1 35 ? -2.469  -0.870  4.848   1.00 37.81  ? 488 TRP A C   1 
ATOM   249 O O   . TRP A 1 35 ? -2.956  -0.174  5.736   1.00 38.99  ? 488 TRP A O   1 
ATOM   250 C CB  . TRP A 1 35 ? -2.446  0.403   2.692   1.00 32.32  ? 488 TRP A CB  1 
ATOM   251 C CG  . TRP A 1 35 ? -2.707  0.315   1.228   1.00 32.68  ? 488 TRP A CG  1 
ATOM   252 C CD1 . TRP A 1 35 ? -3.777  0.823   0.559   1.00 36.33  ? 488 TRP A CD1 1 
ATOM   253 C CD2 . TRP A 1 35 ? -1.947  -0.428  0.271   1.00 32.21  ? 488 TRP A CD2 1 
ATOM   254 N NE1 . TRP A 1 35 ? -3.699  0.498   -0.772  1.00 36.20  ? 488 TRP A NE1 1 
ATOM   255 C CE2 . TRP A 1 35 ? -2.590  -0.284  -0.975  1.00 37.05  ? 488 TRP A CE2 1 
ATOM   256 C CE3 . TRP A 1 35 ? -0.749  -1.150  0.332   1.00 33.61  ? 488 TRP A CE3 1 
ATOM   257 C CZ2 . TRP A 1 35 ? -2.083  -0.854  -2.150  1.00 37.16  ? 488 TRP A CZ2 1 
ATOM   258 C CZ3 . TRP A 1 35 ? -0.238  -1.697  -0.835  1.00 35.95  ? 488 TRP A CZ3 1 
ATOM   259 C CH2 . TRP A 1 35 ? -0.903  -1.552  -2.056  1.00 37.13  ? 488 TRP A CH2 1 
ATOM   260 N N   . ARG A 1 36 ? -1.466  -1.694  5.050   1.00 33.55  ? 489 ARG A N   1 
ATOM   261 C CA  . ARG A 1 36 ? -0.862  -1.843  6.352   1.00 35.36  ? 489 ARG A CA  1 
ATOM   262 C C   . ARG A 1 36 ? 0.613   -1.548  6.212   1.00 38.97  ? 489 ARG A C   1 
ATOM   263 O O   . ARG A 1 36 ? 1.242   -2.036  5.269   1.00 38.56  ? 489 ARG A O   1 
ATOM   264 C CB  . ARG A 1 36 ? -1.066  -3.282  6.820   1.00 37.57  ? 489 ARG A CB  1 
ATOM   265 C CG  . ARG A 1 36 ? -1.061  -3.464  8.321   1.00 54.81  ? 489 ARG A CG  1 
ATOM   266 C CD  . ARG A 1 36 ? -1.261  -4.922  8.678   1.00 68.08  ? 489 ARG A CD  1 
ATOM   267 N NE  . ARG A 1 36 ? -0.152  -5.739  8.185   1.00 74.69  ? 489 ARG A NE  1 
ATOM   268 C CZ  . ARG A 1 36 ? -0.286  -6.969  7.705   1.00 86.82  ? 489 ARG A CZ  1 
ATOM   269 N NH1 . ARG A 1 36 ? -1.480  -7.546  7.661   1.00 66.73  ? 489 ARG A NH1 1 
ATOM   270 N NH2 . ARG A 1 36 ? 0.773   -7.634  7.264   1.00 77.74  ? 489 ARG A NH2 1 
ATOM   271 N N   . LYS A 1 37 ? 1.166   -0.733  7.119   1.00 35.27  ? 490 LYS A N   1 
ATOM   272 C CA  . LYS A 1 37 ? 2.599   -0.460  7.146   1.00 35.36  ? 490 LYS A CA  1 
ATOM   273 C C   . LYS A 1 37 ? 3.104   -0.945  8.481   1.00 41.14  ? 490 LYS A C   1 
ATOM   274 O O   . LYS A 1 37 ? 2.669   -0.457  9.532   1.00 43.53  ? 490 LYS A O   1 
ATOM   275 C CB  . LYS A 1 37 ? 2.924   1.018   6.874   1.00 37.25  ? 490 LYS A CB  1 
ATOM   276 C CG  . LYS A 1 37 ? 4.209   1.558   7.523   1.00 47.97  ? 490 LYS A CG  1 
ATOM   277 C CD  . LYS A 1 37 ? 5.505   1.125   6.872   1.00 51.73  ? 490 LYS A CD  1 
ATOM   278 C CE  . LYS A 1 37 ? 6.594   2.109   7.219   1.00 62.04  ? 490 LYS A CE  1 
ATOM   279 N NZ  . LYS A 1 37 ? 6.908   2.163   8.673   1.00 70.86  ? 490 LYS A NZ  1 
ATOM   280 N N   . ASP A 1 38 ? 3.968   -1.967  8.430   1.00 36.84  ? 491 ASP A N   1 
ATOM   281 C CA  . ASP A 1 38 ? 4.556   -2.620  9.589   1.00 40.57  ? 491 ASP A CA  1 
ATOM   282 C C   . ASP A 1 38 ? 3.509   -3.008  10.639  1.00 45.10  ? 491 ASP A C   1 
ATOM   283 O O   . ASP A 1 38 ? 3.710   -2.810  11.833  1.00 48.64  ? 491 ASP A O   1 
ATOM   284 C CB  . ASP A 1 38 ? 5.711   -1.796  10.184  1.00 45.74  ? 491 ASP A CB  1 
ATOM   285 C CG  . ASP A 1 38 ? 6.986   -1.807  9.358   1.00 54.81  ? 491 ASP A CG  1 
ATOM   286 O OD1 . ASP A 1 38 ? 7.377   -2.901  8.880   1.00 56.26  ? 491 ASP A OD1 1 
ATOM   287 O OD2 . ASP A 1 38 ? 7.638   -0.743  9.263   1.00 58.34  ? 491 ASP A OD2 1 
ATOM   288 N N   . GLY A 1 39 ? 2.400   -3.565  10.169  1.00 39.59  ? 492 GLY A N   1 
ATOM   289 C CA  . GLY A 1 39 ? 1.343   -4.065  11.038  1.00 42.26  ? 492 GLY A CA  1 
ATOM   290 C C   . GLY A 1 39 ? 0.435   -3.024  11.639  1.00 45.95  ? 492 GLY A C   1 
ATOM   291 O O   . GLY A 1 39 ? -0.235  -3.278  12.641  1.00 50.64  ? 492 GLY A O   1 
ATOM   292 N N   . VAL A 1 40 ? 0.408   -1.861  11.027  1.00 38.27  ? 493 VAL A N   1 
ATOM   293 C CA  . VAL A 1 40 ? -0.419  -0.747  11.443  1.00 38.58  ? 493 VAL A CA  1 
ATOM   294 C C   . VAL A 1 40 ? -1.039  -0.115  10.195  1.00 39.52  ? 493 VAL A C   1 
ATOM   295 O O   . VAL A 1 40 ? -0.321  0.176   9.228   1.00 35.24  ? 493 VAL A O   1 
ATOM   296 C CB  . VAL A 1 40 ? 0.395   0.220   12.334  1.00 44.63  ? 493 VAL A CB  1 
ATOM   297 C CG1 . VAL A 1 40 ? -0.026  1.675   12.149  1.00 43.43  ? 493 VAL A CG1 1 
ATOM   298 C CG2 . VAL A 1 40 ? 0.289   -0.197  13.795  1.00 50.60  ? 493 VAL A CG2 1 
ATOM   299 N N   . LEU A 1 41 ? -2.383  0.038   10.204  1.00 38.58  ? 494 LEU A N   1 
ATOM   300 C CA  . LEU A 1 41 ? -3.142  0.595   9.079   1.00 36.35  ? 494 LEU A CA  1 
ATOM   301 C C   . LEU A 1 41 ? -2.680  1.985   8.707   1.00 41.93  ? 494 LEU A C   1 
ATOM   302 O O   . LEU A 1 41 ? -2.554  2.854   9.574   1.00 45.17  ? 494 LEU A O   1 
ATOM   303 C CB  . LEU A 1 41 ? -4.659  0.600   9.328   1.00 38.77  ? 494 LEU A CB  1 
ATOM   304 C CG  . LEU A 1 41 ? -5.436  -0.674  9.006   1.00 43.34  ? 494 LEU A CG  1 
ATOM   305 C CD1 . LEU A 1 41 ? -6.834  -0.631  9.626   1.00 47.91  ? 494 LEU A CD1 1 
ATOM   306 C CD2 . LEU A 1 41 ? -5.551  -0.892  7.516   1.00 41.83  ? 494 LEU A CD2 1 
ATOM   307 N N   . VAL A 1 42 ? -2.412  2.177   7.412   1.00 36.08  ? 495 VAL A N   1 
ATOM   308 C CA  . VAL A 1 42 ? -1.972  3.427   6.824   1.00 35.83  ? 495 VAL A CA  1 
ATOM   309 C C   . VAL A 1 42 ? -3.055  4.486   7.041   1.00 47.73  ? 495 VAL A C   1 
ATOM   310 O O   . VAL A 1 42 ? -4.238  4.234   6.764   1.00 47.36  ? 495 VAL A O   1 
ATOM   311 C CB  . VAL A 1 42 ? -1.609  3.205   5.345   1.00 36.35  ? 495 VAL A CB  1 
ATOM   312 C CG1 . VAL A 1 42 ? -1.418  4.523   4.629   1.00 36.00  ? 495 VAL A CG1 1 
ATOM   313 C CG2 . VAL A 1 42 ? -0.350  2.348   5.219   1.00 35.65  ? 495 VAL A CG2 1 
ATOM   314 N N   . SER A 1 43 ? -2.648  5.649   7.600   1.00 51.77  ? 496 SER A N   1 
ATOM   315 C CA  . SER A 1 43 ? -3.547  6.758   7.968   1.00 56.40  ? 496 SER A CA  1 
ATOM   316 C C   . SER A 1 43 ? -4.338  7.356   6.812   1.00 61.13  ? 496 SER A C   1 
ATOM   317 O O   . SER A 1 43 ? -3.816  7.611   5.719   1.00 59.00  ? 496 SER A O   1 
ATOM   318 C CB  . SER A 1 43 ? -2.805  7.863   8.722   1.00 62.96  ? 496 SER A CB  1 
ATOM   319 O OG  . SER A 1 43 ? -2.074  8.709   7.851   1.00 70.47  ? 496 SER A OG  1 
ATOM   320 N N   . THR A 1 44 ? -5.600  7.610   7.098   1.00 60.95  ? 497 THR A N   1 
ATOM   321 C CA  . THR A 1 44 ? -6.530  8.206   6.154   1.00 62.43  ? 497 THR A CA  1 
ATOM   322 C C   . THR A 1 44 ? -6.466  9.754   6.259   1.00 68.19  ? 497 THR A C   1 
ATOM   323 O O   . THR A 1 44 ? -7.135  10.452  5.481   1.00 69.20  ? 497 THR A O   1 
ATOM   324 C CB  . THR A 1 44 ? -7.958  7.662   6.439   1.00 77.91  ? 497 THR A CB  1 
ATOM   325 O OG1 . THR A 1 44 ? -8.414  8.127   7.721   1.00 82.27  ? 497 THR A OG1 1 
ATOM   326 C CG2 . THR A 1 44 ? -8.048  6.118   6.346   1.00 74.39  ? 497 THR A CG2 1 
ATOM   327 N N   . GLN A 1 45 ? -5.664  10.277  7.227   1.00 64.36  ? 498 GLN A N   1 
ATOM   328 C CA  . GLN A 1 45 ? -5.615  11.703  7.519   1.00 67.00  ? 498 GLN A CA  1 
ATOM   329 C C   . GLN A 1 45 ? -4.229  12.367  7.420   1.00 68.09  ? 498 GLN A C   1 
ATOM   330 O O   . GLN A 1 45 ? -4.001  13.391  8.079   1.00 71.34  ? 498 GLN A O   1 
ATOM   331 C CB  . GLN A 1 45 ? -6.249  11.975  8.902   1.00 73.67  ? 498 GLN A CB  1 
ATOM   332 C CG  . GLN A 1 45 ? -7.740  11.588  9.032   1.00 85.35  ? 498 GLN A CG  1 
ATOM   333 C CD  . GLN A 1 45 ? -8.615  12.037  7.874   1.00 90.84  ? 498 GLN A CD  1 
ATOM   334 O OE1 . GLN A 1 45 ? -8.653  13.218  7.494   1.00 80.93  ? 498 GLN A OE1 1 
ATOM   335 N NE2 . GLN A 1 45 ? -9.334  11.086  7.288   1.00 79.81  ? 498 GLN A NE2 1 
ATOM   336 N N   . ASP A 1 46 ? -3.340  11.848  6.555   1.00 59.00  ? 499 ASP A N   1 
ATOM   337 C CA  . ASP A 1 46 ? -2.031  12.460  6.317   1.00 57.87  ? 499 ASP A CA  1 
ATOM   338 C C   . ASP A 1 46 ? -2.097  13.173  4.974   1.00 60.27  ? 499 ASP A C   1 
ATOM   339 O O   . ASP A 1 46 ? -2.438  12.544  3.974   1.00 57.66  ? 499 ASP A O   1 
ATOM   340 C CB  . ASP A 1 46 ? -0.907  11.403  6.317   1.00 57.14  ? 499 ASP A CB  1 
ATOM   341 C CG  . ASP A 1 46 ? 0.528   11.918  6.173   1.00 71.97  ? 499 ASP A CG  1 
ATOM   342 O OD1 . ASP A 1 46 ? 0.737   12.929  5.463   1.00 74.05  ? 499 ASP A OD1 1 
ATOM   343 O OD2 . ASP A 1 46 ? 1.446   11.277  6.732   1.00 78.85  ? 499 ASP A OD2 1 
ATOM   344 N N   . SER A 1 47 ? -1.741  14.472  4.941   1.00 59.04  ? 500 SER A N   1 
ATOM   345 C CA  . SER A 1 47 ? -1.749  15.291  3.724   1.00 60.01  ? 500 SER A CA  1 
ATOM   346 C C   . SER A 1 47 ? -0.878  14.750  2.592   1.00 61.57  ? 500 SER A C   1 
ATOM   347 O O   . SER A 1 47 ? -1.191  15.002  1.430   1.00 61.75  ? 500 SER A O   1 
ATOM   348 C CB  . SER A 1 47 ? -1.386  16.738  4.033   1.00 67.71  ? 500 SER A CB  1 
ATOM   349 O OG  . SER A 1 47 ? -0.244  16.818  4.870   1.00 76.95  ? 500 SER A OG  1 
ATOM   350 N N   . ARG A 1 48 ? 0.193   13.992  2.921   1.00 56.65  ? 501 ARG A N   1 
ATOM   351 C CA  . ARG A 1 48 ? 1.110   13.439  1.921   1.00 55.43  ? 501 ARG A CA  1 
ATOM   352 C C   . ARG A 1 48 ? 0.766   12.000  1.505   1.00 57.02  ? 501 ARG A C   1 
ATOM   353 O O   . ARG A 1 48 ? 1.134   11.602  0.402   1.00 56.44  ? 501 ARG A O   1 
ATOM   354 C CB  . ARG A 1 48 ? 2.587   13.574  2.348   1.00 55.81  ? 501 ARG A CB  1 
ATOM   355 C CG  . ARG A 1 48 ? 3.010   12.708  3.516   1.00 63.75  ? 501 ARG A CG  1 
ATOM   356 C CD  . ARG A 1 48 ? 4.441   12.959  3.933   1.00 70.72  ? 501 ARG A CD  1 
ATOM   357 N NE  . ARG A 1 48 ? 4.847   12.007  4.965   1.00 72.02  ? 501 ARG A NE  1 
ATOM   358 C CZ  . ARG A 1 48 ? 5.430   10.842  4.713   1.00 82.26  ? 501 ARG A CZ  1 
ATOM   359 N NH1 . ARG A 1 48 ? 5.708   10.486  3.466   1.00 70.24  ? 501 ARG A NH1 1 
ATOM   360 N NH2 . ARG A 1 48 ? 5.751   10.026  5.707   1.00 64.22  ? 501 ARG A NH2 1 
ATOM   361 N N   . ILE A 1 49 ? 0.069   11.231  2.364   1.00 52.83  ? 502 ILE A N   1 
ATOM   362 C CA  . ILE A 1 49 ? -0.359  9.858   2.049   1.00 50.18  ? 502 ILE A CA  1 
ATOM   363 C C   . ILE A 1 49 ? -1.811  9.895   1.510   1.00 58.32  ? 502 ILE A C   1 
ATOM   364 O O   . ILE A 1 49 ? -2.737  10.195  2.269   1.00 60.66  ? 502 ILE A O   1 
ATOM   365 C CB  . ILE A 1 49 ? -0.246  8.915   3.264   1.00 51.16  ? 502 ILE A CB  1 
ATOM   366 C CG1 . ILE A 1 49 ? 1.156   8.950   3.916   1.00 52.40  ? 502 ILE A CG1 1 
ATOM   367 C CG2 . ILE A 1 49 ? -0.636  7.521   2.848   1.00 48.60  ? 502 ILE A CG2 1 
ATOM   368 C CD1 . ILE A 1 49 ? 1.202   8.322   5.369   1.00 58.60  ? 502 ILE A CD1 1 
ATOM   369 N N   . LYS A 1 50 ? -2.010  9.590   0.215   1.00 55.60  ? 503 LYS A N   1 
ATOM   370 C CA  . LYS A 1 50 ? -3.335  9.620   -0.415  1.00 56.70  ? 503 LYS A CA  1 
ATOM   371 C C   . LYS A 1 50 ? -3.742  8.244   -0.943  1.00 60.14  ? 503 LYS A C   1 
ATOM   372 O O   . LYS A 1 50 ? -2.961  7.595   -1.663  1.00 58.87  ? 503 LYS A O   1 
ATOM   373 C CB  . LYS A 1 50 ? -3.401  10.674  -1.539  1.00 62.10  ? 503 LYS A CB  1 
ATOM   374 C CG  . LYS A 1 50 ? -3.278  12.121  -1.067  1.00 75.74  ? 503 LYS A CG  1 
ATOM   375 C CD  . LYS A 1 50 ? -3.271  13.083  -2.247  0.00 90.07  ? 503 LYS A CD  1 
ATOM   376 C CE  . LYS A 1 50 ? -3.103  14.519  -1.818  0.00 104.50 ? 503 LYS A CE  1 
ATOM   377 N NZ  . LYS A 1 50 ? -3.072  15.439  -2.986  0.00 118.47 ? 503 LYS A NZ  1 
ATOM   378 N N   . GLN A 1 51 ? -4.967  7.805   -0.549  1.00 57.63  ? 504 GLN A N   1 
ATOM   379 C CA  A GLN A 1 51 ? -5.561  6.529   -0.950  0.50 56.55  ? 504 GLN A CA  1 
ATOM   380 C CA  B GLN A 1 51 ? -5.555  6.526   -0.962  0.50 56.41  ? 504 GLN A CA  1 
ATOM   381 C C   . GLN A 1 51 ? -6.486  6.808   -2.142  1.00 64.11  ? 504 GLN A C   1 
ATOM   382 O O   . GLN A 1 51 ? -7.718  6.681   -2.040  1.00 65.54  ? 504 GLN A O   1 
ATOM   383 C CB  A GLN A 1 51 ? -6.305  5.866   0.230   0.50 57.60  ? 504 GLN A CB  1 
ATOM   384 C CB  B GLN A 1 51 ? -6.271  5.811   0.205   0.50 57.24  ? 504 GLN A CB  1 
ATOM   385 C CG  A GLN A 1 51 ? -5.400  5.422   1.389   0.50 62.49  ? 504 GLN A CG  1 
ATOM   386 C CG  B GLN A 1 51 ? -5.319  5.109   1.179   0.50 58.24  ? 504 GLN A CG  1 
ATOM   387 C CD  A GLN A 1 51 ? -5.181  6.457   2.481   0.50 75.33  ? 504 GLN A CD  1 
ATOM   388 C CD  B GLN A 1 51 ? -6.008  4.310   2.266   0.50 67.59  ? 504 GLN A CD  1 
ATOM   389 O OE1 A GLN A 1 51 ? -5.586  7.625   2.400   0.50 76.13  ? 504 GLN A OE1 1 
ATOM   390 O OE1 B GLN A 1 51 ? -6.883  4.806   2.988   0.50 68.86  ? 504 GLN A OE1 1 
ATOM   391 N NE2 A GLN A 1 51 ? -4.528  6.042   3.547   0.50 57.87  ? 504 GLN A NE2 1 
ATOM   392 N NE2 B GLN A 1 51 ? -5.576  3.072   2.462   0.50 46.34  ? 504 GLN A NE2 1 
ATOM   393 N N   . LEU A 1 52 ? -5.856  7.249   -3.259  1.00 63.45  ? 505 LEU A N   1 
ATOM   394 C CA  . LEU A 1 52 ? -6.394  7.645   -4.563  1.00 67.67  ? 505 LEU A CA  1 
ATOM   395 C C   . LEU A 1 52 ? -7.670  6.957   -5.007  1.00 75.18  ? 505 LEU A C   1 
ATOM   396 O O   . LEU A 1 52 ? -8.716  7.601   -5.146  1.00 79.45  ? 505 LEU A O   1 
ATOM   397 C CB  . LEU A 1 52 ? -5.331  7.398   -5.664  1.00 67.62  ? 505 LEU A CB  1 
ATOM   398 C CG  . LEU A 1 52 ? -4.535  8.596   -6.185  1.00 74.12  ? 505 LEU A CG  1 
ATOM   399 C CD1 . LEU A 1 52 ? -3.582  9.146   -5.125  1.00 71.73  ? 505 LEU A CD1 1 
ATOM   400 C CD2 . LEU A 1 52 ? -3.733  8.203   -7.406  1.00 77.69  ? 505 LEU A CD2 1 
ATOM   401 N N   . GLU A 1 53 ? -7.580  5.642   -5.177  1.00 69.43  ? 506 GLU A N   1 
ATOM   402 C CA  . GLU A 1 53 ? -8.678  4.774   -5.562  1.00 71.28  ? 506 GLU A CA  1 
ATOM   403 C C   . GLU A 1 53 ? -8.577  3.512   -4.696  1.00 69.20  ? 506 GLU A C   1 
ATOM   404 O O   . GLU A 1 53 ? -7.596  3.353   -3.957  1.00 65.14  ? 506 GLU A O   1 
ATOM   405 C CB  . GLU A 1 53 ? -8.501  4.440   -7.057  1.00 75.68  ? 506 GLU A CB  1 
ATOM   406 C CG  . GLU A 1 53 ? -9.750  3.981   -7.790  1.00 94.07  ? 506 GLU A CG  1 
ATOM   407 C CD  . GLU A 1 53 ? -9.814  2.490   -8.060  1.00 114.26 ? 506 GLU A CD  1 
ATOM   408 O OE1 . GLU A 1 53 ? -8.763  1.878   -8.367  1.00 95.58  ? 506 GLU A OE1 1 
ATOM   409 O OE2 . GLU A 1 53 ? -10.935 1.937   -7.991  1.00 114.03 ? 506 GLU A OE2 1 
ATOM   410 N N   . ASN A 1 54 ? -9.592  2.635   -4.757  1.00 65.21  ? 507 ASN A N   1 
ATOM   411 C CA  . ASN A 1 54 ? -9.551  1.375   -4.037  1.00 61.92  ? 507 ASN A CA  1 
ATOM   412 C C   . ASN A 1 54 ? -8.487  0.556   -4.775  1.00 63.44  ? 507 ASN A C   1 
ATOM   413 O O   . ASN A 1 54 ? -8.681  0.200   -5.942  1.00 65.54  ? 507 ASN A O   1 
ATOM   414 C CB  . ASN A 1 54 ? -10.920 0.694   -4.093  1.00 64.91  ? 507 ASN A CB  1 
ATOM   415 C CG  . ASN A 1 54 ? -11.080 -0.517  -3.208  1.00 72.61  ? 507 ASN A CG  1 
ATOM   416 O OD1 . ASN A 1 54 ? -11.144 -0.411  -1.980  1.00 66.37  ? 507 ASN A OD1 1 
ATOM   417 N ND2 . ASN A 1 54 ? -11.268 -1.679  -3.818  1.00 60.35  ? 507 ASN A ND2 1 
ATOM   418 N N   . GLY A 1 55 ? -7.323  0.407   -4.141  1.00 55.67  ? 508 GLY A N   1 
ATOM   419 C CA  . GLY A 1 55 ? -6.194  -0.335  -4.694  1.00 53.10  ? 508 GLY A CA  1 
ATOM   420 C C   . GLY A 1 55 ? -4.951  0.477   -4.979  1.00 52.97  ? 508 GLY A C   1 
ATOM   421 O O   . GLY A 1 55 ? -3.913  -0.083  -5.301  1.00 52.39  ? 508 GLY A O   1 
ATOM   422 N N   . VAL A 1 56 ? -5.034  1.787   -4.892  1.00 48.11  ? 509 VAL A N   1 
ATOM   423 C CA  . VAL A 1 56 ? -3.866  2.607   -5.170  1.00 47.12  ? 509 VAL A CA  1 
ATOM   424 C C   . VAL A 1 56 ? -3.553  3.445   -3.957  1.00 49.10  ? 509 VAL A C   1 
ATOM   425 O O   . VAL A 1 56 ? -4.432  4.116   -3.408  1.00 50.16  ? 509 VAL A O   1 
ATOM   426 C CB  . VAL A 1 56 ? -3.951  3.482   -6.460  1.00 54.35  ? 509 VAL A CB  1 
ATOM   427 C CG1 . VAL A 1 56 ? -2.619  3.491   -7.195  1.00 55.18  ? 509 VAL A CG1 1 
ATOM   428 C CG2 . VAL A 1 56 ? -5.084  3.060   -7.399  1.00 57.21  ? 509 VAL A CG2 1 
ATOM   429 N N   . LEU A 1 57 ? -2.298  3.406   -3.541  1.00 43.24  ? 510 LEU A N   1 
ATOM   430 C CA  . LEU A 1 57 ? -1.808  4.184   -2.417  1.00 41.72  ? 510 LEU A CA  1 
ATOM   431 C C   . LEU A 1 57 ? -0.617  4.995   -2.914  1.00 48.11  ? 510 LEU A C   1 
ATOM   432 O O   . LEU A 1 57 ? 0.329   4.414   -3.460  1.00 48.24  ? 510 LEU A O   1 
ATOM   433 C CB  . LEU A 1 57 ? -1.407  3.246   -1.250  1.00 39.30  ? 510 LEU A CB  1 
ATOM   434 C CG  . LEU A 1 57 ? -0.751  3.871   -0.003  1.00 42.24  ? 510 LEU A CG  1 
ATOM   435 C CD1 . LEU A 1 57 ? -1.746  4.654   0.804   1.00 41.91  ? 510 LEU A CD1 1 
ATOM   436 C CD2 . LEU A 1 57 ? -0.071  2.808   0.862   1.00 42.89  ? 510 LEU A CD2 1 
ATOM   437 N N   . GLN A 1 58 ? -0.676  6.335   -2.762  1.00 46.43  ? 511 GLN A N   1 
ATOM   438 C CA  . GLN A 1 58 ? 0.443   7.193   -3.169  1.00 48.48  ? 511 GLN A CA  1 
ATOM   439 C C   . GLN A 1 58 ? 1.054   7.928   -1.976  1.00 49.58  ? 511 GLN A C   1 
ATOM   440 O O   . GLN A 1 58 ? 0.325   8.510   -1.161  1.00 48.08  ? 511 GLN A O   1 
ATOM   441 C CB  . GLN A 1 58 ? 0.054   8.172   -4.292  1.00 53.47  ? 511 GLN A CB  1 
ATOM   442 C CG  . GLN A 1 58 ? 1.230   8.999   -4.819  1.00 67.33  ? 511 GLN A CG  1 
ATOM   443 C CD  . GLN A 1 58 ? 0.795   10.117  -5.722  1.00 93.84  ? 511 GLN A CD  1 
ATOM   444 O OE1 . GLN A 1 58 ? -0.137  10.877  -5.428  1.00 89.84  ? 511 GLN A OE1 1 
ATOM   445 N NE2 . GLN A 1 58 ? 1.501   10.270  -6.824  1.00 93.58  ? 511 GLN A NE2 1 
ATOM   446 N N   . ILE A 1 59 ? 2.398   7.882   -1.877  1.00 44.91  ? 512 ILE A N   1 
ATOM   447 C CA  . ILE A 1 59 ? 3.121   8.575   -0.820  1.00 44.48  ? 512 ILE A CA  1 
ATOM   448 C C   . ILE A 1 59 ? 4.101   9.569   -1.424  1.00 51.37  ? 512 ILE A C   1 
ATOM   449 O O   . ILE A 1 59 ? 5.095   9.158   -2.026  1.00 53.33  ? 512 ILE A O   1 
ATOM   450 C CB  . ILE A 1 59 ? 3.769   7.629   0.229   1.00 45.51  ? 512 ILE A CB  1 
ATOM   451 C CG1 . ILE A 1 59 ? 2.712   6.840   1.008   1.00 42.42  ? 512 ILE A CG1 1 
ATOM   452 C CG2 . ILE A 1 59 ? 4.632   8.414   1.208   1.00 48.16  ? 512 ILE A CG2 1 
ATOM   453 C CD1 . ILE A 1 59 ? 2.483   5.523   0.538   1.00 47.33  ? 512 ILE A CD1 1 
ATOM   454 N N   . ARG A 1 60 ? 3.798   10.873  -1.282  1.00 48.33  ? 513 ARG A N   1 
ATOM   455 C CA  . ARG A 1 60 ? 4.650   11.971  -1.742  1.00 52.18  ? 513 ARG A CA  1 
ATOM   456 C C   . ARG A 1 60 ? 5.617   12.340  -0.618  1.00 56.78  ? 513 ARG A C   1 
ATOM   457 O O   . ARG A 1 60 ? 5.342   12.038  0.550   1.00 53.51  ? 513 ARG A O   1 
ATOM   458 C CB  . ARG A 1 60 ? 3.817   13.217  -2.097  1.00 53.74  ? 513 ARG A CB  1 
ATOM   459 C CG  . ARG A 1 60 ? 3.046   13.152  -3.397  1.00 63.17  ? 513 ARG A CG  1 
ATOM   460 C CD  . ARG A 1 60 ? 2.607   14.545  -3.792  1.00 74.64  ? 513 ARG A CD  1 
ATOM   461 N NE  . ARG A 1 60 ? 1.336   14.547  -4.514  1.00 86.03  ? 513 ARG A NE  1 
ATOM   462 C CZ  . ARG A 1 60 ? 0.809   15.620  -5.096  1.00 109.53 ? 513 ARG A CZ  1 
ATOM   463 N NH1 . ARG A 1 60 ? 1.445   16.786  -5.061  1.00 96.92  ? 513 ARG A NH1 1 
ATOM   464 N NH2 . ARG A 1 60 ? -0.356  15.535  -5.728  1.00 103.03 ? 513 ARG A NH2 1 
ATOM   465 N N   . TYR A 1 61 ? 6.731   13.023  -0.977  1.00 58.28  ? 514 TYR A N   1 
ATOM   466 C CA  . TYR A 1 61 ? 7.785   13.535  -0.086  1.00 61.32  ? 514 TYR A CA  1 
ATOM   467 C C   . TYR A 1 61 ? 8.137   12.536  1.028   1.00 61.47  ? 514 TYR A C   1 
ATOM   468 O O   . TYR A 1 61 ? 7.844   12.776  2.205   1.00 60.66  ? 514 TYR A O   1 
ATOM   469 C CB  . TYR A 1 61 ? 7.430   14.943  0.453   1.00 65.01  ? 514 TYR A CB  1 
ATOM   470 C CG  . TYR A 1 61 ? 6.997   15.919  -0.624  1.00 69.49  ? 514 TYR A CG  1 
ATOM   471 C CD1 . TYR A 1 61 ? 7.932   16.606  -1.390  1.00 77.57  ? 514 TYR A CD1 1 
ATOM   472 C CD2 . TYR A 1 61 ? 5.651   16.148  -0.879  1.00 67.90  ? 514 TYR A CD2 1 
ATOM   473 C CE1 . TYR A 1 61 ? 7.535   17.500  -2.386  1.00 82.39  ? 514 TYR A CE1 1 
ATOM   474 C CE2 . TYR A 1 61 ? 5.242   17.032  -1.876  1.00 72.43  ? 514 TYR A CE2 1 
ATOM   475 C CZ  . TYR A 1 61 ? 6.185   17.711  -2.624  1.00 86.52  ? 514 TYR A CZ  1 
ATOM   476 O OH  . TYR A 1 61 ? 5.763   18.580  -3.600  1.00 93.46  ? 514 TYR A OH  1 
ATOM   477 N N   . ALA A 1 62 ? 8.723   11.387  0.619   1.00 56.11  ? 515 ALA A N   1 
ATOM   478 C CA  . ALA A 1 62 ? 9.055   10.238  1.470   1.00 53.68  ? 515 ALA A CA  1 
ATOM   479 C C   . ALA A 1 62 ? 10.116  10.500  2.555   1.00 61.14  ? 515 ALA A C   1 
ATOM   480 O O   . ALA A 1 62 ? 11.220  10.949  2.261   1.00 66.04  ? 515 ALA A O   1 
ATOM   481 C CB  . ALA A 1 62 ? 9.455   9.049   0.613   1.00 54.13  ? 515 ALA A CB  1 
ATOM   482 N N   . LYS A 1 63 ? 9.750   10.210  3.818   1.00 55.41  ? 516 LYS A N   1 
ATOM   483 C CA  . LYS A 1 63 ? 10.603  10.334  5.004   1.00 58.79  ? 516 LYS A CA  1 
ATOM   484 C C   . LYS A 1 63 ? 11.404  9.038   5.174   1.00 63.92  ? 516 LYS A C   1 
ATOM   485 O O   . LYS A 1 63 ? 11.064  8.009   4.580   1.00 59.18  ? 516 LYS A O   1 
ATOM   486 C CB  . LYS A 1 63 ? 9.755   10.571  6.276   1.00 59.22  ? 516 LYS A CB  1 
ATOM   487 C CG  . LYS A 1 63 ? 8.972   11.883  6.308   1.00 68.06  ? 516 LYS A CG  1 
ATOM   488 C CD  . LYS A 1 63 ? 8.297   12.141  7.664   0.00 78.72  ? 516 LYS A CD  1 
ATOM   489 C CE  . LYS A 1 63 ? 9.206   12.760  8.708   0.00 95.90  ? 516 LYS A CE  1 
ATOM   490 N NZ  . LYS A 1 63 ? 9.537   14.179  8.401   0.00 109.30 ? 516 LYS A NZ  1 
ATOM   491 N N   . LEU A 1 64 ? 12.453  9.091   6.006   1.00 67.05  ? 517 LEU A N   1 
ATOM   492 C CA  . LEU A 1 64 ? 13.321  7.957   6.316   1.00 69.98  ? 517 LEU A CA  1 
ATOM   493 C C   . LEU A 1 64 ? 12.537  6.897   7.084   1.00 73.11  ? 517 LEU A C   1 
ATOM   494 O O   . LEU A 1 64 ? 12.756  5.705   6.885   1.00 72.04  ? 517 LEU A O   1 
ATOM   495 C CB  . LEU A 1 64 ? 14.512  8.443   7.148   1.00 77.23  ? 517 LEU A CB  1 
ATOM   496 C CG  . LEU A 1 64 ? 15.804  7.680   6.985   1.00 87.26  ? 517 LEU A CG  1 
ATOM   497 C CD1 . LEU A 1 64 ? 16.473  8.009   5.654   1.00 89.92  ? 517 LEU A CD1 1 
ATOM   498 C CD2 . LEU A 1 64 ? 16.744  7.989   8.130   1.00 97.34  ? 517 LEU A CD2 1 
ATOM   499 N N   . GLY A 1 65 ? 11.605  7.357   7.918   1.00 70.49  ? 518 GLY A N   1 
ATOM   500 C CA  . GLY A 1 65 ? 10.724  6.518   8.721   1.00 68.74  ? 518 GLY A CA  1 
ATOM   501 C C   . GLY A 1 65 ? 9.623   5.826   7.941   1.00 69.13  ? 518 GLY A C   1 
ATOM   502 O O   . GLY A 1 65 ? 8.833   5.093   8.533   1.00 67.41  ? 518 GLY A O   1 
ATOM   503 N N   . ASP A 1 66 ? 9.558   6.036   6.611   1.00 65.48  ? 519 ASP A N   1 
ATOM   504 C CA  . ASP A 1 66 ? 8.579   5.372   5.749   1.00 61.50  ? 519 ASP A CA  1 
ATOM   505 C C   . ASP A 1 66 ? 9.064   3.975   5.372   1.00 68.25  ? 519 ASP A C   1 
ATOM   506 O O   . ASP A 1 66 ? 8.334   3.221   4.726   1.00 65.31  ? 519 ASP A O   1 
ATOM   507 C CB  . ASP A 1 66 ? 8.284   6.199   4.486   1.00 62.24  ? 519 ASP A CB  1 
ATOM   508 C CG  . ASP A 1 66 ? 7.368   7.395   4.696   1.00 76.29  ? 519 ASP A CG  1 
ATOM   509 O OD1 . ASP A 1 66 ? 6.532   7.354   5.634   1.00 76.62  ? 519 ASP A OD1 1 
ATOM   510 O OD2 . ASP A 1 66 ? 7.447   8.351   3.893   1.00 82.81  ? 519 ASP A OD2 1 
ATOM   511 N N   . THR A 1 67 ? 10.301  3.631   5.767   1.00 70.67  ? 520 THR A N   1 
ATOM   512 C CA  . THR A 1 67 ? 10.892  2.326   5.508   1.00 72.69  ? 520 THR A CA  1 
ATOM   513 C C   . THR A 1 67 ? 10.095  1.257   6.273   1.00 74.36  ? 520 THR A C   1 
ATOM   514 O O   . THR A 1 67 ? 9.675   1.497   7.406   1.00 74.53  ? 520 THR A O   1 
ATOM   515 C CB  . THR A 1 67 ? 12.423  2.351   5.757   1.00 91.15  ? 520 THR A CB  1 
ATOM   516 O OG1 . THR A 1 67 ? 13.048  1.280   5.050   1.00 95.48  ? 520 THR A OG1 1 
ATOM   517 C CG2 . THR A 1 67 ? 12.814  2.328   7.242   1.00 95.18  ? 520 THR A CG2 1 
ATOM   518 N N   . GLY A 1 68 ? 9.838   0.133   5.615   1.00 68.83  ? 521 GLY A N   1 
ATOM   519 C CA  . GLY A 1 68 ? 9.085   -0.972  6.193   1.00 66.66  ? 521 GLY A CA  1 
ATOM   520 C C   . GLY A 1 68 ? 8.407   -1.848  5.164   1.00 65.39  ? 521 GLY A C   1 
ATOM   521 O O   . GLY A 1 68 ? 8.732   -1.796  3.974   1.00 65.78  ? 521 GLY A O   1 
ATOM   522 N N   . ARG A 1 69 ? 7.469   -2.668  5.624   1.00 57.26  ? 522 ARG A N   1 
ATOM   523 C CA  . ARG A 1 69 ? 6.733   -3.568  4.755   1.00 53.36  ? 522 ARG A CA  1 
ATOM   524 C C   . ARG A 1 69 ? 5.328   -3.030  4.552   1.00 53.41  ? 522 ARG A C   1 
ATOM   525 O O   . ARG A 1 69 ? 4.666   -2.648  5.524   1.00 52.91  ? 522 ARG A O   1 
ATOM   526 C CB  . ARG A 1 69 ? 6.687   -4.979  5.367   1.00 52.07  ? 522 ARG A CB  1 
ATOM   527 C CG  . ARG A 1 69 ? 6.154   -6.048  4.430   1.00 49.38  ? 522 ARG A CG  1 
ATOM   528 C CD  . ARG A 1 69 ? 6.252   -7.409  5.064   1.00 61.32  ? 522 ARG A CD  1 
ATOM   529 N NE  . ARG A 1 69 ? 5.054   -7.803  5.807   1.00 69.25  ? 522 ARG A NE  1 
ATOM   530 C CZ  . ARG A 1 69 ? 4.683   -9.070  5.996   1.00 93.90  ? 522 ARG A CZ  1 
ATOM   531 N NH1 . ARG A 1 69 ? 5.409   -10.064 5.492   1.00 85.81  ? 522 ARG A NH1 1 
ATOM   532 N NH2 . ARG A 1 69 ? 3.579   -9.351  6.675   1.00 86.38  ? 522 ARG A NH2 1 
ATOM   533 N N   . TYR A 1 70 ? 4.865   -3.012  3.297   1.00 47.51  ? 523 TYR A N   1 
ATOM   534 C CA  . TYR A 1 70 ? 3.507   -2.575  3.006   1.00 44.24  ? 523 TYR A CA  1 
ATOM   535 C C   . TYR A 1 70 ? 2.685   -3.754  2.543   1.00 49.42  ? 523 TYR A C   1 
ATOM   536 O O   . TYR A 1 70 ? 3.080   -4.466  1.619   1.00 50.89  ? 523 TYR A O   1 
ATOM   537 C CB  . TYR A 1 70 ? 3.464   -1.433  1.993   1.00 43.39  ? 523 TYR A CB  1 
ATOM   538 C CG  . TYR A 1 70 ? 3.977   -0.120  2.525   1.00 44.95  ? 523 TYR A CG  1 
ATOM   539 C CD1 . TYR A 1 70 ? 5.335   0.179   2.505   1.00 50.12  ? 523 TYR A CD1 1 
ATOM   540 C CD2 . TYR A 1 70 ? 3.102   0.860   2.971   1.00 43.92  ? 523 TYR A CD2 1 
ATOM   541 C CE1 . TYR A 1 70 ? 5.811   1.411   2.946   1.00 52.34  ? 523 TYR A CE1 1 
ATOM   542 C CE2 . TYR A 1 70 ? 3.566   2.100   3.409   1.00 45.66  ? 523 TYR A CE2 1 
ATOM   543 C CZ  . TYR A 1 70 ? 4.923   2.369   3.398   1.00 54.14  ? 523 TYR A CZ  1 
ATOM   544 O OH  . TYR A 1 70 ? 5.390   3.584   3.828   1.00 56.92  ? 523 TYR A OH  1 
ATOM   545 N N   . THR A 1 71 ? 1.555   -3.975  3.214   1.00 45.30  ? 524 THR A N   1 
ATOM   546 C CA  . THR A 1 71 ? 0.665   -5.085  2.932   1.00 44.85  ? 524 THR A CA  1 
ATOM   547 C C   . THR A 1 71 ? -0.638  -4.590  2.348   1.00 48.35  ? 524 THR A C   1 
ATOM   548 O O   . THR A 1 71 ? -1.255  -3.666  2.879   1.00 47.30  ? 524 THR A O   1 
ATOM   549 C CB  . THR A 1 71 ? 0.467   -5.935  4.181   1.00 43.61  ? 524 THR A CB  1 
ATOM   550 O OG1 . THR A 1 71 ? 1.732   -6.145  4.790   1.00 36.17  ? 524 THR A OG1 1 
ATOM   551 C CG2 . THR A 1 71 ? -0.169  -7.266  3.877   1.00 43.44  ? 524 THR A CG2 1 
ATOM   552 N N   . CYS A 1 72 ? -1.042  -5.224  1.249   1.00 45.59  ? 525 CYS A N   1 
ATOM   553 C CA  . CYS A 1 72 ? -2.269  -4.956  0.531   1.00 44.77  ? 525 CYS A CA  1 
ATOM   554 C C   . CYS A 1 72 ? -3.308  -5.965  1.006   1.00 49.08  ? 525 CYS A C   1 
ATOM   555 O O   . CYS A 1 72 ? -3.145  -7.159  0.761   1.00 51.24  ? 525 CYS A O   1 
ATOM   556 C CB  . CYS A 1 72 ? -2.029  -5.066  -0.969  1.00 45.86  ? 525 CYS A CB  1 
ATOM   557 S SG  . CYS A 1 72 ? -3.544  -5.223  -1.934  1.00 51.84  ? 525 CYS A SG  1 
ATOM   558 N N   . ILE A 1 73 ? -4.371  -5.498  1.683   1.00 44.14  ? 526 ILE A N   1 
ATOM   559 C CA  . ILE A 1 73 ? -5.432  -6.368  2.215   1.00 45.86  ? 526 ILE A CA  1 
ATOM   560 C C   . ILE A 1 73 ? -6.745  -6.272  1.412   1.00 51.34  ? 526 ILE A C   1 
ATOM   561 O O   . ILE A 1 73 ? -7.404  -5.225  1.429   1.00 51.12  ? 526 ILE A O   1 
ATOM   562 C CB  . ILE A 1 73 ? -5.650  -6.102  3.732   1.00 49.85  ? 526 ILE A CB  1 
ATOM   563 C CG1 . ILE A 1 73 ? -4.344  -6.290  4.537   1.00 48.89  ? 526 ILE A CG1 1 
ATOM   564 C CG2 . ILE A 1 73 ? -6.795  -6.961  4.286   1.00 54.46  ? 526 ILE A CG2 1 
ATOM   565 C CD1 . ILE A 1 73 ? -4.062  -5.207  5.426   1.00 48.18  ? 526 ILE A CD1 1 
ATOM   566 N N   . ALA A 1 74 ? -7.140  -7.371  0.741   1.00 49.23  ? 527 ALA A N   1 
ATOM   567 C CA  . ALA A 1 74 ? -8.389  -7.400  -0.028  1.00 51.44  ? 527 ALA A CA  1 
ATOM   568 C C   . ALA A 1 74 ? -9.492  -8.023  0.827   1.00 58.97  ? 527 ALA A C   1 
ATOM   569 O O   . ALA A 1 74 ? -9.353  -9.174  1.240   1.00 60.57  ? 527 ALA A O   1 
ATOM   570 C CB  . ALA A 1 74 ? -8.200  -8.180  -1.316  1.00 52.96  ? 527 ALA A CB  1 
ATOM   571 N N   . SER A 1 75 ? -10.568 -7.262  1.117   1.00 57.30  ? 528 SER A N   1 
ATOM   572 C CA  . SER A 1 75 ? -11.630 -7.730  2.002   1.00 62.48  ? 528 SER A CA  1 
ATOM   573 C C   . SER A 1 75 ? -13.054 -7.778  1.399   1.00 73.41  ? 528 SER A C   1 
ATOM   574 O O   . SER A 1 75 ? -13.485 -6.848  0.708   1.00 73.78  ? 528 SER A O   1 
ATOM   575 C CB  . SER A 1 75 ? -11.636 -6.905  3.283   1.00 65.68  ? 528 SER A CB  1 
ATOM   576 O OG  . SER A 1 75 ? -12.248 -7.614  4.347   1.00 79.09  ? 528 SER A OG  1 
ATOM   577 N N   . THR A 1 76 ? -13.765 -8.900  1.682   1.00 74.85  ? 529 THR A N   1 
ATOM   578 C CA  . THR A 1 76 ? -15.155 -9.257  1.338   1.00 81.12  ? 529 THR A CA  1 
ATOM   579 C C   . THR A 1 76 ? -15.664 -10.147 2.505   1.00 91.39  ? 529 THR A C   1 
ATOM   580 O O   . THR A 1 76 ? -14.816 -10.702 3.210   1.00 90.03  ? 529 THR A O   1 
ATOM   581 C CB  . THR A 1 76 ? -15.239 -10.090 0.026   1.00 89.02  ? 529 THR A CB  1 
ATOM   582 O OG1 . THR A 1 76 ? -14.807 -11.434 0.253   1.00 88.39  ? 529 THR A OG1 1 
ATOM   583 C CG2 . THR A 1 76 ? -14.503 -9.472  -1.143  1.00 82.67  ? 529 THR A CG2 1 
ATOM   584 N N   . PRO A 1 77 ? -16.986 -10.401 2.700   1.00 95.14  ? 530 PRO A N   1 
ATOM   585 C CA  . PRO A 1 77 ? -17.399 -11.296 3.804   1.00 101.15 ? 530 PRO A CA  1 
ATOM   586 C C   . PRO A 1 77 ? -16.953 -12.762 3.660   1.00 105.86 ? 530 PRO A C   1 
ATOM   587 O O   . PRO A 1 77 ? -16.946 -13.493 4.650   1.00 109.54 ? 530 PRO A O   1 
ATOM   588 C CB  . PRO A 1 77 ? -18.928 -11.172 3.807   1.00 111.60 ? 530 PRO A CB  1 
ATOM   589 C CG  . PRO A 1 77 ? -19.226 -9.923  3.038   1.00 113.52 ? 530 PRO A CG  1 
ATOM   590 C CD  . PRO A 1 77 ? -18.166 -9.861  1.998   1.00 100.90 ? 530 PRO A CD  1 
ATOM   591 N N   . SER A 1 78 ? -16.559 -13.179 2.440   1.00 99.33  ? 531 SER A N   1 
ATOM   592 C CA  . SER A 1 78 ? -16.112 -14.540 2.114   1.00 100.29 ? 531 SER A CA  1 
ATOM   593 C C   . SER A 1 78 ? -14.590 -14.809 2.362   1.00 98.18  ? 531 SER A C   1 
ATOM   594 O O   . SER A 1 78 ? -14.093 -15.885 2.007   1.00 98.30  ? 531 SER A O   1 
ATOM   595 C CB  . SER A 1 78 ? -16.512 -14.897 0.682   1.00 105.05 ? 531 SER A CB  1 
ATOM   596 O OG  . SER A 1 78 ? -16.357 -13.806 -0.213  1.00 108.59 ? 531 SER A OG  1 
ATOM   597 N N   . GLY A 1 79 ? -13.890 -13.859 2.990   1.00 89.69  ? 532 GLY A N   1 
ATOM   598 C CA  . GLY A 1 79 ? -12.472 -14.005 3.309   1.00 84.75  ? 532 GLY A CA  1 
ATOM   599 C C   . GLY A 1 79 ? -11.614 -12.759 3.182   1.00 81.95  ? 532 GLY A C   1 
ATOM   600 O O   . GLY A 1 79 ? -12.128 -11.654 2.973   1.00 80.12  ? 532 GLY A O   1 
ATOM   601 N N   . GLU A 1 80 ? -10.277 -12.946 3.297   1.00 74.25  ? 533 GLU A N   1 
ATOM   602 C CA  . GLU A 1 80 ? -9.254  -11.898 3.177   1.00 67.49  ? 533 GLU A CA  1 
ATOM   603 C C   . GLU A 1 80 ? -7.961  -12.415 2.547   1.00 67.49  ? 533 GLU A C   1 
ATOM   604 O O   . GLU A 1 80 ? -7.520  -13.529 2.850   1.00 68.93  ? 533 GLU A O   1 
ATOM   605 C CB  . GLU A 1 80 ? -8.962  -11.220 4.525   1.00 68.68  ? 533 GLU A CB  1 
ATOM   606 C CG  . GLU A 1 80 ? -9.849  -10.015 4.782   1.00 80.87  ? 533 GLU A CG  1 
ATOM   607 C CD  . GLU A 1 80 ? -9.513  -9.140  5.976   1.00 104.38 ? 533 GLU A CD  1 
ATOM   608 O OE1 . GLU A 1 80 ? -8.316  -9.050  6.335   1.00 100.84 ? 533 GLU A OE1 1 
ATOM   609 O OE2 . GLU A 1 80 ? -10.445 -8.507  6.523   1.00 97.66  ? 533 GLU A OE2 1 
ATOM   610 N N   . ALA A 1 81 ? -7.359  -11.590 1.668   1.00 59.23  ? 534 ALA A N   1 
ATOM   611 C CA  . ALA A 1 81 ? -6.110  -11.884 0.971   1.00 56.87  ? 534 ALA A CA  1 
ATOM   612 C C   . ALA A 1 81 ? -5.070  -10.791 1.221   1.00 58.25  ? 534 ALA A C   1 
ATOM   613 O O   . ALA A 1 81 ? -5.417  -9.615  1.387   1.00 56.22  ? 534 ALA A O   1 
ATOM   614 C CB  . ALA A 1 81 ? -6.362  -12.040 -0.515  1.00 57.57  ? 534 ALA A CB  1 
ATOM   615 N N   . THR A 1 82 ? -3.787  -11.188 1.259   1.00 55.09  ? 535 THR A N   1 
ATOM   616 C CA  . THR A 1 82 ? -2.661  -10.281 1.496   1.00 52.04  ? 535 THR A CA  1 
ATOM   617 C C   . THR A 1 82 ? -1.542  -10.455 0.488   1.00 53.44  ? 535 THR A C   1 
ATOM   618 O O   . THR A 1 82 ? -1.294  -11.557 -0.004  1.00 55.40  ? 535 THR A O   1 
ATOM   619 C CB  . THR A 1 82 ? -2.106  -10.403 2.929   1.00 66.32  ? 535 THR A CB  1 
ATOM   620 O OG1 . THR A 1 82 ? -1.772  -11.763 3.223   1.00 71.85  ? 535 THR A OG1 1 
ATOM   621 C CG2 . THR A 1 82 ? -3.041  -9.820  3.981   1.00 66.67  ? 535 THR A CG2 1 
ATOM   622 N N   . TRP A 1 83 ? -0.856  -9.352  0.210   1.00 46.39  ? 536 TRP A N   1 
ATOM   623 C CA  . TRP A 1 83 ? 0.303   -9.297  -0.659  1.00 46.29  ? 536 TRP A CA  1 
ATOM   624 C C   . TRP A 1 83 ? 1.234   -8.274  -0.057  1.00 48.98  ? 536 TRP A C   1 
ATOM   625 O O   . TRP A 1 83 ? 0.793   -7.156  0.220   1.00 46.70  ? 536 TRP A O   1 
ATOM   626 C CB  . TRP A 1 83 ? -0.089  -8.866  -2.074  1.00 44.39  ? 536 TRP A CB  1 
ATOM   627 C CG  . TRP A 1 83 ? 0.981   -9.156  -3.076  1.00 47.66  ? 536 TRP A CG  1 
ATOM   628 C CD1 . TRP A 1 83 ? 2.253   -8.663  -3.089  1.00 51.36  ? 536 TRP A CD1 1 
ATOM   629 C CD2 . TRP A 1 83 ? 0.871   -10.013 -4.212  1.00 50.36  ? 536 TRP A CD2 1 
ATOM   630 N NE1 . TRP A 1 83 ? 2.949   -9.180  -4.149  1.00 54.39  ? 536 TRP A NE1 1 
ATOM   631 C CE2 . TRP A 1 83 ? 2.114   -9.985  -4.880  1.00 56.84  ? 536 TRP A CE2 1 
ATOM   632 C CE3 . TRP A 1 83 ? -0.176  -10.764 -4.765  1.00 53.18  ? 536 TRP A CE3 1 
ATOM   633 C CZ2 . TRP A 1 83 ? 2.346   -10.697 -6.058  1.00 60.12  ? 536 TRP A CZ2 1 
ATOM   634 C CZ3 . TRP A 1 83 ? 0.062   -11.489 -5.919  1.00 58.59  ? 536 TRP A CZ3 1 
ATOM   635 C CH2 . TRP A 1 83 ? 1.313   -11.458 -6.550  1.00 61.84  ? 536 TRP A CH2 1 
ATOM   636 N N   . SER A 1 84 ? 2.516   -8.633  0.148   1.00 47.46  ? 537 SER A N   1 
ATOM   637 C CA  . SER A 1 84 ? 3.469   -7.681  0.718   1.00 46.74  ? 537 SER A CA  1 
ATOM   638 C C   . SER A 1 84 ? 4.667   -7.355  -0.172  1.00 53.14  ? 537 SER A C   1 
ATOM   639 O O   . SER A 1 84 ? 5.043   -8.124  -1.057  1.00 54.54  ? 537 SER A O   1 
ATOM   640 C CB  . SER A 1 84 ? 3.928   -8.123  2.096   1.00 50.76  ? 537 SER A CB  1 
ATOM   641 O OG  . SER A 1 84 ? 2.930   -7.774  3.036   1.00 52.25  ? 537 SER A OG  1 
ATOM   642 N N   . ALA A 1 85 ? 5.207   -6.152  0.047   1.00 51.26  ? 538 ALA A N   1 
ATOM   643 C CA  . ALA A 1 85 ? 6.371   -5.573  -0.618  1.00 54.84  ? 538 ALA A CA  1 
ATOM   644 C C   . ALA A 1 85 ? 7.093   -4.696  0.399   1.00 62.16  ? 538 ALA A C   1 
ATOM   645 O O   . ALA A 1 85 ? 6.441   -3.971  1.166   1.00 59.23  ? 538 ALA A O   1 
ATOM   646 C CB  . ALA A 1 85 ? 5.941   -4.733  -1.814  1.00 54.01  ? 538 ALA A CB  1 
ATOM   647 N N   . TYR A 1 86 ? 8.431   -4.789  0.429   1.00 64.34  ? 539 TYR A N   1 
ATOM   648 C CA  . TYR A 1 86 ? 9.258   -3.997  1.330   1.00 67.23  ? 539 TYR A CA  1 
ATOM   649 C C   . TYR A 1 86 ? 9.759   -2.767  0.587   1.00 73.04  ? 539 TYR A C   1 
ATOM   650 O O   . TYR A 1 86 ? 10.336  -2.884  -0.502  1.00 75.94  ? 539 TYR A O   1 
ATOM   651 C CB  . TYR A 1 86 ? 10.441  -4.820  1.870   1.00 75.37  ? 539 TYR A CB  1 
ATOM   652 C CG  . TYR A 1 86 ? 11.203  -4.135  2.986   1.00 81.00  ? 539 TYR A CG  1 
ATOM   653 C CD1 . TYR A 1 86 ? 10.797  -4.258  4.313   1.00 82.67  ? 539 TYR A CD1 1 
ATOM   654 C CD2 . TYR A 1 86 ? 12.354  -3.397  2.720   1.00 86.13  ? 539 TYR A CD2 1 
ATOM   655 C CE1 . TYR A 1 86 ? 11.496  -3.632  5.345   1.00 86.96  ? 539 TYR A CE1 1 
ATOM   656 C CE2 . TYR A 1 86 ? 13.060  -2.765  3.745   1.00 90.44  ? 539 TYR A CE2 1 
ATOM   657 C CZ  . TYR A 1 86 ? 12.627  -2.889  5.057   1.00 96.53  ? 539 TYR A CZ  1 
ATOM   658 O OH  . TYR A 1 86 ? 13.317  -2.289  6.081   1.00 101.52 ? 539 TYR A OH  1 
ATOM   659 N N   . ILE A 1 87 ? 9.523   -1.582  1.173   1.00 67.76  ? 540 ILE A N   1 
ATOM   660 C CA  . ILE A 1 87 ? 9.950   -0.304  0.601   1.00 68.27  ? 540 ILE A CA  1 
ATOM   661 C C   . ILE A 1 87 ? 11.044  0.280   1.496   1.00 76.42  ? 540 ILE A C   1 
ATOM   662 O O   . ILE A 1 87 ? 10.810  0.494   2.687   1.00 75.34  ? 540 ILE A O   1 
ATOM   663 C CB  . ILE A 1 87 ? 8.742   0.663   0.365   1.00 66.02  ? 540 ILE A CB  1 
ATOM   664 C CG1 . ILE A 1 87 ? 7.561   -0.027  -0.374  1.00 63.29  ? 540 ILE A CG1 1 
ATOM   665 C CG2 . ILE A 1 87 ? 9.152   1.965   -0.331  1.00 67.00  ? 540 ILE A CG2 1 
ATOM   666 C CD1 . ILE A 1 87 ? 7.885   -0.783  -1.732  1.00 75.96  ? 540 ILE A CD1 1 
ATOM   667 N N   . GLU A 1 88 ? 12.248  0.472   0.928   1.00 77.88  ? 541 GLU A N   1 
ATOM   668 C CA  . GLU A 1 88 ? 13.406  1.035   1.621   1.00 83.08  ? 541 GLU A CA  1 
ATOM   669 C C   . GLU A 1 88 ? 13.628  2.482   1.155   1.00 87.02  ? 541 GLU A C   1 
ATOM   670 O O   . GLU A 1 88 ? 13.442  2.797   -0.026  1.00 85.80  ? 541 GLU A O   1 
ATOM   671 C CB  . GLU A 1 88 ? 14.653  0.151   1.384   1.00 91.81  ? 541 GLU A CB  1 
ATOM   672 C CG  . GLU A 1 88 ? 15.920  0.561   2.133   1.00 110.98 ? 541 GLU A CG  1 
ATOM   673 C CD  . GLU A 1 88 ? 16.073  0.150   3.587   1.00 134.02 ? 541 GLU A CD  1 
ATOM   674 O OE1 . GLU A 1 88 ? 15.671  -0.984  3.936   1.00 126.06 ? 541 GLU A OE1 1 
ATOM   675 O OE2 . GLU A 1 88 ? 16.685  0.926   4.359   1.00 133.00 ? 541 GLU A OE2 1 
ATOM   676 N N   . VAL A 1 89 ? 14.009  3.355   2.093   1.00 85.76  ? 542 VAL A N   1 
ATOM   677 C CA  . VAL A 1 89 ? 14.259  4.766   1.813   1.00 88.05  ? 542 VAL A CA  1 
ATOM   678 C C   . VAL A 1 89 ? 15.597  5.220   2.435   1.00 99.91  ? 542 VAL A C   1 
ATOM   679 O O   . VAL A 1 89 ? 15.741  5.261   3.659   1.00 100.98 ? 542 VAL A O   1 
ATOM   680 C CB  . VAL A 1 89 ? 13.044  5.676   2.169   1.00 86.74  ? 542 VAL A CB  1 
ATOM   681 C CG1 . VAL A 1 89 ? 12.377  5.273   3.480   1.00 83.88  ? 542 VAL A CG1 1 
ATOM   682 C CG2 . VAL A 1 89 ? 13.392  7.164   2.141   1.00 89.65  ? 542 VAL A CG2 1 
ATOM   683 N N   . GLN A 1 90 ? 16.582  5.526   1.561   1.00 102.40 ? 543 GLN A N   1 
ATOM   684 C CA  . GLN A 1 90 ? 17.930  5.986   1.921   1.00 111.00 ? 543 GLN A CA  1 
ATOM   685 C C   . GLN A 1 90 ? 18.162  7.411   1.399   1.00 117.47 ? 543 GLN A C   1 
ATOM   686 O O   . GLN A 1 90 ? 17.504  7.825   0.441   1.00 113.68 ? 543 GLN A O   1 
ATOM   687 C CB  . GLN A 1 90 ? 19.001  5.024   1.381   0.00 119.41 ? 543 GLN A CB  1 
ATOM   688 C CG  . GLN A 1 90 ? 19.022  3.667   2.085   0.00 136.62 ? 543 GLN A CG  1 
ATOM   689 C CD  . GLN A 1 90 ? 20.130  2.773   1.587   0.00 162.46 ? 543 GLN A CD  1 
ATOM   690 O OE1 . GLN A 1 90 ? 20.165  2.366   0.420   0.00 158.77 ? 543 GLN A OE1 1 
ATOM   691 N NE2 . GLN A 1 90 ? 21.043  2.417   2.476   0.00 160.60 ? 543 GLN A NE2 1 
ATOM   692 N N   . ALA A 1 91 ? 19.089  8.162   2.037   1.00 120.43 ? 544 ALA A N   1 
ATOM   693 C CA  . ALA A 1 91 ? 19.416  9.546   1.670   1.00 124.51 ? 544 ALA A CA  1 
ATOM   694 C C   . ALA A 1 91 ? 20.288  9.634   0.409   1.00 135.63 ? 544 ALA A C   1 
ATOM   695 O O   . ALA A 1 91 ? 20.686  8.602   -0.133  1.00 137.40 ? 544 ALA A O   1 
ATOM   696 C CB  . ALA A 1 91 ? 20.080  10.256  2.842   1.00 130.89 ? 544 ALA A CB  1 
ATOM   697 N N   . GLY A 1 92 ? 20.546  10.861  -0.052  1.00 136.21 ? 545 GLY A N   1 
ATOM   698 C CA  . GLY A 1 92 ? 21.350  11.139  -1.239  1.00 157.85 ? 545 GLY A CA  1 
ATOM   699 C C   . GLY A 1 92 ? 22.824  10.848  -1.059  1.00 158.67 ? 545 GLY A C   1 
ATOM   700 O O   . GLY A 1 92 ? 23.258  9.703   -1.200  1.00 127.93 ? 545 GLY A O   1 
HETATM 701 O O   . HOH B 2 .  ? -5.679  2.360   -1.613  1.00 38.84  ? 601 HOH A O   1 
HETATM 702 O O   . HOH B 2 .  ? -6.260  1.930   4.944   1.00 34.88  ? 602 HOH A O   1 
HETATM 703 O O   . HOH B 2 .  ? 2.912   -4.659  6.966   1.00 12.86  ? 603 HOH A O   1 
HETATM 704 O O   . HOH B 2 .  ? 18.392  -0.138  -5.977  1.00 33.85  ? 604 HOH A O   1 
HETATM 705 O O   . HOH B 2 .  ? 17.328  6.302   -3.229  1.00 47.45  ? 605 HOH A O   1 
HETATM 706 O O   . HOH B 2 .  ? -15.662 -7.025  3.849   1.00 51.54  ? 606 HOH A O   1 
HETATM 707 O O   . HOH B 2 .  ? -3.051  -14.950 3.051   1.00 14.96  ? 607 HOH A O   1 
HETATM 708 O O   . HOH B 2 .  ? -20.192 -15.489 -5.053  1.00 42.18  ? 608 HOH A O   1 
# 
loop_
_atom_site_anisotrop.id 
_atom_site_anisotrop.type_symbol 
_atom_site_anisotrop.pdbx_label_atom_id 
_atom_site_anisotrop.pdbx_label_alt_id 
_atom_site_anisotrop.pdbx_label_comp_id 
_atom_site_anisotrop.pdbx_label_asym_id 
_atom_site_anisotrop.pdbx_label_seq_id 
_atom_site_anisotrop.pdbx_PDB_ins_code 
_atom_site_anisotrop.U[1][1] 
_atom_site_anisotrop.U[2][2] 
_atom_site_anisotrop.U[3][3] 
_atom_site_anisotrop.U[1][2] 
_atom_site_anisotrop.U[1][3] 
_atom_site_anisotrop.U[2][3] 
_atom_site_anisotrop.pdbx_auth_seq_id 
_atom_site_anisotrop.pdbx_auth_comp_id 
_atom_site_anisotrop.pdbx_auth_asym_id 
_atom_site_anisotrop.pdbx_auth_atom_id 
1   N N   . PRO A 1  ? 1.1442 0.8699 1.8103 -0.2982 -0.5896 0.3162  454 PRO A N   
2   C CA  . PRO A 1  ? 1.0890 0.8190 1.6729 -0.2553 -0.5335 0.3215  454 PRO A CA  
3   C C   . PRO A 1  ? 1.0730 0.8342 1.6266 -0.1799 -0.5393 0.2931  454 PRO A C   
4   O O   . PRO A 1  ? 1.1200 0.8467 1.6535 -0.1518 -0.5996 0.2674  454 PRO A O   
5   C CB  . PRO A 1  ? 1.1902 0.7922 1.6580 -0.2569 -0.5576 0.3303  454 PRO A CB  
6   C CG  . PRO A 1  ? 1.3295 0.8501 1.7908 -0.2652 -0.6375 0.3123  454 PRO A CG  
7   C CD  . PRO A 1  ? 1.2717 0.8652 1.8619 -0.3150 -0.6509 0.3140  454 PRO A CD  
8   N N   . PRO A 2  ? 0.9170 0.7326 1.4565 -0.1494 -0.4781 0.2969  455 PRO A N   
9   C CA  . PRO A 2  ? 0.8554 0.6875 1.3579 -0.0842 -0.4793 0.2742  455 PRO A CA  
10  C C   . PRO A 2  ? 0.9113 0.6535 1.3027 -0.0435 -0.5019 0.2553  455 PRO A C   
11  O O   . PRO A 2  ? 0.9433 0.6305 1.2916 -0.0547 -0.4990 0.2639  455 PRO A O   
12  C CB  . PRO A 2  ? 0.7993 0.7062 1.3266 -0.0750 -0.4056 0.2854  455 PRO A CB  
13  C CG  . PRO A 2  ? 0.8695 0.7985 1.4375 -0.1336 -0.3634 0.3104  455 PRO A CG  
14  C CD  . PRO A 2  ? 0.9031 0.7511 1.4423 -0.1749 -0.4065 0.3209  455 PRO A CD  
15  N N   . VAL A 3  ? 0.8471 0.5679 1.1905 0.0034  -0.5257 0.2287  456 VAL A N   
16  C CA  . VAL A 3  ? 0.8725 0.5160 1.1226 0.0451  -0.5364 0.2022  456 VAL A CA  
17  C C   . VAL A 3  ? 0.8538 0.5259 1.0649 0.0933  -0.4916 0.1893  456 VAL A C   
18  O O   . VAL A 3  ? 0.8560 0.5474 1.0568 0.1090  -0.4960 0.1853  456 VAL A O   
19  C CB  . VAL A 3  ? 1.0206 0.5771 1.2224 0.0490  -0.6056 0.1754  456 VAL A CB  
20  C CG1 . VAL A 3  ? 1.0708 0.5558 1.1779 0.1014  -0.6035 0.1380  456 VAL A CG1 
21  C CG2 . VAL A 3  ? 1.0723 0.5821 1.3073 -0.0019 -0.6468 0.1890  456 VAL A CG2 
22  N N   . ILE A 4  ? 0.7557 0.4253 0.9473 0.1145  -0.4530 0.1843  457 ILE A N   
23  C CA  . ILE A 4  ? 0.7089 0.4049 0.8734 0.1530  -0.4046 0.1718  457 ILE A CA  
24  C C   . ILE A 4  ? 0.8539 0.4837 0.9418 0.1916  -0.4129 0.1343  457 ILE A C   
25  O O   . ILE A 4  ? 0.8875 0.4733 0.9660 0.2059  -0.4229 0.1132  457 ILE A O   
26  C CB  . ILE A 4  ? 0.6577 0.4001 0.8569 0.1542  -0.3553 0.1824  457 ILE A CB  
27  C CG1 . ILE A 4  ? 0.5912 0.3865 0.8454 0.1145  -0.3412 0.2146  457 ILE A CG1 
28  C CG2 . ILE A 4  ? 0.6323 0.4017 0.8130 0.1864  -0.3046 0.1701  457 ILE A CG2 
29  C CD1 . ILE A 4  ? 0.5645 0.3783 0.8311 0.1070  -0.3117 0.2240  457 ILE A CD1 
30  N N   . ARG A 5  ? 0.8635 0.4789 0.8913 0.2090  -0.4104 0.1250  458 ARG A N   
31  C CA  . ARG A 5  ? 0.9697 0.5133 0.8963 0.2430  -0.4078 0.0879  458 ARG A CA  
32  C C   . ARG A 5  ? 1.0133 0.5777 0.9214 0.2723  -0.3307 0.0736  458 ARG A C   
33  O O   . ARG A 5  ? 1.0682 0.5981 0.9511 0.2987  -0.3086 0.0372  458 ARG A O   
34  C CB  . ARG A 5  ? 1.0537 0.5542 0.9021 0.2426  -0.4499 0.0882  458 ARG A CB  
35  C CG  . ARG A 5  ? 1.2051 0.6948 1.0951 0.2098  -0.5305 0.0986  458 ARG A CG  
36  C CD  . ARG A 5  ? 1.3587 0.7625 1.2080 0.2079  -0.5827 0.0671  458 ARG A CD  
37  N NE  . ARG A 5  ? 1.6027 0.9116 1.3105 0.2394  -0.5958 0.0280  458 ARG A NE  
38  C CZ  . ARG A 5  ? 1.8800 1.1399 1.5157 0.2749  -0.5499 -0.0096 458 ARG A CZ  
39  N NH1 . ARG A 5  ? 1.6482 0.9504 1.3566 0.2861  -0.4991 -0.0127 458 ARG A NH1 
40  N NH2 . ARG A 5  ? 1.8980 1.0649 1.3895 0.3001  -0.5547 -0.0470 458 ARG A NH2 
41  N N   . GLN A 6  ? 0.8929 0.5143 0.8247 0.2667  -0.2887 0.0995  459 GLN A N   
42  C CA  . GLN A 6  ? 0.8693 0.5182 0.8020 0.2834  -0.2139 0.0917  459 GLN A CA  
43  C C   . GLN A 6  ? 0.8177 0.5455 0.8553 0.2649  -0.1937 0.1165  459 GLN A C   
44  O O   . GLN A 6  ? 0.7602 0.5198 0.8272 0.2448  -0.2077 0.1467  459 GLN A O   
45  C CB  . GLN A 6  ? 0.9609 0.5753 0.7931 0.2919  -0.1838 0.0990  459 GLN A CB  
46  C CG  . GLN A 6  ? 1.1664 0.7941 0.9865 0.3034  -0.0973 0.0877  459 GLN A CG  
47  C CD  . GLN A 6  ? 1.4883 1.0845 1.2782 0.3270  -0.0597 0.0405  459 GLN A CD  
48  O OE1 . GLN A 6  ? 1.5638 1.0796 1.2314 0.3415  -0.0616 0.0174  459 GLN A OE1 
49  N NE2 . GLN A 6  ? 1.3198 0.9762 1.2212 0.3333  -0.0255 0.0218  459 GLN A NE2 
50  N N   . GLY A 7  ? 0.7628 0.5186 0.8598 0.2733  -0.1665 0.0997  460 GLY A N   
51  C CA  . GLY A 7  ? 0.6806 0.4967 0.8623 0.2567  -0.1548 0.1169  460 GLY A CA  
52  C C   . GLY A 7  ? 0.7275 0.5844 0.9423 0.2629  -0.0914 0.1100  460 GLY A C   
53  O O   . GLY A 7  ? 0.7989 0.6386 0.9722 0.2788  -0.0465 0.0925  460 GLY A O   
54  N N   . PRO A 8  ? 0.6038 0.5090 0.8869 0.2468  -0.0839 0.1225  461 PRO A N   
55  C CA  . PRO A 8  ? 0.5764 0.5196 0.9024 0.2470  -0.0276 0.1145  461 PRO A CA  
56  C C   . PRO A 8  ? 0.6423 0.5995 1.0196 0.2690  -0.0015 0.0761  461 PRO A C   
57  O O   . PRO A 8  ? 0.6538 0.6029 1.0646 0.2844  -0.0411 0.0571  461 PRO A O   
58  C CB  . PRO A 8  ? 0.5356 0.5141 0.9161 0.2247  -0.0434 0.1303  461 PRO A CB  
59  C CG  . PRO A 8  ? 0.5955 0.5537 0.9713 0.2182  -0.1036 0.1374  461 PRO A CG  
60  C CD  . PRO A 8  ? 0.5822 0.5005 0.8956 0.2235  -0.1234 0.1432  461 PRO A CD  
61  N N   . VAL A 9  ? 0.6141 0.5876 0.9992 0.2708  0.0671  0.0641  462 VAL A N   
62  C CA  . VAL A 9  ? 0.6405 0.6420 1.0960 0.2902  0.1085  0.0225  462 VAL A CA  
63  C C   . VAL A 9  ? 0.6326 0.7047 1.2155 0.2765  0.1313  0.0139  462 VAL A C   
64  O O   . VAL A 9  ? 0.5946 0.6785 1.1743 0.2504  0.1594  0.0361  462 VAL A O   
65  C CB  . VAL A 9  ? 0.7894 0.7530 1.1634 0.3025  0.1779  0.0034  462 VAL A CB  
66  C CG1 . VAL A 9  ? 0.8608 0.7553 1.1361 0.3251  0.1401  -0.0085 462 VAL A CG1 
67  C CG2 . VAL A 9  ? 0.8204 0.7553 1.1060 0.2788  0.2271  0.0356  462 VAL A CG2 
68  N N   . ASN A 10 ? 0.5898 0.7038 1.2902 0.2956  0.1094  -0.0200 463 ASN A N   
69  C CA  . ASN A 10 ? 0.5442 0.7300 1.3912 0.2871  0.1122  -0.0373 463 ASN A CA  
70  C C   . ASN A 10 ? 0.5990 0.8231 1.4873 0.2697  0.2093  -0.0488 463 ASN A C   
71  O O   . ASN A 10 ? 0.6636 0.8692 1.5035 0.2802  0.2772  -0.0645 463 ASN A O   
72  C CB  . ASN A 10 ? 0.5711 0.7890 1.5416 0.3219  0.0701  -0.0783 463 ASN A CB  
73  C CG  . ASN A 10 ? 0.8480 1.0041 1.7577 0.3438  -0.0119 -0.0712 463 ASN A CG  
74  O OD1 . ASN A 10 ? 0.7590 0.8975 1.6698 0.3357  -0.0900 -0.0509 463 ASN A OD1 
75  N ND2 . ASN A 10 ? 0.7740 0.8857 1.6186 0.3688  0.0051  -0.0880 463 ASN A ND2 
76  N N   . GLN A 11 ? 0.4995 0.7658 1.4638 0.2394  0.2175  -0.0409 464 GLN A N   
77  C CA  . GLN A 11 ? 0.5151 0.8136 1.5275 0.2125  0.3094  -0.0474 464 GLN A CA  
78  C C   . GLN A 11 ? 0.5053 0.8706 1.6687 0.1856  0.2982  -0.0586 464 GLN A C   
79  O O   . GLN A 11 ? 0.4475 0.8074 1.6169 0.1772  0.2223  -0.0451 464 GLN A O   
80  C CB  . GLN A 11 ? 0.5740 0.8001 1.4266 0.1902  0.3573  -0.0063 464 GLN A CB  
81  C CG  . GLN A 11 ? 0.6406 0.8230 1.4100 0.1776  0.2975  0.0341  464 GLN A CG  
82  C CD  . GLN A 11 ? 0.9666 1.0708 1.5771 0.1746  0.3243  0.0691  464 GLN A CD  
83  O OE1 . GLN A 11 ? 0.9944 1.0699 1.5668 0.1508  0.3794  0.0881  464 GLN A OE1 
84  N NE2 . GLN A 11 ? 0.8257 0.8873 1.3418 0.1979  0.2807  0.0787  464 GLN A NE2 
85  N N   . THR A 12 ? 0.4884 0.9133 1.7704 0.1689  0.3775  -0.0855 465 THR A N   
86  C CA  . THR A 12 ? 0.4547 0.9494 1.9010 0.1370  0.3763  -0.1016 465 THR A CA  
87  C C   . THR A 12 ? 0.5226 0.9685 1.8827 0.0904  0.4276  -0.0647 465 THR A C   
88  O O   . THR A 12 ? 0.5986 1.0120 1.8866 0.0747  0.5215  -0.0523 465 THR A O   
89  C CB  . THR A 12 ? 0.5465 1.1406 2.1917 0.1418  0.4396  -0.1537 465 THR A CB  
90  O OG1 . THR A 12 ? 0.5466 1.1661 2.2475 0.1951  0.3945  -0.1874 465 THR A OG1 
91  C CG2 . THR A 12 ? 0.4670 1.1465 2.3172 0.1093  0.4219  -0.1770 465 THR A CG2 
92  N N   . VAL A 13 ? 0.4161 0.8420 1.7665 0.0695  0.3651  -0.0467 466 VAL A N   
93  C CA  . VAL A 13 ? 0.4390 0.8096 1.7150 0.0294  0.4038  -0.0147 466 VAL A CA  
94  C C   . VAL A 13 ? 0.4778 0.8995 1.9105 -0.0128 0.4018  -0.0353 466 VAL A C   
95  O O   . VAL A 13 ? 0.4280 0.8998 1.9722 -0.0078 0.3240  -0.0623 466 VAL A O   
96  C CB  . VAL A 13 ? 0.4743 0.7591 1.5807 0.0393  0.3514  0.0242  466 VAL A CB  
97  C CG1 . VAL A 13 ? 0.4186 0.7127 1.5470 0.0482  0.2514  0.0152  466 VAL A CG1 
98  C CG2 . VAL A 13 ? 0.5202 0.7362 1.5451 0.0074  0.3956  0.0566  466 VAL A CG2 
99  N N   . ALA A 14 ? 0.4932 0.8944 1.9309 -0.0564 0.4844  -0.0223 467 ALA A N   
100 C CA  . ALA A 14 ? 0.4988 0.9343 2.0764 -0.1064 0.4911  -0.0383 467 ALA A CA  
101 C C   . ALA A 14 ? 0.5499 0.9040 2.0278 -0.1209 0.4335  -0.0146 467 ALA A C   
102 O O   . ALA A 14 ? 0.5623 0.8297 1.8655 -0.1036 0.4343  0.0220  467 ALA A O   
103 C CB  . ALA A 14 ? 0.5897 1.0214 2.1965 -0.1511 0.6130  -0.0298 467 ALA A CB  
104 N N   . VAL A 15 ? 0.4980 0.8789 2.0907 -0.1507 0.3809  -0.0396 468 VAL A N   
105 C CA  . VAL A 15 ? 0.5113 0.8132 2.0182 -0.1656 0.3271  -0.0286 468 VAL A CA  
106 C C   . VAL A 15 ? 0.6322 0.8391 2.0293 -0.1919 0.4002  0.0096  468 VAL A C   
107 O O   . VAL A 15 ? 0.6855 0.9000 2.1398 -0.2278 0.4838  0.0164  468 VAL A O   
108 C CB  . VAL A 15 ? 0.5613 0.9019 2.2111 -0.1973 0.2558  -0.0684 468 VAL A CB  
109 C CG1 . VAL A 15 ? 0.5882 0.8366 2.1190 -0.2029 0.1934  -0.0642 468 VAL A CG1 
110 C CG2 . VAL A 15 ? 0.5092 0.9405 2.2806 -0.1696 0.1802  -0.1040 468 VAL A CG2 
111 N N   . ASP A 16 ? 0.5962 0.7116 1.8359 -0.1719 0.3693  0.0344  469 ASP A N   
112 C CA  A ASP A 16 ? 0.6657 0.6733 1.7827 -0.1812 0.4124  0.0720  469 ASP A CA  
113 C CA  B ASP A 16 ? 0.6664 0.6743 1.7860 -0.1825 0.4140  0.0719  469 ASP A CA  
114 C C   . ASP A 16 ? 0.7501 0.7218 1.7564 -0.1590 0.4742  0.1115  469 ASP A C   
115 O O   . ASP A 16 ? 0.8289 0.7027 1.7233 -0.1611 0.5036  0.1479  469 ASP A O   
116 C CB  A ASP A 16 ? 0.7646 0.7328 1.9513 -0.2400 0.4463  0.0684  469 ASP A CB  
117 C CB  B ASP A 16 ? 0.7636 0.7380 1.9607 -0.2426 0.4511  0.0677  469 ASP A CB  
118 C CG  A ASP A 16 ? 0.8633 0.8266 2.1122 -0.2609 0.3754  0.0321  469 ASP A CG  
119 C CG  B ASP A 16 ? 0.9436 0.7884 2.0189 -0.2513 0.4740  0.1023  469 ASP A CG  
120 O OD1 A ASP A 16 ? 0.8143 0.7892 2.0242 -0.2285 0.3017  0.0135  469 ASP A OD1 
121 O OD1 B ASP A 16 ? 0.9568 0.7481 1.9809 -0.2380 0.4199  0.0927  469 ASP A OD1 
122 O OD2 A ASP A 16 ? 0.9940 0.9316 2.3193 -0.3127 0.3940  0.0225  469 ASP A OD2 
123 O OD2 B ASP A 16 ? 1.0651 0.8541 2.0903 -0.2704 0.5467  0.1382  469 ASP A OD2 
124 N N   . GLY A 17 ? 0.6461 0.6856 1.6721 -0.1333 0.4827  0.1029  470 GLY A N   
125 C CA  . GLY A 17 ? 0.6802 0.6838 1.5905 -0.1100 0.5308  0.1327  470 GLY A CA  
126 C C   . GLY A 17 ? 0.7062 0.6618 1.4812 -0.0629 0.4776  0.1546  470 GLY A C   
127 O O   . GLY A 17 ? 0.6567 0.6058 1.4262 -0.0510 0.4165  0.1480  470 GLY A O   
128 N N   . THR A 18 ? 0.7059 0.6277 1.3719 -0.0376 0.5009  0.1778  471 THR A N   
129 C CA  . THR A 18 ? 0.6849 0.5697 1.2401 0.0049  0.4487  0.1973  471 THR A CA  
130 C C   . THR A 18 ? 0.7250 0.6508 1.2586 0.0360  0.4362  0.1861  471 THR A C   
131 O O   . THR A 18 ? 0.8024 0.7202 1.3046 0.0332  0.4905  0.1863  471 THR A O   
132 C CB  . THR A 18 ? 0.8662 0.6393 1.2898 0.0085  0.4641  0.2413  471 THR A CB  
133 O OG1 . THR A 18 ? 0.9558 0.6864 1.4061 -0.0137 0.4620  0.2469  471 THR A OG1 
134 C CG2 . THR A 18 ? 0.7780 0.5221 1.1081 0.0527  0.4089  0.2594  471 THR A CG2 
135 N N   . PHE A 19 ? 0.5935 0.5528 1.1339 0.0634  0.3690  0.1759  472 PHE A N   
136 C CA  . PHE A 19 ? 0.5666 0.5506 1.0809 0.0930  0.3458  0.1665  472 PHE A CA  
137 C C   . PHE A 19 ? 0.6562 0.6017 1.0769 0.1197  0.2953  0.1891  472 PHE A C   
138 O O   . PHE A 19 ? 0.6295 0.5654 1.0496 0.1200  0.2632  0.1987  472 PHE A O   
139 C CB  . PHE A 19 ? 0.5070 0.5715 1.1358 0.0974  0.3134  0.1298  472 PHE A CB  
140 C CG  . PHE A 19 ? 0.4529 0.5379 1.1159 0.0974  0.2460  0.1232  472 PHE A CG  
141 C CD1 . PHE A 19 ? 0.4746 0.5773 1.2118 0.0716  0.2376  0.1095  472 PHE A CD1 
142 C CD2 . PHE A 19 ? 0.4417 0.5231 1.0585 0.1193  0.1917  0.1282  472 PHE A CD2 
143 C CE1 . PHE A 19 ? 0.4465 0.5538 1.1893 0.0702  0.1766  0.1009  472 PHE A CE1 
144 C CE2 . PHE A 19 ? 0.4436 0.5335 1.0732 0.1140  0.1385  0.1231  472 PHE A CE2 
145 C CZ  . PHE A 19 ? 0.4162 0.5153 1.0993 0.0908  0.1316  0.1090  472 PHE A CZ  
146 N N   . VAL A 20 ? 0.6664 0.5899 1.0130 0.1413  0.2907  0.1935  473 VAL A N   
147 C CA  . VAL A 20 ? 0.6684 0.5622 0.9416 0.1646  0.2388  0.2114  473 VAL A CA  
148 C C   . VAL A 20 ? 0.7084 0.6392 1.0015 0.1805  0.2002  0.1902  473 VAL A C   
149 O O   . VAL A 20 ? 0.7516 0.6914 1.0499 0.1866  0.2244  0.1686  473 VAL A O   
150 C CB  . VAL A 20 ? 0.8216 0.6313 0.9681 0.1745  0.2511  0.2393  473 VAL A CB  
151 C CG1 . VAL A 20 ? 0.8169 0.6063 0.9153 0.1976  0.1857  0.2547  473 VAL A CG1 
152 C CG2 . VAL A 20 ? 0.8843 0.6387 1.0022 0.1576  0.2882  0.2643  473 VAL A CG2 
153 N N   . LEU A 21 ? 0.5984 0.5458 0.9041 0.1864  0.1451  0.1950  474 LEU A N   
154 C CA  . LEU A 21 ? 0.5655 0.5310 0.8804 0.1970  0.1015  0.1817  474 LEU A CA  
155 C C   . LEU A 21 ? 0.6264 0.5621 0.8809 0.2074  0.0607  0.2001  474 LEU A C   
156 O O   . LEU A 21 ? 0.5956 0.5445 0.8696 0.2013  0.0373  0.2141  474 LEU A O   
157 C CB  . LEU A 21 ? 0.5049 0.5129 0.8922 0.1850  0.0727  0.1710  474 LEU A CB  
158 C CG  . LEU A 21 ? 0.5502 0.5934 1.0159 0.1781  0.0895  0.1462  474 LEU A CG  
159 C CD1 . LEU A 21 ? 0.5093 0.5727 1.0171 0.1627  0.0537  0.1423  474 LEU A CD1 
160 C CD2 . LEU A 21 ? 0.6029 0.6562 1.0936 0.1968  0.0860  0.1214  474 LEU A CD2 
161 N N   . SER A 22 ? 0.6414 0.5358 0.8245 0.2224  0.0547  0.1971  475 SER A N   
162 C CA  . SER A 22 ? 0.6705 0.5324 0.7990 0.2316  0.0059  0.2109  475 SER A CA  
163 C C   . SER A 22 ? 0.6799 0.5516 0.8264 0.2320  -0.0419 0.1977  475 SER A C   
164 O O   . SER A 22 ? 0.6531 0.5396 0.8316 0.2330  -0.0375 0.1762  475 SER A O   
165 C CB  . SER A 22 ? 0.8484 0.6376 0.8630 0.2451  0.0154  0.2181  475 SER A CB  
166 O OG  . SER A 22 ? 1.0790 0.8459 1.0506 0.2508  0.0576  0.1936  475 SER A OG  
167 N N   . CYS A 23 ? 0.6462 0.5086 0.7826 0.2303  -0.0919 0.2106  476 CYS A N   
168 C CA  . CYS A 23 ? 0.6322 0.4963 0.7876 0.2224  -0.1410 0.2041  476 CYS A CA  
169 C C   . CYS A 23 ? 0.6936 0.5330 0.8227 0.2232  -0.1946 0.2143  476 CYS A C   
170 O O   . CYS A 23 ? 0.6821 0.5433 0.8430 0.2214  -0.2038 0.2331  476 CYS A O   
171 C CB  . CYS A 23 ? 0.5693 0.4833 0.8033 0.1992  -0.1419 0.2111  476 CYS A CB  
172 S SG  . CYS A 23 ? 0.6341 0.5304 0.8783 0.1875  -0.1825 0.1997  476 CYS A SG  
173 N N   . VAL A 24 ? 0.6719 0.4650 0.7522 0.2276  -0.2347 0.1982  477 VAL A N   
174 C CA  . VAL A 24 ? 0.7102 0.4725 0.7659 0.2258  -0.2995 0.2018  477 VAL A CA  
175 C C   . VAL A 24 ? 0.7277 0.5001 0.8389 0.2015  -0.3426 0.1969  477 VAL A C   
176 O O   . VAL A 24 ? 0.7517 0.4953 0.8432 0.2024  -0.3415 0.1785  477 VAL A O   
177 C CB  . VAL A 24 ? 0.8735 0.5476 0.7946 0.2493  -0.3143 0.1856  477 VAL A CB  
178 C CG1 . VAL A 24 ? 0.9452 0.5781 0.8377 0.2454  -0.3975 0.1836  477 VAL A CG1 
179 C CG2 . VAL A 24 ? 0.9134 0.5632 0.7668 0.2655  -0.2735 0.1997  477 VAL A CG2 
180 N N   . ALA A 25 ? 0.6290 0.4411 0.8173 0.1788  -0.3790 0.2130  478 ALA A N   
181 C CA  . ALA A 25 ? 0.6160 0.4353 0.8608 0.1454  -0.4150 0.2135  478 ALA A CA  
182 C C   . ALA A 25 ? 0.7544 0.5693 1.0316 0.1324  -0.4845 0.2142  478 ALA A C   
183 O O   . ALA A 25 ? 0.7546 0.6025 1.0696 0.1419  -0.4996 0.2239  478 ALA A O   
184 C CB  . ALA A 25 ? 0.5363 0.4223 0.8692 0.1157  -0.3747 0.2319  478 ALA A CB  
185 N N   . THR A 26 ? 0.7775 0.5478 1.0469 0.1111  -0.5334 0.2027  479 THR A N   
186 C CA  . THR A 26 ? 0.8419 0.6018 1.1495 0.0918  -0.6101 0.1985  479 THR A CA  
187 C C   . THR A 26 ? 0.8834 0.6909 1.3123 0.0375  -0.6186 0.2123  479 THR A C   
188 O O   . THR A 26 ? 0.8664 0.6644 1.2942 0.0156  -0.5841 0.2199  479 THR A O   
189 C CB  . THR A 26 ? 1.0680 0.7181 1.2521 0.1092  -0.6667 0.1688  479 THR A CB  
190 O OG1 . THR A 26 ? 1.0311 0.6307 1.1818 0.1009  -0.6550 0.1558  479 THR A OG1 
191 C CG2 . THR A 26 ? 1.1384 0.7329 1.1880 0.1566  -0.6547 0.1557  479 THR A CG2 
192 N N   . GLY A 27 ? 0.8571 0.7101 1.3885 0.0146  -0.6676 0.2157  480 GLY A N   
193 C CA  . GLY A 27 ? 0.8392 0.7439 1.5023 -0.0449 -0.6731 0.2277  480 GLY A CA  
194 C C   . GLY A 27 ? 0.8539 0.8590 1.6793 -0.0604 -0.6954 0.2323  480 GLY A C   
195 O O   . GLY A 27 ? 0.8168 0.8588 1.6592 -0.0203 -0.6995 0.2314  480 GLY A O   
196 N N   . SER A 28 ? 0.8226 0.8703 1.7765 -0.1197 -0.7106 0.2374  481 SER A N   
197 C CA  . SER A 28 ? 0.7940 0.9571 1.9465 -0.1435 -0.7247 0.2383  481 SER A CA  
198 C C   . SER A 28 ? 0.7924 1.0339 2.0520 -0.1995 -0.6300 0.2575  481 SER A C   
199 O O   . SER A 28 ? 0.8324 1.0288 2.0727 -0.2540 -0.6211 0.2678  481 SER A O   
200 C CB  . SER A 28 ? 0.9268 1.0702 2.1470 -0.1713 -0.8318 0.2223  481 SER A CB  
201 O OG  . SER A 28 ? 1.0264 1.2828 2.4421 -0.1741 -0.8659 0.2164  481 SER A OG  
202 N N   . PRO A 29 ? 0.6793 1.0187 2.0252 -0.1874 -0.5528 0.2629  482 PRO A N   
203 C CA  . PRO A 29 ? 0.6317 1.0225 2.0106 -0.1245 -0.5531 0.2540  482 PRO A CA  
204 C C   . PRO A 29 ? 0.6453 0.9556 1.8374 -0.0672 -0.5349 0.2565  482 PRO A C   
205 O O   . PRO A 29 ? 0.6560 0.8818 1.7051 -0.0727 -0.5195 0.2615  482 PRO A O   
206 C CB  . PRO A 29 ? 0.5978 1.1118 2.1372 -0.1472 -0.4601 0.2563  482 PRO A CB  
207 C CG  . PRO A 29 ? 0.6638 1.1465 2.1365 -0.2045 -0.3823 0.2735  482 PRO A CG  
208 C CD  . PRO A 29 ? 0.6779 1.0771 2.0962 -0.2430 -0.4530 0.2784  482 PRO A CD  
209 N N   . VAL A 30 ? 0.5556 0.8914 1.7591 -0.0129 -0.5387 0.2524  483 VAL A N   
210 C CA  . VAL A 30 ? 0.5367 0.8040 1.5835 0.0381  -0.5181 0.2554  483 VAL A CA  
211 C C   . VAL A 30 ? 0.5134 0.7835 1.5066 0.0254  -0.4191 0.2635  483 VAL A C   
212 O O   . VAL A 30 ? 0.4561 0.8029 1.5454 0.0150  -0.3543 0.2646  483 VAL A O   
213 C CB  . VAL A 30 ? 0.5899 0.8772 1.6716 0.0916  -0.5455 0.2541  483 VAL A CB  
214 C CG1 . VAL A 30 ? 0.5990 0.8023 1.5090 0.1348  -0.5231 0.2599  483 VAL A CG1 
215 C CG2 . VAL A 30 ? 0.6627 0.9410 1.7965 0.1030  -0.6584 0.2468  483 VAL A CG2 
216 N N   . PRO A 31 ? 0.4796 0.6651 1.3239 0.0265  -0.4094 0.2655  484 PRO A N   
217 C CA  . PRO A 31 ? 0.4346 0.6162 1.2288 0.0128  -0.3327 0.2728  484 PRO A CA  
218 C C   . PRO A 31 ? 0.4273 0.6329 1.2096 0.0464  -0.2773 0.2717  484 PRO A C   
219 O O   . PRO A 31 ? 0.4193 0.6014 1.1613 0.0895  -0.2968 0.2684  484 PRO A O   
220 C CB  . PRO A 31 ? 0.4936 0.5807 1.1547 0.0160  -0.3561 0.2701  484 PRO A CB  
221 C CG  . PRO A 31 ? 0.6126 0.6581 1.2669 0.0147  -0.4366 0.2608  484 PRO A CG  
222 C CD  . PRO A 31 ? 0.5614 0.6507 1.2834 0.0401  -0.4696 0.2572  484 PRO A CD  
223 N N   . THR A 32 ? 0.3564 0.5991 1.1653 0.0226  -0.2079 0.2751  485 THR A N   
224 C CA  . THR A 32 ? 0.3225 0.5823 1.1197 0.0464  -0.1505 0.2705  485 THR A CA  
225 C C   . THR A 32 ? 0.3774 0.5703 1.0472 0.0508  -0.1365 0.2719  485 THR A C   
226 O O   . THR A 32 ? 0.4159 0.5748 1.0369 0.0202  -0.1385 0.2783  485 THR A O   
227 C CB  . THR A 32 ? 0.4036 0.7303 1.2859 0.0160  -0.0822 0.2671  485 THR A CB  
228 O OG1 . THR A 32 ? 0.3866 0.7853 1.4127 0.0003  -0.0974 0.2640  485 THR A OG1 
229 C CG2 . THR A 32 ? 0.3596 0.7044 1.2469 0.0455  -0.0287 0.2551  485 THR A CG2 
230 N N   . ILE A 33 ? 0.2981 0.4691 0.9205 0.0876  -0.1259 0.2666  486 ILE A N   
231 C CA  . ILE A 33 ? 0.2899 0.4113 0.8195 0.0927  -0.1132 0.2636  486 ILE A CA  
232 C C   . ILE A 33 ? 0.3246 0.4595 0.8489 0.0851  -0.0577 0.2586  486 ILE A C   
233 O O   . ILE A 33 ? 0.3039 0.4663 0.8688 0.1012  -0.0282 0.2531  486 ILE A O   
234 C CB  . ILE A 33 ? 0.3368 0.4140 0.8058 0.1292  -0.1355 0.2589  486 ILE A CB  
235 C CG1 . ILE A 33 ? 0.3760 0.4262 0.8298 0.1383  -0.1937 0.2593  486 ILE A CG1 
236 C CG2 . ILE A 33 ? 0.3356 0.3769 0.7407 0.1323  -0.1212 0.2506  486 ILE A CG2 
237 C CD1 . ILE A 33 ? 0.4666 0.4926 0.9078 0.1133  -0.2300 0.2577  486 ILE A CD1 
238 N N   . LEU A 34 ? 0.3001 0.4059 0.7692 0.0614  -0.0504 0.2597  487 LEU A N   
239 C CA  . LEU A 34 ? 0.3032 0.4017 0.7393 0.0513  -0.0106 0.2525  487 LEU A CA  
240 C C   . LEU A 34 ? 0.3610 0.4172 0.7400 0.0634  -0.0317 0.2465  487 LEU A C   
241 O O   . LEU A 34 ? 0.3616 0.3912 0.7210 0.0686  -0.0710 0.2490  487 LEU A O   
242 C CB  . LEU A 34 ? 0.3495 0.4426 0.7618 0.0072  0.0130  0.2598  487 LEU A CB  
243 C CG  . LEU A 34 ? 0.4090 0.5566 0.8897 -0.0097 0.0632  0.2566  487 LEU A CG  
244 C CD1 . LEU A 34 ? 0.3736 0.5601 0.9153 0.0262  0.0926  0.2388  487 LEU A CD1 
245 C CD2 . LEU A 34 ? 0.4291 0.6096 0.9812 -0.0284 0.0432  0.2687  487 LEU A CD2 
246 N N   . TRP A 35 ? 0.3152 0.3670 0.6793 0.0692  -0.0066 0.2343  488 TRP A N   
247 C CA  . TRP A 35 ? 0.3123 0.3384 0.6513 0.0787  -0.0246 0.2243  488 TRP A CA  
248 C C   . TRP A 35 ? 0.3841 0.3800 0.6727 0.0549  -0.0290 0.2195  488 TRP A C   
249 O O   . TRP A 35 ? 0.4069 0.4011 0.6735 0.0388  0.0040  0.2148  488 TRP A O   
250 C CB  . TRP A 35 ? 0.2744 0.3120 0.6415 0.1032  -0.0015 0.2137  488 TRP A CB  
251 C CG  . TRP A 35 ? 0.2723 0.3145 0.6549 0.1270  -0.0084 0.2203  488 TRP A CG  
252 C CD1 . TRP A 35 ? 0.3079 0.3618 0.7106 0.1396  -0.0011 0.2296  488 TRP A CD1 
253 C CD2 . TRP A 35 ? 0.2754 0.3025 0.6459 0.1416  -0.0295 0.2164  488 TRP A CD2 
254 N NE1 . TRP A 35 ? 0.3182 0.3546 0.7028 0.1589  -0.0206 0.2342  488 TRP A NE1 
255 C CE2 . TRP A 35 ? 0.3422 0.3621 0.7033 0.1598  -0.0316 0.2244  488 TRP A CE2 
256 C CE3 . TRP A 35 ? 0.2970 0.3136 0.6666 0.1443  -0.0472 0.2033  488 TRP A CE3 
257 C CZ2 . TRP A 35 ? 0.3626 0.3573 0.6922 0.1769  -0.0430 0.2187  488 TRP A CZ2 
258 C CZ3 . TRP A 35 ? 0.3329 0.3374 0.6957 0.1648  -0.0529 0.1944  488 TRP A CZ3 
259 C CH2 . TRP A 35 ? 0.3627 0.3526 0.6954 0.1792  -0.0467 0.2016  488 TRP A CH2 
260 N N   . ARG A 36 ? 0.3473 0.3131 0.6142 0.0550  -0.0728 0.2181  489 ARG A N   
261 C CA  . ARG A 36 ? 0.4050 0.3266 0.6120 0.0347  -0.0975 0.2156  489 ARG A CA  
262 C C   . ARG A 36 ? 0.4371 0.3617 0.6819 0.0538  -0.1267 0.1956  489 ARG A C   
263 O O   . ARG A 36 ? 0.4075 0.3506 0.7071 0.0779  -0.1441 0.1896  489 ARG A O   
264 C CB  . ARG A 36 ? 0.4683 0.3401 0.6192 0.0154  -0.1388 0.2363  489 ARG A CB  
265 C CG  . ARG A 36 ? 0.7430 0.5503 0.7893 -0.0194 -0.1502 0.2457  489 ARG A CG  
266 C CD  . ARG A 36 ? 0.9539 0.6956 0.9371 -0.0401 -0.1948 0.2723  489 ARG A CD  
267 N NE  . ARG A 36 ? 1.0320 0.7543 1.0516 -0.0101 -0.2634 0.2671  489 ARG A NE  
268 C CZ  . ARG A 36 ? 1.1927 0.8863 1.2197 -0.0054 -0.2992 0.2804  489 ARG A CZ  
269 N NH1 . ARG A 36 ? 0.9515 0.6318 0.9522 -0.0348 -0.2774 0.3032  489 ARG A NH1 
270 N NH2 . ARG A 36 ? 1.0682 0.7467 1.1388 0.0286  -0.3566 0.2676  489 ARG A NH2 
271 N N   . LYS A 37 ? 0.4033 0.3115 0.6251 0.0421  -0.1290 0.1812  490 LYS A N   
272 C CA  . LYS A 37 ? 0.3844 0.3003 0.6587 0.0531  -0.1625 0.1593  490 LYS A CA  
273 C C   . LYS A 37 ? 0.5031 0.3565 0.7036 0.0349  -0.2247 0.1594  490 LYS A C   
274 O O   . LYS A 37 ? 0.5782 0.3880 0.6879 0.0094  -0.2157 0.1593  490 LYS A O   
275 C CB  . LYS A 37 ? 0.3827 0.3286 0.7041 0.0540  -0.1191 0.1402  490 LYS A CB  
276 C CG  . LYS A 37 ? 0.5090 0.4492 0.8644 0.0465  -0.1540 0.1147  490 LYS A CG  
277 C CD  . LYS A 37 ? 0.5059 0.4874 0.9722 0.0654  -0.1857 0.0999  490 LYS A CD  
278 C CE  . LYS A 37 ? 0.6082 0.6050 1.1440 0.0540  -0.2010 0.0717  490 LYS A CE  
279 N NZ  . LYS A 37 ? 0.7624 0.7017 1.2280 0.0342  -0.2674 0.0625  490 LYS A NZ  
280 N N   . ASP A 38 ? 0.4433 0.2831 0.6734 0.0499  -0.2895 0.1593  491 ASP A N   
281 C CA  . ASP A 38 ? 0.5379 0.3052 0.6987 0.0394  -0.3701 0.1636  491 ASP A CA  
282 C C   . ASP A 38 ? 0.6773 0.3607 0.6758 0.0035  -0.3670 0.1923  491 ASP A C   
283 O O   . ASP A 38 ? 0.7804 0.3941 0.6734 -0.0197 -0.4003 0.1920  491 ASP A O   
284 C CB  . ASP A 38 ? 0.5885 0.3600 0.7892 0.0384  -0.4102 0.1346  491 ASP A CB  
285 C CG  . ASP A 38 ? 0.6214 0.4681 0.9930 0.0697  -0.4296 0.1071  491 ASP A CG  
286 O OD1 . ASP A 38 ? 0.6187 0.4719 1.0470 0.0963  -0.4692 0.1082  491 ASP A OD1 
287 O OD2 . ASP A 38 ? 0.6241 0.5182 1.0744 0.0657  -0.4066 0.0820  491 ASP A OD2 
288 N N   . GLY A 39 ? 0.6123 0.3009 0.5910 -0.0038 -0.3253 0.2153  492 GLY A N   
289 C CA  . GLY A 39 ? 0.7137 0.3336 0.5585 -0.0430 -0.3077 0.2441  492 GLY A CA  
290 C C   . GLY A 39 ? 0.7783 0.4044 0.5631 -0.0699 -0.2316 0.2380  492 GLY A C   
291 O O   . GLY A 39 ? 0.9025 0.4621 0.5595 -0.1079 -0.2121 0.2554  492 GLY A O   
292 N N   . VAL A 40 ? 0.6275 0.3263 0.5004 -0.0509 -0.1849 0.2125  493 VAL A N   
293 C CA  . VAL A 40 ? 0.6369 0.3486 0.4802 -0.0654 -0.1116 0.1983  493 VAL A CA  
294 C C   . VAL A 40 ? 0.5776 0.3789 0.5449 -0.0398 -0.0562 0.1924  493 VAL A C   
295 O O   . VAL A 40 ? 0.4776 0.3225 0.5390 -0.0108 -0.0717 0.1831  493 VAL A O   
296 C CB  . VAL A 40 ? 0.7439 0.4158 0.5360 -0.0706 -0.1301 0.1697  493 VAL A CB  
297 C CG1 . VAL A 40 ? 0.7048 0.4135 0.5319 -0.0649 -0.0584 0.1431  493 VAL A CG1 
298 C CG2 . VAL A 40 ? 0.9144 0.4775 0.5309 -0.1063 -0.1618 0.1782  493 VAL A CG2 
299 N N   . LEU A 41 ? 0.5576 0.3832 0.5251 -0.0517 0.0069  0.1986  494 LEU A N   
300 C CA  . LEU A 41 ? 0.4674 0.3681 0.5455 -0.0270 0.0492  0.1956  494 LEU A CA  
301 C C   . LEU A 41 ? 0.5138 0.4357 0.6436 -0.0018 0.0674  0.1711  494 LEU A C   
302 O O   . LEU A 41 ? 0.5813 0.4723 0.6626 -0.0112 0.0884  0.1495  494 LEU A O   
303 C CB  . LEU A 41 ? 0.4868 0.4137 0.5724 -0.0449 0.1109  0.2001  494 LEU A CB  
304 C CG  . LEU A 41 ? 0.5318 0.4751 0.6398 -0.0622 0.1029  0.2271  494 LEU A CG  
305 C CD1 . LEU A 41 ? 0.5837 0.5468 0.6899 -0.0937 0.1717  0.2274  494 LEU A CD1 
306 C CD2 . LEU A 41 ? 0.4576 0.4571 0.6746 -0.0297 0.0806  0.2328  494 LEU A CD2 
307 N N   . VAL A 42 ? 0.3976 0.3601 0.6131 0.0274  0.0588  0.1747  495 VAL A N   
308 C CA  . VAL A 42 ? 0.3733 0.3485 0.6397 0.0489  0.0758  0.1596  495 VAL A CA  
309 C C   . VAL A 42 ? 0.5162 0.4997 0.7976 0.0550  0.1292  0.1477  495 VAL A C   
310 O O   . VAL A 42 ? 0.4890 0.5055 0.8050 0.0607  0.1517  0.1571  495 VAL A O   
311 C CB  . VAL A 42 ? 0.3496 0.3531 0.6783 0.0738  0.0610  0.1718  495 VAL A CB  
312 C CG1 . VAL A 42 ? 0.3312 0.3365 0.7003 0.0917  0.0882  0.1649  495 VAL A CG1 
313 C CG2 . VAL A 42 ? 0.3429 0.3394 0.6721 0.0727  0.0166  0.1712  495 VAL A CG2 
314 N N   . SER A 43 ? 0.5838 0.5364 0.8469 0.0534  0.1463  0.1232  496 SER A N   
315 C CA  . SER A 43 ? 0.6407 0.5875 0.9149 0.0631  0.1971  0.1025  496 SER A CA  
316 C C   . SER A 43 ? 0.6598 0.6401 1.0229 0.0972  0.2143  0.1123  496 SER A C   
317 O O   . SER A 43 ? 0.6220 0.6012 1.0188 0.1132  0.1936  0.1265  496 SER A O   
318 C CB  . SER A 43 ? 0.7558 0.6482 0.9882 0.0546  0.2011  0.0719  496 SER A CB  
319 O OG  . SER A 43 ? 0.8349 0.7214 1.1212 0.0680  0.1874  0.0732  496 SER A OG  
320 N N   . THR A 44 ? 0.6371 0.6432 1.0357 0.1078  0.2529  0.1035  497 THR A N   
321 C CA  . THR A 44 ? 0.6151 0.6509 1.1059 0.1443  0.2606  0.1099  497 THR A CA  
322 C C   . THR A 44 ? 0.6970 0.6900 1.2039 0.1673  0.2847  0.0858  497 THR A C   
323 O O   . THR A 44 ? 0.6847 0.6826 1.2620 0.2028  0.2828  0.0914  497 THR A O   
324 C CB  . THR A 44 ? 0.7704 0.8676 1.3223 0.1449  0.2868  0.1087  497 THR A CB  
325 O OG1 . THR A 44 ? 0.8362 0.9275 1.3624 0.1305  0.3453  0.0759  497 THR A OG1 
326 C CG2 . THR A 44 ? 0.7199 0.8477 1.2588 0.1195  0.2578  0.1352  497 THR A CG2 
327 N N   . GLN A 45 ? 0.6890 0.6301 1.1263 0.1474  0.2992  0.0587  498 GLN A N   
328 C CA  . GLN A 45 ? 0.7385 0.6261 1.1810 0.1639  0.3226  0.0294  498 GLN A CA  
329 C C   . GLN A 45 ? 0.7866 0.6124 1.1882 0.1476  0.2967  0.0265  498 GLN A C   
330 O O   . GLN A 45 ? 0.8574 0.6251 1.2282 0.1430  0.3128  -0.0070 498 GLN A O   
331 C CB  . GLN A 45 ? 0.8393 0.7141 1.2458 0.1577  0.3759  -0.0141 498 GLN A CB  
332 C CG  . GLN A 45 ? 0.9389 0.8816 1.4223 0.1769  0.4192  -0.0202 498 GLN A CG  
333 C CD  . GLN A 45 ? 0.9552 0.9309 1.5655 0.2250  0.4068  -0.0065 498 GLN A CD  
334 O OE1 . GLN A 45 ? 0.8344 0.7636 1.4770 0.2569  0.4078  -0.0208 498 GLN A OE1 
335 N NE2 . GLN A 45 ? 0.7691 0.8151 1.4483 0.2305  0.3868  0.0224  498 GLN A NE2 
336 N N   . ASP A 46 ? 0.6646 0.5023 1.0749 0.1390  0.2604  0.0583  499 ASP A N   
337 C CA  . ASP A 46 ? 0.6672 0.4628 1.0688 0.1205  0.2422  0.0577  499 ASP A CA  
338 C C   . ASP A 46 ? 0.6912 0.4636 1.1354 0.1424  0.2439  0.0846  499 ASP A C   
339 O O   . ASP A 46 ? 0.6417 0.4458 1.1035 0.1581  0.2327  0.1162  499 ASP A O   
340 C CB  . ASP A 46 ? 0.6531 0.4790 1.0389 0.0933  0.2078  0.0689  499 ASP A CB  
341 C CG  . ASP A 46 ? 0.8458 0.6449 1.2436 0.0673  0.1896  0.0584  499 ASP A CG  
342 O OD1 . ASP A 46 ? 0.8724 0.6383 1.3027 0.0691  0.2045  0.0642  499 ASP A OD1 
343 O OD2 . ASP A 46 ? 0.9350 0.7455 1.3156 0.0437  0.1574  0.0463  499 ASP A OD2 
344 N N   . SER A 47 ? 0.6967 0.4014 1.1451 0.1409  0.2548  0.0730  500 SER A N   
345 C CA  . SER A 47 ? 0.7193 0.3742 1.1865 0.1566  0.2569  0.1019  500 SER A CA  
346 C C   . SER A 47 ? 0.7361 0.4048 1.1984 0.1397  0.2477  0.1377  500 SER A C   
347 O O   . SER A 47 ? 0.7518 0.3894 1.2048 0.1583  0.2466  0.1715  500 SER A O   
348 C CB  . SER A 47 ? 0.8465 0.4139 1.3121 0.1485  0.2694  0.0812  500 SER A CB  
349 O OG  . SER A 47 ? 0.9699 0.5301 1.4237 0.1056  0.2642  0.0542  500 SER A OG  
350 N N   . ARG A 48 ? 0.6587 0.3693 1.1242 0.1069  0.2399  0.1286  501 ARG A N   
351 C CA  . ARG A 48 ? 0.6334 0.3660 1.1068 0.0914  0.2415  0.1526  501 ARG A CA  
352 C C   . ARG A 48 ? 0.6359 0.4316 1.0991 0.1067  0.2244  0.1673  501 ARG A C   
353 O O   . ARG A 48 ? 0.6304 0.4304 1.0837 0.1072  0.2309  0.1898  501 ARG A O   
354 C CB  . ARG A 48 ? 0.6217 0.3650 1.1340 0.0499  0.2422  0.1317  501 ARG A CB  
355 C CG  . ARG A 48 ? 0.7015 0.4957 1.2249 0.0372  0.2096  0.1017  501 ARG A CG  
356 C CD  . ARG A 48 ? 0.7683 0.5707 1.3481 -0.0009 0.1975  0.0780  501 ARG A CD  
357 N NE  . ARG A 48 ? 0.7708 0.6137 1.3519 -0.0085 0.1514  0.0546  501 ARG A NE  
358 C CZ  . ARG A 48 ? 0.8686 0.7714 1.4857 -0.0068 0.1297  0.0587  501 ARG A CZ  
359 N NH1 . ARG A 48 ? 0.6932 0.6277 1.3478 0.0010  0.1582  0.0801  501 ARG A NH1 
360 N NH2 . ARG A 48 ? 0.6377 0.5581 1.2443 -0.0118 0.0782  0.0406  501 ARG A NH2 
361 N N   . ILE A 49 ? 0.5716 0.4067 1.0291 0.1163  0.2065  0.1537  502 ILE A N   
362 C CA  . ILE A 49 ? 0.5237 0.4099 0.9729 0.1272  0.1865  0.1666  502 ILE A CA  
363 C C   . ILE A 49 ? 0.6273 0.5135 1.0751 0.1589  0.1833  0.1841  502 ILE A C   
364 O O   . ILE A 49 ? 0.6493 0.5435 1.1120 0.1687  0.1899  0.1700  502 ILE A O   
365 C CB  . ILE A 49 ? 0.5272 0.4490 0.9677 0.1106  0.1659  0.1467  502 ILE A CB  
366 C CG1 . ILE A 49 ? 0.5388 0.4588 0.9935 0.0829  0.1530  0.1264  502 ILE A CG1 
367 C CG2 . ILE A 49 ? 0.4843 0.4453 0.9170 0.1187  0.1439  0.1626  502 ILE A CG2 
368 C CD1 . ILE A 49 ? 0.6277 0.5502 1.0488 0.0654  0.1240  0.1050  502 ILE A CD1 
369 N N   . LYS A 50 ? 0.6014 0.4780 1.0331 0.1747  0.1730  0.2114  503 LYS A N   
370 C CA  . LYS A 50 ? 0.6145 0.4878 1.0519 0.2061  0.1541  0.2290  503 LYS A CA  
371 C C   . LYS A 50 ? 0.6475 0.5612 1.0765 0.2103  0.1242  0.2397  503 LYS A C   
372 O O   . LYS A 50 ? 0.6469 0.5533 1.0367 0.2023  0.1193  0.2478  503 LYS A O   
373 C CB  . LYS A 50 ? 0.7185 0.5171 1.1239 0.2237  0.1537  0.2544  503 LYS A CB  
374 C CG  . LYS A 50 ? 0.9045 0.6487 1.3245 0.2250  0.1762  0.2456  503 LYS A CG  
375 C CD  . LYS A 50 ? 1.1336 0.7847 1.5038 0.2378  0.1722  0.2785  503 LYS A CD  
376 C CE  . LYS A 50 ? 1.3350 0.9175 1.7180 0.2375  0.1914  0.2707  503 LYS A CE  
377 N NZ  . LYS A 50 ? 1.5700 1.0427 1.8888 0.2458  0.1855  0.3095  503 LYS A NZ  
378 N N   . GLN A 51 ? 0.5867 0.5430 1.0599 0.2217  0.1081  0.2358  504 GLN A N   
379 C CA  A GLN A 51 ? 0.5590 0.5519 1.0375 0.2225  0.0748  0.2442  504 GLN A CA  
380 C CA  B GLN A 51 ? 0.5575 0.5502 1.0356 0.2225  0.0746  0.2444  504 GLN A CA  
381 C C   . GLN A 51 ? 0.6615 0.6306 1.1437 0.2533  0.0379  0.2647  504 GLN A C   
382 O O   . GLN A 51 ? 0.6440 0.6520 1.1943 0.2671  0.0154  0.2634  504 GLN A O   
383 C CB  A GLN A 51 ? 0.5356 0.5880 1.0650 0.2070  0.0826  0.2287  504 GLN A CB  
384 C CB  B GLN A 51 ? 0.5317 0.5839 1.0595 0.2065  0.0818  0.2289  504 GLN A CB  
385 C CG  A GLN A 51 ? 0.6066 0.6642 1.1038 0.1753  0.1032  0.2130  504 GLN A CG  
386 C CG  B GLN A 51 ? 0.5539 0.6120 1.0467 0.1747  0.0973  0.2155  504 GLN A CG  
387 C CD  A GLN A 51 ? 0.7745 0.8166 1.2712 0.1686  0.1405  0.1914  504 GLN A CD  
388 C CD  B GLN A 51 ? 0.6538 0.7503 1.1642 0.1525  0.1048  0.2081  504 GLN A CD  
389 O OE1 A GLN A 51 ? 0.7833 0.8045 1.3045 0.1885  0.1573  0.1862  504 GLN A OE1 
390 O OE1 B GLN A 51 ? 0.6480 0.7682 1.2002 0.1530  0.1345  0.1963  504 GLN A OE1 
391 N NE2 A GLN A 51 ? 0.5663 0.6065 1.0258 0.1409  0.1483  0.1773  504 GLN A NE2 
392 N NE2 B GLN A 51 ? 0.3962 0.4928 0.8715 0.1310  0.0830  0.2137  504 GLN A NE2 
393 N N   . LEU A 52 ? 0.7008 0.6014 1.1087 0.2622  0.0324  0.2833  505 LEU A N   
394 C CA  . LEU A 52 ? 0.7900 0.6296 1.1517 0.2891  -0.0069 0.3088  505 LEU A CA  
395 C C   . LEU A 52 ? 0.8592 0.7317 1.2654 0.3073  -0.0657 0.3125  505 LEU A C   
396 O O   . LEU A 52 ? 0.8902 0.7669 1.3616 0.3346  -0.0945 0.3164  505 LEU A O   
397 C CB  . LEU A 52 ? 0.8508 0.6238 1.0948 0.2791  0.0025  0.3236  505 LEU A CB  
398 C CG  . LEU A 52 ? 0.9831 0.6723 1.1610 0.2759  0.0369  0.3411  505 LEU A CG  
399 C CD1 . LEU A 52 ? 0.9279 0.6439 1.1535 0.2498  0.0924  0.3214  505 LEU A CD1 
400 C CD2 . LEU A 52 ? 1.0918 0.7139 1.1463 0.2675  0.0472  0.3570  505 LEU A CD2 
401 N N   . GLU A 53 ? 0.7855 0.6829 1.1696 0.2924  -0.0858 0.3081  506 GLU A N   
402 C CA  . GLU A 53 ? 0.7856 0.7128 1.2100 0.2999  -0.1456 0.3091  506 GLU A CA  
403 C C   . GLU A 53 ? 0.7233 0.7167 1.1894 0.2688  -0.1329 0.2917  506 GLU A C   
404 O O   . GLU A 53 ? 0.6770 0.6779 1.1202 0.2480  -0.0875 0.2818  506 GLU A O   
405 C CB  . GLU A 53 ? 0.9098 0.7538 1.2120 0.3119  -0.1929 0.3259  506 GLU A CB  
406 C CG  . GLU A 53 ? 1.1339 0.9774 1.4629 0.3291  -0.2769 0.3315  506 GLU A CG  
407 C CD  . GLU A 53 ? 1.3897 1.2500 1.7019 0.3098  -0.3099 0.3191  506 GLU A CD  
408 O OE1 . GLU A 53 ? 1.2019 1.0200 1.4095 0.2974  -0.2861 0.3133  506 GLU A OE1 
409 O OE2 . GLU A 53 ? 1.3348 1.2501 1.7479 0.3074  -0.3597 0.3129  506 GLU A OE2 
410 N N   . ASN A 54 ? 0.6368 0.6734 1.1675 0.2636  -0.1770 0.2887  507 ASN A N   
411 C CA  . ASN A 54 ? 0.5719 0.6521 1.1288 0.2302  -0.1705 0.2780  507 ASN A CA  
412 C C   . ASN A 54 ? 0.6496 0.6695 1.0915 0.2259  -0.1838 0.2775  507 ASN A C   
413 O O   . ASN A 54 ? 0.7106 0.6841 1.0955 0.2392  -0.2336 0.2818  507 ASN A O   
414 C CB  . ASN A 54 ? 0.5579 0.6917 1.2165 0.2218  -0.2163 0.2762  507 ASN A CB  
415 C CG  . ASN A 54 ? 0.6304 0.8044 1.3242 0.1801  -0.2044 0.2696  507 ASN A CG  
416 O OD1 . ASN A 54 ? 0.5245 0.7391 1.2582 0.1572  -0.1498 0.2641  507 ASN A OD1 
417 N ND2 . ASN A 54 ? 0.4882 0.6422 1.1627 0.1676  -0.2579 0.2704  507 ASN A ND2 
418 N N   . GLY A 55 ? 0.5649 0.5797 0.9706 0.2120  -0.1394 0.2697  508 GLY A N   
419 C CA  . GLY A 55 ? 0.5754 0.5451 0.8971 0.2115  -0.1400 0.2619  508 GLY A CA  
420 C C   . GLY A 55 ? 0.6021 0.5404 0.8703 0.2204  -0.0939 0.2593  508 GLY A C   
421 O O   . GLY A 55 ? 0.6132 0.5341 0.8431 0.2183  -0.0796 0.2464  508 GLY A O   
422 N N   . VAL A 56 ? 0.5411 0.4711 0.8158 0.2299  -0.0699 0.2697  509 VAL A N   
423 C CA  . VAL A 56 ? 0.5540 0.4512 0.7854 0.2308  -0.0229 0.2695  509 VAL A CA  
424 C C   . VAL A 56 ? 0.5469 0.4782 0.8406 0.2179  0.0142  0.2632  509 VAL A C   
425 O O   . VAL A 56 ? 0.5379 0.4876 0.8802 0.2221  0.0120  0.2672  509 VAL A O   
426 C CB  . VAL A 56 ? 0.6979 0.5208 0.8463 0.2486  -0.0230 0.2892  509 VAL A CB  
427 C CG1 . VAL A 56 ? 0.7483 0.5281 0.8202 0.2421  0.0227  0.2843  509 VAL A CG1 
428 C CG2 . VAL A 56 ? 0.7596 0.5486 0.8654 0.2667  -0.0868 0.3010  509 VAL A CG2 
429 N N   . LEU A 57 ? 0.4692 0.4079 0.7658 0.2037  0.0464  0.2492  510 LEU A N   
430 C CA  . LEU A 57 ? 0.4279 0.3872 0.7702 0.1883  0.0749  0.2387  510 LEU A CA  
431 C C   . LEU A 57 ? 0.5228 0.4541 0.8509 0.1816  0.1148  0.2366  510 LEU A C   
432 O O   . LEU A 57 ? 0.5277 0.4606 0.8445 0.1786  0.1273  0.2274  510 LEU A O   
433 C CB  . LEU A 57 ? 0.3736 0.3722 0.7475 0.1709  0.0616  0.2218  510 LEU A CB  
434 C CG  . LEU A 57 ? 0.3972 0.4072 0.8005 0.1522  0.0787  0.2062  510 LEU A CG  
435 C CD1 . LEU A 57 ? 0.3890 0.4005 0.8030 0.1495  0.0896  0.2063  510 LEU A CD1 
436 C CD2 . LEU A 57 ? 0.3971 0.4243 0.8082 0.1384  0.0526  0.1930  510 LEU A CD2 
437 N N   . GLN A 58 ? 0.5084 0.4126 0.8431 0.1786  0.1382  0.2432  511 GLN A N   
438 C CA  . GLN A 58 ? 0.5469 0.4199 0.8752 0.1635  0.1806  0.2436  511 GLN A CA  
439 C C   . GLN A 58 ? 0.5348 0.4254 0.9234 0.1418  0.1950  0.2240  511 GLN A C   
440 O O   . GLN A 58 ? 0.5128 0.3987 0.9152 0.1455  0.1856  0.2202  511 GLN A O   
441 C CB  . GLN A 58 ? 0.6581 0.4538 0.9196 0.1739  0.1936  0.2728  511 GLN A CB  
442 C CG  . GLN A 58 ? 0.8546 0.6067 1.0969 0.1498  0.2468  0.2787  511 GLN A CG  
443 C CD  . GLN A 58 ? 1.2492 0.9037 1.4126 0.1563  0.2552  0.3130  511 GLN A CD  
444 O OE1 . GLN A 58 ? 1.2062 0.8301 1.3771 0.1733  0.2295  0.3233  511 GLN A OE1 
445 N NE2 . GLN A 58 ? 1.2915 0.8883 1.3758 0.1426  0.2946  0.3305  511 GLN A NE2 
446 N N   . ILE A 59 ? 0.4554 0.3665 0.8843 0.1195  0.2173  0.2073  512 ILE A N   
447 C CA  . ILE A 59 ? 0.4267 0.3495 0.9139 0.0951  0.2217  0.1856  512 ILE A CA  
448 C C   . ILE A 59 ? 0.5155 0.4103 1.0260 0.0704  0.2678  0.1881  512 ILE A C   
449 O O   . ILE A 59 ? 0.5189 0.4422 1.0653 0.0582  0.2935  0.1806  512 ILE A O   
450 C CB  . ILE A 59 ? 0.4044 0.3832 0.9419 0.0868  0.1872  0.1585  512 ILE A CB  
451 C CG1 . ILE A 59 ? 0.3742 0.3628 0.8750 0.1009  0.1485  0.1603  512 ILE A CG1 
452 C CG2 . ILE A 59 ? 0.4189 0.4002 1.0109 0.0593  0.1828  0.1340  512 ILE A CG2 
453 C CD1 . ILE A 59 ? 0.4335 0.4448 0.9202 0.1162  0.1274  0.1666  512 ILE A CD1 
454 N N   . ARG A 60 ? 0.5023 0.3379 0.9960 0.0625  0.2819  0.1976  513 ARG A N   
455 C CA  . ARG A 60 ? 0.5598 0.3517 1.0713 0.0314  0.3259  0.2038  513 ARG A CA  
456 C C   . ARG A 60 ? 0.5766 0.4014 1.1792 -0.0008 0.3173  0.1690  513 ARG A C   
457 O O   . ARG A 60 ? 0.5220 0.3728 1.1384 0.0060  0.2746  0.1455  513 ARG A O   
458 C CB  . ARG A 60 ? 0.6323 0.3288 1.0810 0.0402  0.3338  0.2304  513 ARG A CB  
459 C CG  . ARG A 60 ? 0.8033 0.4409 1.1560 0.0636  0.3414  0.2704  513 ARG A CG  
460 C CD  . ARG A 60 ? 1.0019 0.5303 1.3037 0.0652  0.3489  0.2979  513 ARG A CD  
461 N NE  . ARG A 60 ? 1.1922 0.6656 1.4109 0.1061  0.3178  0.3297  513 ARG A NE  
462 C CZ  . ARG A 60 ? 1.5469 0.9109 1.7040 0.1184  0.3109  0.3615  513 ARG A CZ  
463 N NH1 . ARG A 60 ? 1.4098 0.7009 1.5717 0.0895  0.3400  0.3674  513 ARG A NH1 
464 N NH2 . ARG A 60 ? 1.5001 0.8212 1.5934 0.1591  0.2682  0.3879  513 ARG A NH2 
465 N N   . TYR A 61 ? 0.5798 0.3960 1.2386 -0.0395 0.3576  0.1658  514 TYR A N   
466 C CA  . TYR A 61 ? 0.5756 0.4175 1.3367 -0.0780 0.3485  0.1327  514 TYR A CA  
467 C C   . TYR A 61 ? 0.5320 0.4517 1.3519 -0.0704 0.2899  0.0973  514 TYR A C   
468 O O   . TYR A 61 ? 0.5309 0.4346 1.3393 -0.0713 0.2443  0.0761  514 TYR A O   
469 C CB  . TYR A 61 ? 0.6591 0.4155 1.3955 -0.0935 0.3445  0.1314  514 TYR A CB  
470 C CG  . TYR A 61 ? 0.7712 0.4318 1.4373 -0.0968 0.3910  0.1718  514 TYR A CG  
471 C CD1 . TYR A 61 ? 0.8722 0.5025 1.5726 -0.1423 0.4460  0.1856  514 TYR A CD1 
472 C CD2 . TYR A 61 ? 0.8049 0.4022 1.3726 -0.0555 0.3785  0.1976  514 TYR A CD2 
473 C CE1 . TYR A 61 ? 0.9993 0.5203 1.6109 -0.1481 0.4857  0.2293  514 TYR A CE1 
474 C CE2 . TYR A 61 ? 0.9210 0.4164 1.4146 -0.0543 0.4074  0.2381  514 TYR A CE2 
475 C CZ  . TYR A 61 ? 1.1122 0.5606 1.6148 -0.1013 0.4600  0.2565  514 TYR A CZ  
476 O OH  . TYR A 61 ? 1.2725 0.5993 1.6790 -0.1025 0.4848  0.3023  514 TYR A OH  
477 N N   . ALA A 62 ? 0.4239 0.4159 1.2922 -0.0602 0.2911  0.0915  515 ALA A N   
478 C CA  . ALA A 62 ? 0.3555 0.4123 1.2717 -0.0462 0.2313  0.0653  515 ALA A CA  
479 C C   . ALA A 62 ? 0.4044 0.4925 1.4260 -0.0752 0.1852  0.0279  515 ALA A C   
480 O O   . ALA A 62 ? 0.4155 0.5390 1.5545 -0.1067 0.2107  0.0123  515 ALA A O   
481 C CB  . ALA A 62 ? 0.3295 0.4448 1.2824 -0.0265 0.2493  0.0654  515 ALA A CB  
482 N N   . LYS A 63 ? 0.3535 0.4242 1.3280 -0.0670 0.1162  0.0134  516 LYS A N   
483 C CA  . LYS A 63 ? 0.3713 0.4527 1.4100 -0.0897 0.0496  -0.0223 516 LYS A CA  
484 C C   . LYS A 63 ? 0.3830 0.5368 1.5090 -0.0744 -0.0029 -0.0386 516 LYS A C   
485 O O   . LYS A 63 ? 0.3210 0.5010 1.4264 -0.0433 0.0090  -0.0227 516 LYS A O   
486 C CB  . LYS A 63 ? 0.4432 0.4520 1.3548 -0.0870 0.0030  -0.0292 516 LYS A CB  
487 C CG  . LYS A 63 ? 0.6029 0.5355 1.4477 -0.0996 0.0430  -0.0259 516 LYS A CG  
488 C CD  . LYS A 63 ? 0.7996 0.6630 1.5285 -0.0989 0.0032  -0.0451 516 LYS A CD  
489 C CE  . LYS A 63 ? 1.0176 0.8518 1.7744 -0.1330 -0.0566 -0.0859 516 LYS A CE  
490 N NZ  . LYS A 63 ? 1.1812 0.9779 1.9938 -0.1638 -0.0256 -0.0987 516 LYS A NZ  
491 N N   . LEU A 64 ? 0.3811 0.5606 1.6060 -0.0946 -0.0689 -0.0726 517 LEU A N   
492 C CA  . LEU A 64 ? 0.3630 0.6058 1.6902 -0.0777 -0.1370 -0.0930 517 LEU A CA  
493 C C   . LEU A 64 ? 0.4644 0.6593 1.6540 -0.0475 -0.2020 -0.0793 517 LEU A C   
494 O O   . LEU A 64 ? 0.4269 0.6575 1.6526 -0.0179 -0.2316 -0.0777 517 LEU A O   
495 C CB  . LEU A 64 ? 0.4016 0.6706 1.8621 -0.1090 -0.2060 -0.1328 517 LEU A CB  
496 C CG  . LEU A 64 ? 0.4259 0.7979 2.0919 -0.0988 -0.2454 -0.1616 517 LEU A CG  
497 C CD1 . LEU A 64 ? 0.3777 0.8359 2.2031 -0.1131 -0.1410 -0.1666 517 LEU A CD1 
498 C CD2 . LEU A 64 ? 0.5195 0.8972 2.2818 -0.1225 -0.3531 -0.1997 517 LEU A CD2 
499 N N   . GLY A 65 ? 0.5125 0.6220 1.5438 -0.0565 -0.2159 -0.0699 518 GLY A N   
500 C CA  . GLY A 65 ? 0.5617 0.6111 1.4391 -0.0393 -0.2614 -0.0537 518 GLY A CA  
501 C C   . GLY A 65 ? 0.5905 0.6415 1.3945 -0.0121 -0.2074 -0.0193 518 GLY A C   
502 O O   . GLY A 65 ? 0.6241 0.6288 1.3086 -0.0027 -0.2351 -0.0027 518 GLY A O   
503 N N   . ASP A 66 ? 0.5077 0.6047 1.3753 -0.0029 -0.1314 -0.0077 519 ASP A N   
504 C CA  . ASP A 66 ? 0.4773 0.5756 1.2838 0.0228  -0.0879 0.0218  519 ASP A CA  
505 C C   . ASP A 66 ? 0.5319 0.6697 1.3917 0.0491  -0.1200 0.0206  519 ASP A C   
506 O O   . ASP A 66 ? 0.5142 0.6465 1.3207 0.0702  -0.1002 0.0413  519 ASP A O   
507 C CB  . ASP A 66 ? 0.4781 0.5861 1.3005 0.0220  -0.0025 0.0358  519 ASP A CB  
508 C CG  . ASP A 66 ? 0.7003 0.7528 1.4455 0.0090  0.0309  0.0453  519 ASP A CG  
509 O OD1 . ASP A 66 ? 0.7497 0.7597 1.4019 0.0098  0.0074  0.0471  519 ASP A OD1 
510 O OD2 . ASP A 66 ? 0.7757 0.8215 1.5492 -0.0008 0.0849  0.0515  519 ASP A OD2 
511 N N   . THR A 67 ? 0.5121 0.6877 1.4852 0.0496  -0.1750 -0.0065 520 THR A N   
512 C CA  . THR A 67 ? 0.5031 0.7130 1.5458 0.0800  -0.2148 -0.0149 520 THR A CA  
513 C C   . THR A 67 ? 0.5906 0.7332 1.5016 0.0925  -0.2767 0.0074  520 THR A C   
514 O O   . THR A 67 ? 0.6480 0.7287 1.4552 0.0730  -0.3190 0.0150  520 THR A O   
515 C CB  . THR A 67 ? 0.6558 0.9296 1.8779 0.0796  -0.2617 -0.0531 520 THR A CB  
516 O OG1 . THR A 67 ? 0.6625 0.9836 1.9819 0.1164  -0.2742 -0.0668 520 THR A OG1 
517 C CG2 . THR A 67 ? 0.7280 0.9594 1.9291 0.0645  -0.3668 -0.0652 520 THR A CG2 
518 N N   . GLY A 68 ? 0.5215 0.6677 1.4261 0.1210  -0.2737 0.0174  521 GLY A N   
519 C CA  . GLY A 68 ? 0.5552 0.6345 1.3432 0.1292  -0.3256 0.0417  521 GLY A CA  
520 C C   . GLY A 68 ? 0.5487 0.6274 1.3086 0.1513  -0.2891 0.0567  521 GLY A C   
521 O O   . GLY A 68 ? 0.5119 0.6412 1.3462 0.1678  -0.2331 0.0432  521 GLY A O   
522 N N   . ARG A 69 ? 0.5056 0.5196 1.1506 0.1481  -0.3207 0.0839  522 ARG A N   
523 C CA  . ARG A 69 ? 0.4717 0.4734 1.0821 0.1641  -0.2994 0.0980  522 ARG A CA  
524 C C   . ARG A 69 ? 0.5075 0.4958 1.0257 0.1425  -0.2443 0.1239  522 ARG A C   
525 O O   . ARG A 69 ? 0.5401 0.4933 0.9770 0.1153  -0.2492 0.1406  522 ARG A O   
526 C CB  . ARG A 69 ? 0.4928 0.4290 1.0564 0.1731  -0.3767 0.1104  522 ARG A CB  
527 C CG  . ARG A 69 ? 0.4664 0.3883 1.0216 0.1945  -0.3675 0.1144  522 ARG A CG  
528 C CD  . ARG A 69 ? 0.6566 0.5018 1.1717 0.2027  -0.4491 0.1265  522 ARG A CD  
529 N NE  . ARG A 69 ? 0.8267 0.5983 1.2060 0.1648  -0.4625 0.1671  522 ARG A NE  
530 C CZ  . ARG A 69 ? 1.1864 0.8787 1.5027 0.1611  -0.5109 0.1884  522 ARG A CZ  
531 N NH1 . ARG A 69 ? 1.0715 0.7427 1.4464 0.1992  -0.5570 0.1704  522 ARG A NH1 
532 N NH2 . ARG A 69 ? 1.1505 0.7822 1.3492 0.1181  -0.5087 0.2259  522 ARG A NH2 
533 N N   . TYR A 70 ? 0.4208 0.4338 0.9506 0.1560  -0.1930 0.1247  523 TYR A N   
534 C CA  . TYR A 70 ? 0.4041 0.4092 0.8678 0.1423  -0.1519 0.1474  523 TYR A CA  
535 C C   . TYR A 70 ? 0.4940 0.4695 0.9141 0.1480  -0.1710 0.1623  523 TYR A C   
536 O O   . TYR A 70 ? 0.5041 0.4798 0.9496 0.1724  -0.1764 0.1493  523 TYR A O   
537 C CB  . TYR A 70 ? 0.3723 0.4117 0.8646 0.1485  -0.0889 0.1420  523 TYR A CB  
538 C CG  . TYR A 70 ? 0.3771 0.4328 0.8978 0.1326  -0.0658 0.1334  523 TYR A CG  
539 C CD1 . TYR A 70 ? 0.4044 0.4905 1.0094 0.1346  -0.0657 0.1089  523 TYR A CD1 
540 C CD2 . TYR A 70 ? 0.3836 0.4258 0.8592 0.1159  -0.0416 0.1458  523 TYR A CD2 
541 C CE1 . TYR A 70 ? 0.4192 0.5148 1.0546 0.1152  -0.0476 0.0993  523 TYR A CE1 
542 C CE2 . TYR A 70 ? 0.3977 0.4428 0.8944 0.1017  -0.0217 0.1344  523 TYR A CE2 
543 C CZ  . TYR A 70 ? 0.4720 0.5403 1.0446 0.0989  -0.0273 0.1122  523 TYR A CZ  
544 O OH  . TYR A 70 ? 0.5001 0.5656 1.0971 0.0800  -0.0124 0.0995  523 TYR A OH  
545 N N   . THR A 71 ? 0.4723 0.4201 0.8287 0.1228  -0.1786 0.1863  524 THR A N   
546 C CA  . THR A 71 ? 0.4888 0.4059 0.8094 0.1170  -0.1999 0.2028  524 THR A CA  
547 C C   . THR A 71 ? 0.5271 0.4683 0.8417 0.1090  -0.1623 0.2153  524 THR A C   
548 O O   . THR A 71 ? 0.5082 0.4704 0.8187 0.0934  -0.1286 0.2221  524 THR A O   
549 C CB  . THR A 71 ? 0.5117 0.3722 0.7729 0.0895  -0.2427 0.2218  524 THR A CB  
550 O OG1 . THR A 71 ? 0.4213 0.2586 0.6945 0.1021  -0.2880 0.2091  524 THR A OG1 
551 C CG2 . THR A 71 ? 0.5335 0.3506 0.7664 0.0804  -0.2731 0.2380  524 THR A CG2 
552 N N   . CYS A 72 ? 0.4938 0.4278 0.8108 0.1227  -0.1737 0.2146  525 CYS A N   
553 C CA  . CYS A 72 ? 0.4770 0.4281 0.7962 0.1194  -0.1592 0.2248  525 CYS A CA  
554 C C   . CYS A 72 ? 0.5424 0.4729 0.8494 0.0890  -0.1866 0.2429  525 CYS A C   
555 O O   . CYS A 72 ? 0.5902 0.4774 0.8792 0.0893  -0.2273 0.2416  525 CYS A O   
556 C CB  . CYS A 72 ? 0.4959 0.4380 0.8086 0.1496  -0.1618 0.2108  525 CYS A CB  
557 S SG  . CYS A 72 ? 0.5752 0.5147 0.8799 0.1469  -0.1807 0.2222  525 CYS A SG  
558 N N   . ILE A 73 ? 0.4652 0.4243 0.7875 0.0618  -0.1604 0.2576  526 ILE A N   
559 C CA  . ILE A 73 ? 0.4902 0.4385 0.8136 0.0230  -0.1715 0.2759  526 ILE A CA  
560 C C   . ILE A 73 ? 0.5246 0.5159 0.9102 0.0194  -0.1705 0.2787  526 ILE A C   
561 O O   . ILE A 73 ? 0.4881 0.5325 0.9217 0.0239  -0.1348 0.2769  526 ILE A O   
562 C CB  . ILE A 73 ? 0.5532 0.4962 0.8448 -0.0138 -0.1383 0.2884  526 ILE A CB  
563 C CG1 . ILE A 73 ? 0.5814 0.4702 0.8059 -0.0101 -0.1600 0.2862  526 ILE A CG1 
564 C CG2 . ILE A 73 ? 0.6154 0.5466 0.9073 -0.0626 -0.1348 0.3096  526 ILE A CG2 
565 C CD1 . ILE A 73 ? 0.5752 0.4771 0.7784 -0.0121 -0.1239 0.2783  526 ILE A CD1 
566 N N   . ALA A 74 ? 0.5053 0.4696 0.8957 0.0118  -0.2159 0.2811  527 ALA A N   
567 C CA  . ALA A 74 ? 0.4992 0.4996 0.9559 0.0052  -0.2329 0.2822  527 ALA A CA  
568 C C   . ALA A 74 ? 0.5721 0.5916 1.0771 -0.0496 -0.2209 0.2993  527 ALA A C   
569 O O   . ALA A 74 ? 0.6248 0.5876 1.0889 -0.0804 -0.2428 0.3109  527 ALA A O   
570 C CB  . ALA A 74 ? 0.5438 0.4963 0.9719 0.0253  -0.2920 0.2702  527 ALA A CB  
571 N N   . SER A 75 ? 0.4953 0.5917 1.0903 -0.0625 -0.1824 0.3005  528 SER A N   
572 C CA  . SER A 75 ? 0.5308 0.6584 1.1847 -0.1191 -0.1503 0.3140  528 SER A CA  
573 C C   . SER A 75 ? 0.5980 0.7987 1.3923 -0.1335 -0.1666 0.3096  528 SER A C   
574 O O   . SER A 75 ? 0.5580 0.8169 1.4283 -0.0968 -0.1731 0.2958  528 SER A O   
575 C CB  . SER A 75 ? 0.5664 0.7218 1.2074 -0.1332 -0.0715 0.3152  528 SER A CB  
576 O OG  . SER A 75 ? 0.7406 0.8874 1.3771 -0.1961 -0.0323 0.3325  528 SER A OG  
577 N N   . THR A 76 ? 0.6076 0.7983 1.4382 -0.1893 -0.1789 0.3224  529 THR A N   
578 C CA  . THR A 76 ? 0.6141 0.8731 1.5948 -0.2227 -0.1965 0.3201  529 THR A CA  
579 C C   . THR A 76 ? 0.7441 0.9930 1.7353 -0.3023 -0.1468 0.3419  529 THR A C   
580 O O   . THR A 76 ? 0.8040 0.9601 1.6568 -0.3214 -0.1366 0.3605  529 THR A O   
581 C CB  . THR A 76 ? 0.7296 0.9427 1.7101 -0.2114 -0.2964 0.3127  529 THR A CB  
582 O OG1 . THR A 76 ? 0.7879 0.8998 1.6708 -0.2447 -0.3246 0.3265  529 THR A OG1 
583 C CG2 . THR A 76 ? 0.6770 0.8656 1.5985 -0.1401 -0.3454 0.2953  529 THR A CG2 
584 N N   . PRO A 77 ? 0.7120 1.0433 1.8595 -0.3527 -0.1209 0.3419  530 PRO A N   
585 C CA  . PRO A 77 ? 0.8004 1.1057 1.9373 -0.4369 -0.0652 0.3671  530 PRO A CA  
586 C C   . PRO A 77 ? 0.9346 1.1160 1.9716 -0.4746 -0.1301 0.3902  530 PRO A C   
587 O O   . PRO A 77 ? 1.0246 1.1431 1.9945 -0.5402 -0.0891 0.4190  530 PRO A O   
588 C CB  . PRO A 77 ? 0.8131 1.2519 2.1752 -0.4765 -0.0287 0.3549  530 PRO A CB  
589 C CG  . PRO A 77 ? 0.7671 1.3038 2.2422 -0.4038 -0.0469 0.3234  530 PRO A CG  
590 C CD  . PRO A 77 ? 0.6784 1.1302 2.0251 -0.3380 -0.1380 0.3197  530 PRO A CD  
591 N N   . SER A 78 ? 0.8759 1.0093 1.8889 -0.4324 -0.2295 0.3769  531 SER A N   
592 C CA  . SER A 78 ? 0.9584 0.9686 1.8837 -0.4539 -0.3024 0.3885  531 SER A CA  
593 C C   . SER A 78 ? 1.0368 0.9231 1.7707 -0.4173 -0.3216 0.3973  531 SER A C   
594 O O   . SER A 78 ? 1.0994 0.8767 1.7589 -0.4208 -0.3866 0.4011  531 SER A O   
595 C CB  . SER A 78 ? 0.9921 1.0092 1.9899 -0.4295 -0.3983 0.3628  531 SER A CB  
596 O OG  . SER A 78 ? 1.0157 1.0850 2.0253 -0.3537 -0.4201 0.3362  531 SER A OG  
597 N N   . GLY A 79 ? 0.9456 0.8489 1.6132 -0.3832 -0.2683 0.3974  532 GLY A N   
598 C CA  . GLY A 79 ? 0.9669 0.7716 1.4814 -0.3485 -0.2860 0.4029  532 GLY A CA  
599 C C   . GLY A 79 ? 0.9284 0.7736 1.4118 -0.2813 -0.2650 0.3825  532 GLY A C   
600 O O   . GLY A 79 ? 0.8442 0.7889 1.4111 -0.2606 -0.2281 0.3672  532 GLY A O   
601 N N   . GLU A 80 ? 0.8946 0.6601 1.2666 -0.2461 -0.2925 0.3813  533 GLU A N   
602 C CA  . GLU A 80 ? 0.8114 0.6019 1.1513 -0.1868 -0.2784 0.3620  533 GLU A CA  
603 C C   . GLU A 80 ? 0.8564 0.5746 1.1333 -0.1385 -0.3365 0.3463  533 GLU A C   
604 O O   . GLU A 80 ? 0.9265 0.5508 1.1419 -0.1523 -0.3776 0.3587  533 GLU A O   
605 C CB  . GLU A 80 ? 0.8434 0.6378 1.1281 -0.2040 -0.2193 0.3751  533 GLU A CB  
606 C CG  . GLU A 80 ? 0.9369 0.8352 1.3006 -0.2103 -0.1483 0.3669  533 GLU A CG  
607 C CD  . GLU A 80 ? 1.2539 1.1552 1.5568 -0.2183 -0.0869 0.3689  533 GLU A CD  
608 O OE1 . GLU A 80 ? 1.2597 1.1024 1.4696 -0.1964 -0.1079 0.3677  533 GLU A OE1 
609 O OE2 . GLU A 80 ? 1.1298 1.0948 1.4859 -0.2439 -0.0187 0.3667  533 GLU A OE2 
610 N N   . ALA A 81 ? 0.7323 0.4911 1.0271 -0.0820 -0.3369 0.3186  534 ALA A N   
611 C CA  . ALA A 81 ? 0.7314 0.4430 0.9864 -0.0314 -0.3735 0.2952  534 ALA A CA  
612 C C   . ALA A 81 ? 0.7404 0.4872 0.9857 0.0043  -0.3394 0.2831  534 ALA A C   
613 O O   . ALA A 81 ? 0.6823 0.4965 0.9572 0.0045  -0.2925 0.2840  534 ALA A O   
614 C CB  . ALA A 81 ? 0.7326 0.4473 1.0076 -0.0027 -0.4022 0.2705  534 ALA A CB  
615 N N   . THR A 82 ? 0.7254 0.4267 0.9410 0.0350  -0.3654 0.2691  535 THR A N   
616 C CA  . THR A 82 ? 0.6738 0.4072 0.8964 0.0658  -0.3411 0.2543  535 THR A CA  
617 C C   . THR A 82 ? 0.6874 0.4150 0.9281 0.1168  -0.3535 0.2198  535 THR A C   
618 O O   . THR A 82 ? 0.7347 0.4057 0.9645 0.1321  -0.3947 0.2066  535 THR A O   
619 C CB  . THR A 82 ? 0.8799 0.5763 1.0636 0.0468  -0.3544 0.2710  535 THR A CB  
620 O OG1 . THR A 82 ? 0.9919 0.5991 1.1390 0.0422  -0.4149 0.2798  535 THR A OG1 
621 C CG2 . THR A 82 ? 0.8874 0.6022 1.0435 -0.0001 -0.3145 0.2974  535 THR A CG2 
622 N N   . TRP A 83 ? 0.5703 0.3527 0.8394 0.1412  -0.3127 0.2033  536 TRP A N   
623 C CA  . TRP A 83 ? 0.5569 0.3486 0.8534 0.1847  -0.3027 0.1687  536 TRP A CA  
624 C C   . TRP A 83 ? 0.5614 0.4010 0.8985 0.1903  -0.2731 0.1627  536 TRP A C   
625 O O   . TRP A 83 ? 0.5201 0.3984 0.8559 0.1726  -0.2362 0.1763  536 TRP A O   
626 C CB  . TRP A 83 ? 0.5340 0.3392 0.8135 0.2015  -0.2722 0.1550  536 TRP A CB  
627 C CG  . TRP A 83 ? 0.5770 0.3706 0.8631 0.2421  -0.2581 0.1166  536 TRP A CG  
628 C CD1 . TRP A 83 ? 0.5941 0.4251 0.9324 0.2644  -0.2230 0.0934  536 TRP A CD1 
629 C CD2 . TRP A 83 ? 0.6431 0.3857 0.8846 0.2632  -0.2722 0.0924  536 TRP A CD2 
630 N NE1 . TRP A 83 ? 0.6397 0.4516 0.9751 0.2987  -0.2058 0.0557  536 TRP A NE1 
631 C CE2 . TRP A 83 ? 0.7149 0.4663 0.9784 0.3000  -0.2348 0.0534  536 TRP A CE2 
632 C CE3 . TRP A 83 ? 0.7149 0.4044 0.9013 0.2526  -0.3119 0.0968  536 TRP A CE3 
633 C CZ2 . TRP A 83 ? 0.7890 0.4903 1.0051 0.3290  -0.2298 0.0169  536 TRP A CZ2 
634 C CZ3 . TRP A 83 ? 0.8189 0.4526 0.9549 0.2806  -0.3194 0.0615  536 TRP A CZ3 
635 C CH2 . TRP A 83 ? 0.8570 0.4930 0.9998 0.3198  -0.2756 0.0211  536 TRP A CH2 
636 N N   . SER A 84 ? 0.5275 0.3646 0.9113 0.2157  -0.2928 0.1392  537 SER A N   
637 C CA  . SER A 84 ? 0.4842 0.3686 0.9231 0.2183  -0.2748 0.1295  537 SER A CA  
638 C C   . SER A 84 ? 0.5233 0.4539 1.0419 0.2521  -0.2383 0.0911  537 SER A C   
639 O O   . SER A 84 ? 0.5401 0.4564 1.0758 0.2823  -0.2384 0.0649  537 SER A O   
640 C CB  . SER A 84 ? 0.5472 0.3965 0.9850 0.2083  -0.3359 0.1396  537 SER A CB  
641 O OG  . SER A 84 ? 0.6003 0.4240 0.9610 0.1667  -0.3380 0.1746  537 SER A OG  
642 N N   . ALA A 85 ? 0.4663 0.4500 1.0315 0.2436  -0.2000 0.0862  538 ALA A N   
643 C CA  . ALA A 85 ? 0.4633 0.5025 1.1180 0.2622  -0.1518 0.0534  538 ALA A CA  
644 C C   . ALA A 85 ? 0.5200 0.5990 1.2427 0.2452  -0.1594 0.0507  538 ALA A C   
645 O O   . ALA A 85 ? 0.5034 0.5728 1.1744 0.2158  -0.1595 0.0756  538 ALA A O   
646 C CB  . ALA A 85 ? 0.4645 0.5131 1.0745 0.2584  -0.0777 0.0567  538 ALA A CB  
647 N N   . TYR A 86 ? 0.4920 0.6152 1.3372 0.2644  -0.1690 0.0166  539 TYR A N   
648 C CA  . TYR A 86 ? 0.4871 0.6508 1.4164 0.2489  -0.1871 0.0070  539 TYR A CA  
649 C C   . TYR A 86 ? 0.5201 0.7429 1.5124 0.2351  -0.1023 -0.0069 539 TYR A C   
650 O O   . TYR A 86 ? 0.5254 0.7834 1.5768 0.2528  -0.0441 -0.0317 539 TYR A O   
651 C CB  . TYR A 86 ? 0.5435 0.7266 1.5937 0.2767  -0.2569 -0.0234 539 TYR A CB  
652 C CG  . TYR A 86 ? 0.5816 0.7908 1.7051 0.2587  -0.3047 -0.0311 539 TYR A CG  
653 C CD1 . TYR A 86 ? 0.6560 0.7989 1.6862 0.2397  -0.3837 -0.0054 539 TYR A CD1 
654 C CD2 . TYR A 86 ? 0.5650 0.8598 1.8479 0.2573  -0.2718 -0.0659 539 TYR A CD2 
655 C CE1 . TYR A 86 ? 0.6912 0.8437 1.7693 0.2224  -0.4368 -0.0155 539 TYR A CE1 
656 C CE2 . TYR A 86 ? 0.5880 0.9041 1.9442 0.2381  -0.3263 -0.0764 539 TYR A CE2 
657 C CZ  . TYR A 86 ? 0.7269 0.9674 1.9733 0.2224  -0.4135 -0.0520 539 TYR A CZ  
658 O OH  . TYR A 86 ? 0.7704 1.0174 2.0694 0.2033  -0.4764 -0.0649 539 TYR A OH  
659 N N   . ILE A 87 ? 0.4602 0.6841 1.4301 0.2015  -0.0913 0.0087  540 ILE A N   
660 C CA  . ILE A 87 ? 0.4375 0.7000 1.4564 0.1801  -0.0162 0.0022  540 ILE A CA  
661 C C   . ILE A 87 ? 0.4844 0.7919 1.6274 0.1623  -0.0474 -0.0211 540 ILE A C   
662 O O   . ILE A 87 ? 0.4948 0.7709 1.5967 0.1457  -0.1072 -0.0116 540 ILE A O   
663 C CB  . ILE A 87 ? 0.4663 0.6829 1.3593 0.1585  0.0257  0.0373  540 ILE A CB  
664 C CG1 . ILE A 87 ? 0.4856 0.6566 1.2627 0.1762  0.0328  0.0597  540 ILE A CG1 
665 C CG2 . ILE A 87 ? 0.4615 0.6961 1.3880 0.1361  0.1030  0.0360  540 ILE A CG2 
666 C CD1 . ILE A 87 ? 0.6428 0.8189 1.4244 0.2025  0.0735  0.0435  540 ILE A CD1 
667 N N   . GLU A 88 ? 0.4278 0.8076 1.7236 0.1644  -0.0077 -0.0546 541 GLU A N   
668 C CA  . GLU A 88 ? 0.4225 0.8607 1.8735 0.1459  -0.0362 -0.0832 541 GLU A CA  
669 C C   . GLU A 88 ? 0.4564 0.9134 1.9368 0.1042  0.0454  -0.0806 541 GLU A C   
670 O O   . GLU A 88 ? 0.4517 0.9080 1.9004 0.0998  0.1387  -0.0718 541 GLU A O   
671 C CB  . GLU A 88 ? 0.4447 0.9620 2.0815 0.1774  -0.0520 -0.1276 541 GLU A CB  
672 C CG  . GLU A 88 ? 0.5974 1.1884 2.4308 0.1632  -0.0995 -0.1633 541 GLU A CG  
673 C CD  . GLU A 88 ? 0.8997 1.4582 2.7342 0.1700  -0.2368 -0.1650 541 GLU A CD  
674 O OE1 . GLU A 88 ? 0.8430 1.3480 2.5986 0.2038  -0.3054 -0.1535 541 GLU A OE1 
675 O OE2 . GLU A 88 ? 0.8510 1.4329 2.7697 0.1407  -0.2797 -0.1800 541 GLU A OE2 
676 N N   . VAL A 89 ? 0.4238 0.8836 1.9511 0.0721  0.0062  -0.0874 542 VAL A N   
677 C CA  . VAL A 89 ? 0.4398 0.9050 2.0005 0.0276  0.0707  -0.0855 542 VAL A CA  
678 C C   . VAL A 89 ? 0.4992 1.0369 2.2602 0.0019  0.0349  -0.1251 542 VAL A C   
679 O O   . VAL A 89 ? 0.5140 1.0364 2.2866 -0.0022 -0.0640 -0.1368 542 VAL A O   
680 C CB  . VAL A 89 ? 0.5118 0.8848 1.8993 0.0078  0.0742  -0.0505 542 VAL A CB  
681 C CG1 . VAL A 89 ? 0.5240 0.8453 1.8179 0.0161  -0.0221 -0.0459 542 VAL A CG1 
682 C CG2 . VAL A 89 ? 0.5379 0.9018 1.9668 -0.0386 0.1228  -0.0516 542 VAL A CG2 
683 N N   . GLN A 90 ? 0.4526 1.0674 2.3705 -0.0171 0.1165  -0.1468 543 GLN A N   
684 C CA  . GLN A 90 ? 0.4549 1.1591 2.6034 -0.0469 0.1004  -0.1880 543 GLN A CA  
685 C C   . GLN A 90 ? 0.5259 1.2277 2.7098 -0.1068 0.1931  -0.1807 543 GLN A C   
686 O O   . GLN A 90 ? 0.5377 1.1864 2.5952 -0.1165 0.2885  -0.1477 543 GLN A O   
687 C CB  . GLN A 90 ? 0.4562 1.2733 2.8077 -0.0160 0.1173  -0.2294 543 GLN A CB  
688 C CG  . GLN A 90 ? 0.6681 1.4895 3.0333 0.0403  0.0017  -0.2441 543 GLN A CG  
689 C CD  . GLN A 90 ? 0.8817 1.8169 3.4739 0.0754  0.0147  -0.2923 543 GLN A CD  
690 O OE1 . GLN A 90 ? 0.8194 1.7864 3.4269 0.0914  0.1207  -0.3005 543 GLN A OE1 
691 N NE2 . GLN A 90 ? 0.7904 1.7822 3.5294 0.0914  -0.0963 -0.3226 543 GLN A NE2 
692 N N   . ALA A 91 ? 0.4903 1.2413 2.8441 -0.1487 0.1583  -0.2106 544 ALA A N   
693 C CA  . ALA A 91 ? 0.5254 1.2705 2.9347 -0.2140 0.2356  -0.2066 544 ALA A CA  
694 C C   . ALA A 91 ? 0.5848 1.4190 3.1496 -0.2367 0.3655  -0.2202 544 ALA A C   
695 O O   . ALA A 91 ? 0.5505 1.4639 3.2060 -0.1977 0.3878  -0.2430 544 ALA A O   
696 C CB  . ALA A 91 ? 0.5571 1.3201 3.0960 -0.2526 0.1429  -0.2379 544 ALA A CB  
697 N N   . GLY A 92 ? 0.5934 1.4040 3.1777 -0.3001 0.4539  -0.2062 545 GLY A N   
698 C CA  . GLY A 92 ? 0.8508 1.7325 3.4142 -0.3323 0.5599  -0.1916 545 GLY A CA  
699 C C   . GLY A 92 ? 0.8045 1.8488 3.3753 -0.3432 0.4908  -0.1957 545 GLY A C   
700 O O   . GLY A 92 ? 0.2107 1.3457 3.3046 -0.3062 0.5402  -0.2983 545 GLY A O   
# 
